data_2U2F
# 
_entry.id   2U2F 
# 
_audit_conform.dict_name       mmcif_pdbx.dic 
_audit_conform.dict_version    5.383 
_audit_conform.dict_location   http://mmcif.pdb.org/dictionaries/ascii/mmcif_pdbx.dic 
# 
loop_
_database_2.database_id 
_database_2.database_code 
_database_2.pdbx_database_accession 
_database_2.pdbx_DOI 
PDB   2U2F         pdb_00002u2f 10.2210/pdb2u2f/pdb 
RCSB  RCSB001117   ?            ?                   
WWPDB D_1000001117 ?            ?                   
# 
loop_
_pdbx_audit_revision_history.ordinal 
_pdbx_audit_revision_history.data_content_type 
_pdbx_audit_revision_history.major_revision 
_pdbx_audit_revision_history.minor_revision 
_pdbx_audit_revision_history.revision_date 
1 'Structure model' 1 0 1999-08-20 
2 'Structure model' 1 1 2008-04-26 
3 'Structure model' 1 2 2011-07-13 
4 'Structure model' 1 3 2022-03-16 
5 'Structure model' 1 4 2023-12-27 
# 
_pdbx_audit_revision_details.ordinal             1 
_pdbx_audit_revision_details.revision_ordinal    1 
_pdbx_audit_revision_details.data_content_type   'Structure model' 
_pdbx_audit_revision_details.provider            repository 
_pdbx_audit_revision_details.type                'Initial release' 
_pdbx_audit_revision_details.description         ? 
_pdbx_audit_revision_details.details             ? 
# 
loop_
_pdbx_audit_revision_group.ordinal 
_pdbx_audit_revision_group.revision_ordinal 
_pdbx_audit_revision_group.data_content_type 
_pdbx_audit_revision_group.group 
1 2 'Structure model' 'Version format compliance' 
2 3 'Structure model' 'Version format compliance' 
3 4 'Structure model' 'Database references'       
4 4 'Structure model' 'Derived calculations'      
5 4 'Structure model' 'Structure summary'         
6 5 'Structure model' 'Data collection'           
# 
loop_
_pdbx_audit_revision_category.ordinal 
_pdbx_audit_revision_category.revision_ordinal 
_pdbx_audit_revision_category.data_content_type 
_pdbx_audit_revision_category.category 
1 4 'Structure model' database_2            
2 4 'Structure model' pdbx_struct_assembly  
3 4 'Structure model' pdbx_struct_oper_list 
4 4 'Structure model' struct_keywords       
5 5 'Structure model' chem_comp_atom        
6 5 'Structure model' chem_comp_bond        
# 
loop_
_pdbx_audit_revision_item.ordinal 
_pdbx_audit_revision_item.revision_ordinal 
_pdbx_audit_revision_item.data_content_type 
_pdbx_audit_revision_item.item 
1 4 'Structure model' '_database_2.pdbx_DOI'                
2 4 'Structure model' '_database_2.pdbx_database_accession' 
3 4 'Structure model' '_struct_keywords.text'               
# 
_pdbx_database_status.status_code                     REL 
_pdbx_database_status.entry_id                        2U2F 
_pdbx_database_status.recvd_initial_deposition_date   1999-05-26 
_pdbx_database_status.deposit_site                    BNL 
_pdbx_database_status.process_site                    RCSB 
_pdbx_database_status.status_code_mr                  REL 
_pdbx_database_status.SG_entry                        Y 
_pdbx_database_status.status_code_sf                  ? 
_pdbx_database_status.pdb_format_compatible           Y 
_pdbx_database_status.status_code_cs                  ? 
_pdbx_database_status.status_code_nmr_data            ? 
_pdbx_database_status.methods_development_category    ? 
# 
loop_
_pdbx_database_related.db_name 
_pdbx_database_related.db_id 
_pdbx_database_related.details 
_pdbx_database_related.content_type 
PDB      1U2F           . unspecified 
TargetDB ar_001000504.1 . unspecified 
# 
loop_
_audit_author.name 
_audit_author.pdbx_ordinal 
'Ito, T.'                                                1 
'Muto, Y.'                                               2 
'Green, M.R.'                                            3 
'Yokoyama, S.'                                           4 
'RIKEN Structural Genomics/Proteomics Initiative (RSGI)' 5 
# 
_citation.id                        primary 
_citation.title                     
;Solution structures of the first and second RNA-binding domains of human U2 small nuclear ribonucleoprotein particle auxiliary factor (U2AF(65)).
;
_citation.journal_abbrev            'EMBO J.' 
_citation.journal_volume            18 
_citation.page_first                4523 
_citation.page_last                 4534 
_citation.year                      1999 
_citation.journal_id_ASTM           EMJODG 
_citation.country                   UK 
_citation.journal_id_ISSN           0261-4189 
_citation.journal_id_CSD            0897 
_citation.book_publisher            ? 
_citation.pdbx_database_id_PubMed   10449418 
_citation.pdbx_database_id_DOI      10.1093/emboj/18.16.4523 
# 
loop_
_citation_author.citation_id 
_citation_author.name 
_citation_author.ordinal 
_citation_author.identifier_ORCID 
primary 'Ito, T.'      1 ? 
primary 'Muto, Y.'     2 ? 
primary 'Green, M.R.'  3 ? 
primary 'Yokoyama, S.' 4 ? 
# 
_entity.id                         1 
_entity.type                       polymer 
_entity.src_method                 man 
_entity.pdbx_description           'PROTEIN (SPLICING FACTOR U2AF 65 KD SUBUNIT)' 
_entity.formula_weight             9096.405 
_entity.pdbx_number_of_molecules   1 
_entity.pdbx_ec                    ? 
_entity.pdbx_mutation              ? 
_entity.pdbx_fragment              'SECOND RNA-BINDING DOMAIN' 
_entity.details                    ? 
# 
_entity_poly.entity_id                      1 
_entity_poly.type                           'polypeptide(L)' 
_entity_poly.nstd_linkage                   no 
_entity_poly.nstd_monomer                   no 
_entity_poly.pdbx_seq_one_letter_code       
;AHKLFIGGLPNYLNDDQVKELLTSFGPLKAFNLVKDSATGLSKGYAFCEYVDINVTDQAIAGLNGMQLGDKKLLVQRASV
GAKNA
;
_entity_poly.pdbx_seq_one_letter_code_can   
;AHKLFIGGLPNYLNDDQVKELLTSFGPLKAFNLVKDSATGLSKGYAFCEYVDINVTDQAIAGLNGMQLGDKKLLVQRASV
GAKNA
;
_entity_poly.pdbx_strand_id                 A 
_entity_poly.pdbx_target_identifier         ar_001000504.1 
# 
loop_
_entity_poly_seq.entity_id 
_entity_poly_seq.num 
_entity_poly_seq.mon_id 
_entity_poly_seq.hetero 
1 1  ALA n 
1 2  HIS n 
1 3  LYS n 
1 4  LEU n 
1 5  PHE n 
1 6  ILE n 
1 7  GLY n 
1 8  GLY n 
1 9  LEU n 
1 10 PRO n 
1 11 ASN n 
1 12 TYR n 
1 13 LEU n 
1 14 ASN n 
1 15 ASP n 
1 16 ASP n 
1 17 GLN n 
1 18 VAL n 
1 19 LYS n 
1 20 GLU n 
1 21 LEU n 
1 22 LEU n 
1 23 THR n 
1 24 SER n 
1 25 PHE n 
1 26 GLY n 
1 27 PRO n 
1 28 LEU n 
1 29 LYS n 
1 30 ALA n 
1 31 PHE n 
1 32 ASN n 
1 33 LEU n 
1 34 VAL n 
1 35 LYS n 
1 36 ASP n 
1 37 SER n 
1 38 ALA n 
1 39 THR n 
1 40 GLY n 
1 41 LEU n 
1 42 SER n 
1 43 LYS n 
1 44 GLY n 
1 45 TYR n 
1 46 ALA n 
1 47 PHE n 
1 48 CYS n 
1 49 GLU n 
1 50 TYR n 
1 51 VAL n 
1 52 ASP n 
1 53 ILE n 
1 54 ASN n 
1 55 VAL n 
1 56 THR n 
1 57 ASP n 
1 58 GLN n 
1 59 ALA n 
1 60 ILE n 
1 61 ALA n 
1 62 GLY n 
1 63 LEU n 
1 64 ASN n 
1 65 GLY n 
1 66 MET n 
1 67 GLN n 
1 68 LEU n 
1 69 GLY n 
1 70 ASP n 
1 71 LYS n 
1 72 LYS n 
1 73 LEU n 
1 74 LEU n 
1 75 VAL n 
1 76 GLN n 
1 77 ARG n 
1 78 ALA n 
1 79 SER n 
1 80 VAL n 
1 81 GLY n 
1 82 ALA n 
1 83 LYS n 
1 84 ASN n 
1 85 ALA n 
# 
_entity_src_gen.entity_id                          1 
_entity_src_gen.pdbx_src_id                        1 
_entity_src_gen.pdbx_alt_source_flag               sample 
_entity_src_gen.pdbx_seq_type                      ? 
_entity_src_gen.pdbx_beg_seq_num                   ? 
_entity_src_gen.pdbx_end_seq_num                   ? 
_entity_src_gen.gene_src_common_name               human 
_entity_src_gen.gene_src_genus                     Homo 
_entity_src_gen.pdbx_gene_src_gene                 ? 
_entity_src_gen.gene_src_species                   ? 
_entity_src_gen.gene_src_strain                    ? 
_entity_src_gen.gene_src_tissue                    ? 
_entity_src_gen.gene_src_tissue_fraction           ? 
_entity_src_gen.gene_src_details                   ? 
_entity_src_gen.pdbx_gene_src_fragment             ? 
_entity_src_gen.pdbx_gene_src_scientific_name      'Homo sapiens' 
_entity_src_gen.pdbx_gene_src_ncbi_taxonomy_id     9606 
_entity_src_gen.pdbx_gene_src_variant              ? 
_entity_src_gen.pdbx_gene_src_cell_line            ? 
_entity_src_gen.pdbx_gene_src_atcc                 ? 
_entity_src_gen.pdbx_gene_src_organ                ? 
_entity_src_gen.pdbx_gene_src_organelle            ? 
_entity_src_gen.pdbx_gene_src_cell                 ? 
_entity_src_gen.pdbx_gene_src_cellular_location    ? 
_entity_src_gen.host_org_common_name               ? 
_entity_src_gen.pdbx_host_org_scientific_name      'Escherichia coli' 
_entity_src_gen.pdbx_host_org_ncbi_taxonomy_id     562 
_entity_src_gen.host_org_genus                     Escherichia 
_entity_src_gen.pdbx_host_org_gene                 ? 
_entity_src_gen.pdbx_host_org_organ                ? 
_entity_src_gen.host_org_species                   ? 
_entity_src_gen.pdbx_host_org_tissue               ? 
_entity_src_gen.pdbx_host_org_tissue_fraction      ? 
_entity_src_gen.pdbx_host_org_strain               ? 
_entity_src_gen.pdbx_host_org_variant              ? 
_entity_src_gen.pdbx_host_org_cell_line            'BL21 (DE3)' 
_entity_src_gen.pdbx_host_org_atcc                 ? 
_entity_src_gen.pdbx_host_org_culture_collection   ? 
_entity_src_gen.pdbx_host_org_cell                 ? 
_entity_src_gen.pdbx_host_org_organelle            ? 
_entity_src_gen.pdbx_host_org_cellular_location    ? 
_entity_src_gen.pdbx_host_org_vector_type          PLASMID 
_entity_src_gen.pdbx_host_org_vector               ? 
_entity_src_gen.host_org_details                   ? 
_entity_src_gen.expression_system_id               ? 
_entity_src_gen.plasmid_name                       PK7 
_entity_src_gen.plasmid_details                    ? 
_entity_src_gen.pdbx_description                   ? 
# 
loop_
_chem_comp.id 
_chem_comp.type 
_chem_comp.mon_nstd_flag 
_chem_comp.name 
_chem_comp.pdbx_synonyms 
_chem_comp.formula 
_chem_comp.formula_weight 
ALA 'L-peptide linking' y ALANINE         ? 'C3 H7 N O2'     89.093  
ARG 'L-peptide linking' y ARGININE        ? 'C6 H15 N4 O2 1' 175.209 
ASN 'L-peptide linking' y ASPARAGINE      ? 'C4 H8 N2 O3'    132.118 
ASP 'L-peptide linking' y 'ASPARTIC ACID' ? 'C4 H7 N O4'     133.103 
CYS 'L-peptide linking' y CYSTEINE        ? 'C3 H7 N O2 S'   121.158 
GLN 'L-peptide linking' y GLUTAMINE       ? 'C5 H10 N2 O3'   146.144 
GLU 'L-peptide linking' y 'GLUTAMIC ACID' ? 'C5 H9 N O4'     147.129 
GLY 'peptide linking'   y GLYCINE         ? 'C2 H5 N O2'     75.067  
HIS 'L-peptide linking' y HISTIDINE       ? 'C6 H10 N3 O2 1' 156.162 
ILE 'L-peptide linking' y ISOLEUCINE      ? 'C6 H13 N O2'    131.173 
LEU 'L-peptide linking' y LEUCINE         ? 'C6 H13 N O2'    131.173 
LYS 'L-peptide linking' y LYSINE          ? 'C6 H15 N2 O2 1' 147.195 
MET 'L-peptide linking' y METHIONINE      ? 'C5 H11 N O2 S'  149.211 
PHE 'L-peptide linking' y PHENYLALANINE   ? 'C9 H11 N O2'    165.189 
PRO 'L-peptide linking' y PROLINE         ? 'C5 H9 N O2'     115.130 
SER 'L-peptide linking' y SERINE          ? 'C3 H7 N O3'     105.093 
THR 'L-peptide linking' y THREONINE       ? 'C4 H9 N O3'     119.119 
TYR 'L-peptide linking' y TYROSINE        ? 'C9 H11 N O3'    181.189 
VAL 'L-peptide linking' y VALINE          ? 'C5 H11 N O2'    117.146 
# 
loop_
_pdbx_poly_seq_scheme.asym_id 
_pdbx_poly_seq_scheme.entity_id 
_pdbx_poly_seq_scheme.seq_id 
_pdbx_poly_seq_scheme.mon_id 
_pdbx_poly_seq_scheme.ndb_seq_num 
_pdbx_poly_seq_scheme.pdb_seq_num 
_pdbx_poly_seq_scheme.auth_seq_num 
_pdbx_poly_seq_scheme.pdb_mon_id 
_pdbx_poly_seq_scheme.auth_mon_id 
_pdbx_poly_seq_scheme.pdb_strand_id 
_pdbx_poly_seq_scheme.pdb_ins_code 
_pdbx_poly_seq_scheme.hetero 
A 1 1  ALA 1  1  1  ALA ALA A . n 
A 1 2  HIS 2  2  2  HIS HIS A . n 
A 1 3  LYS 3  3  3  LYS LYS A . n 
A 1 4  LEU 4  4  4  LEU LEU A . n 
A 1 5  PHE 5  5  5  PHE PHE A . n 
A 1 6  ILE 6  6  6  ILE ILE A . n 
A 1 7  GLY 7  7  7  GLY GLY A . n 
A 1 8  GLY 8  8  8  GLY GLY A . n 
A 1 9  LEU 9  9  9  LEU LEU A . n 
A 1 10 PRO 10 10 10 PRO PRO A . n 
A 1 11 ASN 11 11 11 ASN ASN A . n 
A 1 12 TYR 12 12 12 TYR TYR A . n 
A 1 13 LEU 13 13 13 LEU LEU A . n 
A 1 14 ASN 14 14 14 ASN ASN A . n 
A 1 15 ASP 15 15 15 ASP ASP A . n 
A 1 16 ASP 16 16 16 ASP ASP A . n 
A 1 17 GLN 17 17 17 GLN GLN A . n 
A 1 18 VAL 18 18 18 VAL VAL A . n 
A 1 19 LYS 19 19 19 LYS LYS A . n 
A 1 20 GLU 20 20 20 GLU GLU A . n 
A 1 21 LEU 21 21 21 LEU LEU A . n 
A 1 22 LEU 22 22 22 LEU LEU A . n 
A 1 23 THR 23 23 23 THR THR A . n 
A 1 24 SER 24 24 24 SER SER A . n 
A 1 25 PHE 25 25 25 PHE PHE A . n 
A 1 26 GLY 26 26 26 GLY GLY A . n 
A 1 27 PRO 27 27 27 PRO PRO A . n 
A 1 28 LEU 28 28 28 LEU LEU A . n 
A 1 29 LYS 29 29 29 LYS LYS A . n 
A 1 30 ALA 30 30 30 ALA ALA A . n 
A 1 31 PHE 31 31 31 PHE PHE A . n 
A 1 32 ASN 32 32 32 ASN ASN A . n 
A 1 33 LEU 33 33 33 LEU LEU A . n 
A 1 34 VAL 34 34 34 VAL VAL A . n 
A 1 35 LYS 35 35 35 LYS LYS A . n 
A 1 36 ASP 36 36 36 ASP ASP A . n 
A 1 37 SER 37 37 37 SER SER A . n 
A 1 38 ALA 38 38 38 ALA ALA A . n 
A 1 39 THR 39 39 39 THR THR A . n 
A 1 40 GLY 40 40 40 GLY GLY A . n 
A 1 41 LEU 41 41 41 LEU LEU A . n 
A 1 42 SER 42 42 42 SER SER A . n 
A 1 43 LYS 43 43 43 LYS LYS A . n 
A 1 44 GLY 44 44 44 GLY GLY A . n 
A 1 45 TYR 45 45 45 TYR TYR A . n 
A 1 46 ALA 46 46 46 ALA ALA A . n 
A 1 47 PHE 47 47 47 PHE PHE A . n 
A 1 48 CYS 48 48 48 CYS CYS A . n 
A 1 49 GLU 49 49 49 GLU GLU A . n 
A 1 50 TYR 50 50 50 TYR TYR A . n 
A 1 51 VAL 51 51 51 VAL VAL A . n 
A 1 52 ASP 52 52 52 ASP ASP A . n 
A 1 53 ILE 53 53 53 ILE ILE A . n 
A 1 54 ASN 54 54 54 ASN ASN A . n 
A 1 55 VAL 55 55 55 VAL VAL A . n 
A 1 56 THR 56 56 56 THR THR A . n 
A 1 57 ASP 57 57 57 ASP ASP A . n 
A 1 58 GLN 58 58 58 GLN GLN A . n 
A 1 59 ALA 59 59 59 ALA ALA A . n 
A 1 60 ILE 60 60 60 ILE ILE A . n 
A 1 61 ALA 61 61 61 ALA ALA A . n 
A 1 62 GLY 62 62 62 GLY GLY A . n 
A 1 63 LEU 63 63 63 LEU LEU A . n 
A 1 64 ASN 64 64 64 ASN ASN A . n 
A 1 65 GLY 65 65 65 GLY GLY A . n 
A 1 66 MET 66 66 66 MET MET A . n 
A 1 67 GLN 67 67 67 GLN GLN A . n 
A 1 68 LEU 68 68 68 LEU LEU A . n 
A 1 69 GLY 69 69 69 GLY GLY A . n 
A 1 70 ASP 70 70 70 ASP ASP A . n 
A 1 71 LYS 71 71 71 LYS LYS A . n 
A 1 72 LYS 72 72 72 LYS LYS A . n 
A 1 73 LEU 73 73 73 LEU LEU A . n 
A 1 74 LEU 74 74 74 LEU LEU A . n 
A 1 75 VAL 75 75 75 VAL VAL A . n 
A 1 76 GLN 76 76 76 GLN GLN A . n 
A 1 77 ARG 77 77 77 ARG ARG A . n 
A 1 78 ALA 78 78 78 ALA ALA A . n 
A 1 79 SER 79 79 79 SER SER A . n 
A 1 80 VAL 80 80 80 VAL VAL A . n 
A 1 81 GLY 81 81 81 GLY GLY A . n 
A 1 82 ALA 82 82 82 ALA ALA A . n 
A 1 83 LYS 83 83 83 LYS LYS A . n 
A 1 84 ASN 84 84 84 ASN ASN A . n 
A 1 85 ALA 85 85 85 ALA ALA A . n 
# 
_cell.entry_id           2U2F 
_cell.length_a           1.000 
_cell.length_b           1.000 
_cell.length_c           1.000 
_cell.angle_alpha        90.00 
_cell.angle_beta         90.00 
_cell.angle_gamma        90.00 
_cell.Z_PDB              1 
_cell.pdbx_unique_axis   ? 
# 
_symmetry.entry_id                         2U2F 
_symmetry.space_group_name_H-M             'P 1' 
_symmetry.pdbx_full_space_group_name_H-M   ? 
_symmetry.cell_setting                     ? 
_symmetry.Int_Tables_number                1 
# 
_exptl.entry_id          2U2F 
_exptl.method            'SOLUTION NMR' 
_exptl.crystals_number   ? 
# 
_struct.entry_id                  2U2F 
_struct.title                     'SOLUTION STRUCTURE OF THE SECOND RNA-BINDING DOMAIN OF HU2AF65' 
_struct.pdbx_model_details        ? 
_struct.pdbx_CASP_flag            ? 
_struct.pdbx_model_type_details   ? 
# 
_struct_keywords.entry_id        2U2F 
_struct_keywords.pdbx_keywords   'RNA BINDING PROTEIN' 
_struct_keywords.text            
;SPLICING, U2 SNRNP, RBD, RNA-BINDING PROTEIN, RIKEN Structural Genomics/Proteomics Initiative, RSGI, Structural Genomics, RNA BINDING PROTEIN
;
# 
_struct_asym.id                            A 
_struct_asym.pdbx_blank_PDB_chainid_flag   N 
_struct_asym.pdbx_modified                 N 
_struct_asym.entity_id                     1 
_struct_asym.details                       ? 
# 
_struct_ref.id                         1 
_struct_ref.db_name                    UNP 
_struct_ref.db_code                    U2AF2_HUMAN 
_struct_ref.entity_id                  1 
_struct_ref.pdbx_db_accession          P26368 
_struct_ref.pdbx_align_begin           ? 
_struct_ref.pdbx_seq_one_letter_code   ? 
_struct_ref.pdbx_db_isoform            ? 
# 
_struct_ref_seq.align_id                      1 
_struct_ref_seq.ref_id                        1 
_struct_ref_seq.pdbx_PDB_id_code              2U2F 
_struct_ref_seq.pdbx_strand_id                A 
_struct_ref_seq.seq_align_beg                 1 
_struct_ref_seq.pdbx_seq_align_beg_ins_code   ? 
_struct_ref_seq.seq_align_end                 85 
_struct_ref_seq.pdbx_seq_align_end_ins_code   ? 
_struct_ref_seq.pdbx_db_accession             P26368 
_struct_ref_seq.db_align_beg                  258 
_struct_ref_seq.pdbx_db_align_beg_ins_code    ? 
_struct_ref_seq.db_align_end                  342 
_struct_ref_seq.pdbx_db_align_end_ins_code    ? 
_struct_ref_seq.pdbx_auth_seq_align_beg       1 
_struct_ref_seq.pdbx_auth_seq_align_end       85 
# 
_pdbx_struct_assembly.id                   1 
_pdbx_struct_assembly.details              author_defined_assembly 
_pdbx_struct_assembly.method_details       ? 
_pdbx_struct_assembly.oligomeric_details   monomeric 
_pdbx_struct_assembly.oligomeric_count     1 
# 
_pdbx_struct_assembly_gen.assembly_id       1 
_pdbx_struct_assembly_gen.oper_expression   1 
_pdbx_struct_assembly_gen.asym_id_list      A 
# 
_pdbx_struct_oper_list.id                   1 
_pdbx_struct_oper_list.type                 'identity operation' 
_pdbx_struct_oper_list.name                 1_555 
_pdbx_struct_oper_list.symmetry_operation   x,y,z 
_pdbx_struct_oper_list.matrix[1][1]         1.0000000000 
_pdbx_struct_oper_list.matrix[1][2]         0.0000000000 
_pdbx_struct_oper_list.matrix[1][3]         0.0000000000 
_pdbx_struct_oper_list.vector[1]            0.0000000000 
_pdbx_struct_oper_list.matrix[2][1]         0.0000000000 
_pdbx_struct_oper_list.matrix[2][2]         1.0000000000 
_pdbx_struct_oper_list.matrix[2][3]         0.0000000000 
_pdbx_struct_oper_list.vector[2]            0.0000000000 
_pdbx_struct_oper_list.matrix[3][1]         0.0000000000 
_pdbx_struct_oper_list.matrix[3][2]         0.0000000000 
_pdbx_struct_oper_list.matrix[3][3]         1.0000000000 
_pdbx_struct_oper_list.vector[3]            0.0000000000 
# 
_struct_biol.id   1 
# 
loop_
_struct_conf.conf_type_id 
_struct_conf.id 
_struct_conf.pdbx_PDB_helix_id 
_struct_conf.beg_label_comp_id 
_struct_conf.beg_label_asym_id 
_struct_conf.beg_label_seq_id 
_struct_conf.pdbx_beg_PDB_ins_code 
_struct_conf.end_label_comp_id 
_struct_conf.end_label_asym_id 
_struct_conf.end_label_seq_id 
_struct_conf.pdbx_end_PDB_ins_code 
_struct_conf.beg_auth_comp_id 
_struct_conf.beg_auth_asym_id 
_struct_conf.beg_auth_seq_id 
_struct_conf.end_auth_comp_id 
_struct_conf.end_auth_asym_id 
_struct_conf.end_auth_seq_id 
_struct_conf.pdbx_PDB_helix_class 
_struct_conf.details 
_struct_conf.pdbx_PDB_helix_length 
HELX_P HELX_P1 H1 ASP A 15 ? SER A 24 ? ASP A 15 SER A 24 1 ? 10 
HELX_P HELX_P2 H2 ILE A 53 ? LEU A 63 ? ILE A 53 LEU A 63 1 ? 11 
# 
_struct_conf_type.id          HELX_P 
_struct_conf_type.criteria    ? 
_struct_conf_type.reference   ? 
# 
loop_
_struct_sheet.id 
_struct_sheet.type 
_struct_sheet.number_strands 
_struct_sheet.details 
S1 ? 1 ? 
S2 ? 1 ? 
S3 ? 1 ? 
S4 ? 1 ? 
# 
loop_
_struct_sheet_range.sheet_id 
_struct_sheet_range.id 
_struct_sheet_range.beg_label_comp_id 
_struct_sheet_range.beg_label_asym_id 
_struct_sheet_range.beg_label_seq_id 
_struct_sheet_range.pdbx_beg_PDB_ins_code 
_struct_sheet_range.end_label_comp_id 
_struct_sheet_range.end_label_asym_id 
_struct_sheet_range.end_label_seq_id 
_struct_sheet_range.pdbx_end_PDB_ins_code 
_struct_sheet_range.beg_auth_comp_id 
_struct_sheet_range.beg_auth_asym_id 
_struct_sheet_range.beg_auth_seq_id 
_struct_sheet_range.end_auth_comp_id 
_struct_sheet_range.end_auth_asym_id 
_struct_sheet_range.end_auth_seq_id 
S1 1 ALA A 30 ? VAL A 34 ? ALA A 30 VAL A 34 
S2 1 TYR A 45 ? GLU A 49 ? TYR A 45 GLU A 49 
S3 1 LYS A 3  ? GLY A 7  ? LYS A 3  GLY A 7  
S4 1 LEU A 74 ? ARG A 77 ? LEU A 74 ARG A 77 
# 
loop_
_pdbx_validate_torsion.id 
_pdbx_validate_torsion.PDB_model_num 
_pdbx_validate_torsion.auth_comp_id 
_pdbx_validate_torsion.auth_asym_id 
_pdbx_validate_torsion.auth_seq_id 
_pdbx_validate_torsion.PDB_ins_code 
_pdbx_validate_torsion.label_alt_id 
_pdbx_validate_torsion.phi 
_pdbx_validate_torsion.psi 
1  1 PRO A 10 ? ? -77.86  -91.62  
2  1 ASN A 11 ? ? 175.53  -28.91  
3  1 ASN A 14 ? ? -131.30 -104.50 
4  1 ASP A 36 ? ? -48.35  -70.48  
5  1 SER A 37 ? ? 48.27   25.16   
6  1 ALA A 38 ? ? -132.37 -36.73  
7  1 LEU A 63 ? ? -147.95 -61.50  
8  1 GLN A 67 ? ? -48.60  172.25  
9  1 LEU A 68 ? ? -133.00 -75.58  
10 1 SER A 79 ? ? -160.07 68.71   
11 1 VAL A 80 ? ? -108.46 -93.11  
# 
_pdbx_validate_planes.id              1 
_pdbx_validate_planes.PDB_model_num   1 
_pdbx_validate_planes.auth_comp_id    ARG 
_pdbx_validate_planes.auth_asym_id    A 
_pdbx_validate_planes.auth_seq_id     77 
_pdbx_validate_planes.PDB_ins_code    ? 
_pdbx_validate_planes.label_alt_id    ? 
_pdbx_validate_planes.rmsd            0.316 
_pdbx_validate_planes.type            'SIDE CHAIN' 
# 
_pdbx_SG_project.id                    1 
_pdbx_SG_project.project_name          ? 
_pdbx_SG_project.full_name_of_center   'RIKEN Structural Genomics/Proteomics Initiative' 
_pdbx_SG_project.initial_of_center     RSGI 
# 
_pdbx_nmr_ensemble.entry_id                             2U2F 
_pdbx_nmr_ensemble.conformers_calculated_total_number   ? 
_pdbx_nmr_ensemble.conformers_submitted_total_number    1 
_pdbx_nmr_ensemble.conformer_selection_criteria         ? 
# 
_pdbx_nmr_exptl_sample_conditions.conditions_id       1 
_pdbx_nmr_exptl_sample_conditions.temperature         298 
_pdbx_nmr_exptl_sample_conditions.pressure            ? 
_pdbx_nmr_exptl_sample_conditions.pH                  6.5 
_pdbx_nmr_exptl_sample_conditions.ionic_strength      ? 
_pdbx_nmr_exptl_sample_conditions.pressure_units      ? 
_pdbx_nmr_exptl_sample_conditions.temperature_units   K 
# 
_pdbx_nmr_refine.entry_id           2U2F 
_pdbx_nmr_refine.method             ? 
_pdbx_nmr_refine.details            'SIMULATED ANNEALING' 
_pdbx_nmr_refine.software_ordinal   1 
# 
_pdbx_nmr_software.classification   refinement 
_pdbx_nmr_software.name             X-PLOR 
_pdbx_nmr_software.version          3.1 
_pdbx_nmr_software.authors          BRUNGER 
_pdbx_nmr_software.ordinal          1 
# 
loop_
_chem_comp_atom.comp_id 
_chem_comp_atom.atom_id 
_chem_comp_atom.type_symbol 
_chem_comp_atom.pdbx_aromatic_flag 
_chem_comp_atom.pdbx_stereo_config 
_chem_comp_atom.pdbx_ordinal 
ALA N    N N N 1   
ALA CA   C N S 2   
ALA C    C N N 3   
ALA O    O N N 4   
ALA CB   C N N 5   
ALA OXT  O N N 6   
ALA H    H N N 7   
ALA H2   H N N 8   
ALA HA   H N N 9   
ALA HB1  H N N 10  
ALA HB2  H N N 11  
ALA HB3  H N N 12  
ALA HXT  H N N 13  
ARG N    N N N 14  
ARG CA   C N S 15  
ARG C    C N N 16  
ARG O    O N N 17  
ARG CB   C N N 18  
ARG CG   C N N 19  
ARG CD   C N N 20  
ARG NE   N N N 21  
ARG CZ   C N N 22  
ARG NH1  N N N 23  
ARG NH2  N N N 24  
ARG OXT  O N N 25  
ARG H    H N N 26  
ARG H2   H N N 27  
ARG HA   H N N 28  
ARG HB2  H N N 29  
ARG HB3  H N N 30  
ARG HG2  H N N 31  
ARG HG3  H N N 32  
ARG HD2  H N N 33  
ARG HD3  H N N 34  
ARG HE   H N N 35  
ARG HH11 H N N 36  
ARG HH12 H N N 37  
ARG HH21 H N N 38  
ARG HH22 H N N 39  
ARG HXT  H N N 40  
ASN N    N N N 41  
ASN CA   C N S 42  
ASN C    C N N 43  
ASN O    O N N 44  
ASN CB   C N N 45  
ASN CG   C N N 46  
ASN OD1  O N N 47  
ASN ND2  N N N 48  
ASN OXT  O N N 49  
ASN H    H N N 50  
ASN H2   H N N 51  
ASN HA   H N N 52  
ASN HB2  H N N 53  
ASN HB3  H N N 54  
ASN HD21 H N N 55  
ASN HD22 H N N 56  
ASN HXT  H N N 57  
ASP N    N N N 58  
ASP CA   C N S 59  
ASP C    C N N 60  
ASP O    O N N 61  
ASP CB   C N N 62  
ASP CG   C N N 63  
ASP OD1  O N N 64  
ASP OD2  O N N 65  
ASP OXT  O N N 66  
ASP H    H N N 67  
ASP H2   H N N 68  
ASP HA   H N N 69  
ASP HB2  H N N 70  
ASP HB3  H N N 71  
ASP HD2  H N N 72  
ASP HXT  H N N 73  
CYS N    N N N 74  
CYS CA   C N R 75  
CYS C    C N N 76  
CYS O    O N N 77  
CYS CB   C N N 78  
CYS SG   S N N 79  
CYS OXT  O N N 80  
CYS H    H N N 81  
CYS H2   H N N 82  
CYS HA   H N N 83  
CYS HB2  H N N 84  
CYS HB3  H N N 85  
CYS HG   H N N 86  
CYS HXT  H N N 87  
GLN N    N N N 88  
GLN CA   C N S 89  
GLN C    C N N 90  
GLN O    O N N 91  
GLN CB   C N N 92  
GLN CG   C N N 93  
GLN CD   C N N 94  
GLN OE1  O N N 95  
GLN NE2  N N N 96  
GLN OXT  O N N 97  
GLN H    H N N 98  
GLN H2   H N N 99  
GLN HA   H N N 100 
GLN HB2  H N N 101 
GLN HB3  H N N 102 
GLN HG2  H N N 103 
GLN HG3  H N N 104 
GLN HE21 H N N 105 
GLN HE22 H N N 106 
GLN HXT  H N N 107 
GLU N    N N N 108 
GLU CA   C N S 109 
GLU C    C N N 110 
GLU O    O N N 111 
GLU CB   C N N 112 
GLU CG   C N N 113 
GLU CD   C N N 114 
GLU OE1  O N N 115 
GLU OE2  O N N 116 
GLU OXT  O N N 117 
GLU H    H N N 118 
GLU H2   H N N 119 
GLU HA   H N N 120 
GLU HB2  H N N 121 
GLU HB3  H N N 122 
GLU HG2  H N N 123 
GLU HG3  H N N 124 
GLU HE2  H N N 125 
GLU HXT  H N N 126 
GLY N    N N N 127 
GLY CA   C N N 128 
GLY C    C N N 129 
GLY O    O N N 130 
GLY OXT  O N N 131 
GLY H    H N N 132 
GLY H2   H N N 133 
GLY HA2  H N N 134 
GLY HA3  H N N 135 
GLY HXT  H N N 136 
HIS N    N N N 137 
HIS CA   C N S 138 
HIS C    C N N 139 
HIS O    O N N 140 
HIS CB   C N N 141 
HIS CG   C Y N 142 
HIS ND1  N Y N 143 
HIS CD2  C Y N 144 
HIS CE1  C Y N 145 
HIS NE2  N Y N 146 
HIS OXT  O N N 147 
HIS H    H N N 148 
HIS H2   H N N 149 
HIS HA   H N N 150 
HIS HB2  H N N 151 
HIS HB3  H N N 152 
HIS HD1  H N N 153 
HIS HD2  H N N 154 
HIS HE1  H N N 155 
HIS HE2  H N N 156 
HIS HXT  H N N 157 
ILE N    N N N 158 
ILE CA   C N S 159 
ILE C    C N N 160 
ILE O    O N N 161 
ILE CB   C N S 162 
ILE CG1  C N N 163 
ILE CG2  C N N 164 
ILE CD1  C N N 165 
ILE OXT  O N N 166 
ILE H    H N N 167 
ILE H2   H N N 168 
ILE HA   H N N 169 
ILE HB   H N N 170 
ILE HG12 H N N 171 
ILE HG13 H N N 172 
ILE HG21 H N N 173 
ILE HG22 H N N 174 
ILE HG23 H N N 175 
ILE HD11 H N N 176 
ILE HD12 H N N 177 
ILE HD13 H N N 178 
ILE HXT  H N N 179 
LEU N    N N N 180 
LEU CA   C N S 181 
LEU C    C N N 182 
LEU O    O N N 183 
LEU CB   C N N 184 
LEU CG   C N N 185 
LEU CD1  C N N 186 
LEU CD2  C N N 187 
LEU OXT  O N N 188 
LEU H    H N N 189 
LEU H2   H N N 190 
LEU HA   H N N 191 
LEU HB2  H N N 192 
LEU HB3  H N N 193 
LEU HG   H N N 194 
LEU HD11 H N N 195 
LEU HD12 H N N 196 
LEU HD13 H N N 197 
LEU HD21 H N N 198 
LEU HD22 H N N 199 
LEU HD23 H N N 200 
LEU HXT  H N N 201 
LYS N    N N N 202 
LYS CA   C N S 203 
LYS C    C N N 204 
LYS O    O N N 205 
LYS CB   C N N 206 
LYS CG   C N N 207 
LYS CD   C N N 208 
LYS CE   C N N 209 
LYS NZ   N N N 210 
LYS OXT  O N N 211 
LYS H    H N N 212 
LYS H2   H N N 213 
LYS HA   H N N 214 
LYS HB2  H N N 215 
LYS HB3  H N N 216 
LYS HG2  H N N 217 
LYS HG3  H N N 218 
LYS HD2  H N N 219 
LYS HD3  H N N 220 
LYS HE2  H N N 221 
LYS HE3  H N N 222 
LYS HZ1  H N N 223 
LYS HZ2  H N N 224 
LYS HZ3  H N N 225 
LYS HXT  H N N 226 
MET N    N N N 227 
MET CA   C N S 228 
MET C    C N N 229 
MET O    O N N 230 
MET CB   C N N 231 
MET CG   C N N 232 
MET SD   S N N 233 
MET CE   C N N 234 
MET OXT  O N N 235 
MET H    H N N 236 
MET H2   H N N 237 
MET HA   H N N 238 
MET HB2  H N N 239 
MET HB3  H N N 240 
MET HG2  H N N 241 
MET HG3  H N N 242 
MET HE1  H N N 243 
MET HE2  H N N 244 
MET HE3  H N N 245 
MET HXT  H N N 246 
PHE N    N N N 247 
PHE CA   C N S 248 
PHE C    C N N 249 
PHE O    O N N 250 
PHE CB   C N N 251 
PHE CG   C Y N 252 
PHE CD1  C Y N 253 
PHE CD2  C Y N 254 
PHE CE1  C Y N 255 
PHE CE2  C Y N 256 
PHE CZ   C Y N 257 
PHE OXT  O N N 258 
PHE H    H N N 259 
PHE H2   H N N 260 
PHE HA   H N N 261 
PHE HB2  H N N 262 
PHE HB3  H N N 263 
PHE HD1  H N N 264 
PHE HD2  H N N 265 
PHE HE1  H N N 266 
PHE HE2  H N N 267 
PHE HZ   H N N 268 
PHE HXT  H N N 269 
PRO N    N N N 270 
PRO CA   C N S 271 
PRO C    C N N 272 
PRO O    O N N 273 
PRO CB   C N N 274 
PRO CG   C N N 275 
PRO CD   C N N 276 
PRO OXT  O N N 277 
PRO H    H N N 278 
PRO HA   H N N 279 
PRO HB2  H N N 280 
PRO HB3  H N N 281 
PRO HG2  H N N 282 
PRO HG3  H N N 283 
PRO HD2  H N N 284 
PRO HD3  H N N 285 
PRO HXT  H N N 286 
SER N    N N N 287 
SER CA   C N S 288 
SER C    C N N 289 
SER O    O N N 290 
SER CB   C N N 291 
SER OG   O N N 292 
SER OXT  O N N 293 
SER H    H N N 294 
SER H2   H N N 295 
SER HA   H N N 296 
SER HB2  H N N 297 
SER HB3  H N N 298 
SER HG   H N N 299 
SER HXT  H N N 300 
THR N    N N N 301 
THR CA   C N S 302 
THR C    C N N 303 
THR O    O N N 304 
THR CB   C N R 305 
THR OG1  O N N 306 
THR CG2  C N N 307 
THR OXT  O N N 308 
THR H    H N N 309 
THR H2   H N N 310 
THR HA   H N N 311 
THR HB   H N N 312 
THR HG1  H N N 313 
THR HG21 H N N 314 
THR HG22 H N N 315 
THR HG23 H N N 316 
THR HXT  H N N 317 
TYR N    N N N 318 
TYR CA   C N S 319 
TYR C    C N N 320 
TYR O    O N N 321 
TYR CB   C N N 322 
TYR CG   C Y N 323 
TYR CD1  C Y N 324 
TYR CD2  C Y N 325 
TYR CE1  C Y N 326 
TYR CE2  C Y N 327 
TYR CZ   C Y N 328 
TYR OH   O N N 329 
TYR OXT  O N N 330 
TYR H    H N N 331 
TYR H2   H N N 332 
TYR HA   H N N 333 
TYR HB2  H N N 334 
TYR HB3  H N N 335 
TYR HD1  H N N 336 
TYR HD2  H N N 337 
TYR HE1  H N N 338 
TYR HE2  H N N 339 
TYR HH   H N N 340 
TYR HXT  H N N 341 
VAL N    N N N 342 
VAL CA   C N S 343 
VAL C    C N N 344 
VAL O    O N N 345 
VAL CB   C N N 346 
VAL CG1  C N N 347 
VAL CG2  C N N 348 
VAL OXT  O N N 349 
VAL H    H N N 350 
VAL H2   H N N 351 
VAL HA   H N N 352 
VAL HB   H N N 353 
VAL HG11 H N N 354 
VAL HG12 H N N 355 
VAL HG13 H N N 356 
VAL HG21 H N N 357 
VAL HG22 H N N 358 
VAL HG23 H N N 359 
VAL HXT  H N N 360 
# 
loop_
_chem_comp_bond.comp_id 
_chem_comp_bond.atom_id_1 
_chem_comp_bond.atom_id_2 
_chem_comp_bond.value_order 
_chem_comp_bond.pdbx_aromatic_flag 
_chem_comp_bond.pdbx_stereo_config 
_chem_comp_bond.pdbx_ordinal 
ALA N   CA   sing N N 1   
ALA N   H    sing N N 2   
ALA N   H2   sing N N 3   
ALA CA  C    sing N N 4   
ALA CA  CB   sing N N 5   
ALA CA  HA   sing N N 6   
ALA C   O    doub N N 7   
ALA C   OXT  sing N N 8   
ALA CB  HB1  sing N N 9   
ALA CB  HB2  sing N N 10  
ALA CB  HB3  sing N N 11  
ALA OXT HXT  sing N N 12  
ARG N   CA   sing N N 13  
ARG N   H    sing N N 14  
ARG N   H2   sing N N 15  
ARG CA  C    sing N N 16  
ARG CA  CB   sing N N 17  
ARG CA  HA   sing N N 18  
ARG C   O    doub N N 19  
ARG C   OXT  sing N N 20  
ARG CB  CG   sing N N 21  
ARG CB  HB2  sing N N 22  
ARG CB  HB3  sing N N 23  
ARG CG  CD   sing N N 24  
ARG CG  HG2  sing N N 25  
ARG CG  HG3  sing N N 26  
ARG CD  NE   sing N N 27  
ARG CD  HD2  sing N N 28  
ARG CD  HD3  sing N N 29  
ARG NE  CZ   sing N N 30  
ARG NE  HE   sing N N 31  
ARG CZ  NH1  sing N N 32  
ARG CZ  NH2  doub N N 33  
ARG NH1 HH11 sing N N 34  
ARG NH1 HH12 sing N N 35  
ARG NH2 HH21 sing N N 36  
ARG NH2 HH22 sing N N 37  
ARG OXT HXT  sing N N 38  
ASN N   CA   sing N N 39  
ASN N   H    sing N N 40  
ASN N   H2   sing N N 41  
ASN CA  C    sing N N 42  
ASN CA  CB   sing N N 43  
ASN CA  HA   sing N N 44  
ASN C   O    doub N N 45  
ASN C   OXT  sing N N 46  
ASN CB  CG   sing N N 47  
ASN CB  HB2  sing N N 48  
ASN CB  HB3  sing N N 49  
ASN CG  OD1  doub N N 50  
ASN CG  ND2  sing N N 51  
ASN ND2 HD21 sing N N 52  
ASN ND2 HD22 sing N N 53  
ASN OXT HXT  sing N N 54  
ASP N   CA   sing N N 55  
ASP N   H    sing N N 56  
ASP N   H2   sing N N 57  
ASP CA  C    sing N N 58  
ASP CA  CB   sing N N 59  
ASP CA  HA   sing N N 60  
ASP C   O    doub N N 61  
ASP C   OXT  sing N N 62  
ASP CB  CG   sing N N 63  
ASP CB  HB2  sing N N 64  
ASP CB  HB3  sing N N 65  
ASP CG  OD1  doub N N 66  
ASP CG  OD2  sing N N 67  
ASP OD2 HD2  sing N N 68  
ASP OXT HXT  sing N N 69  
CYS N   CA   sing N N 70  
CYS N   H    sing N N 71  
CYS N   H2   sing N N 72  
CYS CA  C    sing N N 73  
CYS CA  CB   sing N N 74  
CYS CA  HA   sing N N 75  
CYS C   O    doub N N 76  
CYS C   OXT  sing N N 77  
CYS CB  SG   sing N N 78  
CYS CB  HB2  sing N N 79  
CYS CB  HB3  sing N N 80  
CYS SG  HG   sing N N 81  
CYS OXT HXT  sing N N 82  
GLN N   CA   sing N N 83  
GLN N   H    sing N N 84  
GLN N   H2   sing N N 85  
GLN CA  C    sing N N 86  
GLN CA  CB   sing N N 87  
GLN CA  HA   sing N N 88  
GLN C   O    doub N N 89  
GLN C   OXT  sing N N 90  
GLN CB  CG   sing N N 91  
GLN CB  HB2  sing N N 92  
GLN CB  HB3  sing N N 93  
GLN CG  CD   sing N N 94  
GLN CG  HG2  sing N N 95  
GLN CG  HG3  sing N N 96  
GLN CD  OE1  doub N N 97  
GLN CD  NE2  sing N N 98  
GLN NE2 HE21 sing N N 99  
GLN NE2 HE22 sing N N 100 
GLN OXT HXT  sing N N 101 
GLU N   CA   sing N N 102 
GLU N   H    sing N N 103 
GLU N   H2   sing N N 104 
GLU CA  C    sing N N 105 
GLU CA  CB   sing N N 106 
GLU CA  HA   sing N N 107 
GLU C   O    doub N N 108 
GLU C   OXT  sing N N 109 
GLU CB  CG   sing N N 110 
GLU CB  HB2  sing N N 111 
GLU CB  HB3  sing N N 112 
GLU CG  CD   sing N N 113 
GLU CG  HG2  sing N N 114 
GLU CG  HG3  sing N N 115 
GLU CD  OE1  doub N N 116 
GLU CD  OE2  sing N N 117 
GLU OE2 HE2  sing N N 118 
GLU OXT HXT  sing N N 119 
GLY N   CA   sing N N 120 
GLY N   H    sing N N 121 
GLY N   H2   sing N N 122 
GLY CA  C    sing N N 123 
GLY CA  HA2  sing N N 124 
GLY CA  HA3  sing N N 125 
GLY C   O    doub N N 126 
GLY C   OXT  sing N N 127 
GLY OXT HXT  sing N N 128 
HIS N   CA   sing N N 129 
HIS N   H    sing N N 130 
HIS N   H2   sing N N 131 
HIS CA  C    sing N N 132 
HIS CA  CB   sing N N 133 
HIS CA  HA   sing N N 134 
HIS C   O    doub N N 135 
HIS C   OXT  sing N N 136 
HIS CB  CG   sing N N 137 
HIS CB  HB2  sing N N 138 
HIS CB  HB3  sing N N 139 
HIS CG  ND1  sing Y N 140 
HIS CG  CD2  doub Y N 141 
HIS ND1 CE1  doub Y N 142 
HIS ND1 HD1  sing N N 143 
HIS CD2 NE2  sing Y N 144 
HIS CD2 HD2  sing N N 145 
HIS CE1 NE2  sing Y N 146 
HIS CE1 HE1  sing N N 147 
HIS NE2 HE2  sing N N 148 
HIS OXT HXT  sing N N 149 
ILE N   CA   sing N N 150 
ILE N   H    sing N N 151 
ILE N   H2   sing N N 152 
ILE CA  C    sing N N 153 
ILE CA  CB   sing N N 154 
ILE CA  HA   sing N N 155 
ILE C   O    doub N N 156 
ILE C   OXT  sing N N 157 
ILE CB  CG1  sing N N 158 
ILE CB  CG2  sing N N 159 
ILE CB  HB   sing N N 160 
ILE CG1 CD1  sing N N 161 
ILE CG1 HG12 sing N N 162 
ILE CG1 HG13 sing N N 163 
ILE CG2 HG21 sing N N 164 
ILE CG2 HG22 sing N N 165 
ILE CG2 HG23 sing N N 166 
ILE CD1 HD11 sing N N 167 
ILE CD1 HD12 sing N N 168 
ILE CD1 HD13 sing N N 169 
ILE OXT HXT  sing N N 170 
LEU N   CA   sing N N 171 
LEU N   H    sing N N 172 
LEU N   H2   sing N N 173 
LEU CA  C    sing N N 174 
LEU CA  CB   sing N N 175 
LEU CA  HA   sing N N 176 
LEU C   O    doub N N 177 
LEU C   OXT  sing N N 178 
LEU CB  CG   sing N N 179 
LEU CB  HB2  sing N N 180 
LEU CB  HB3  sing N N 181 
LEU CG  CD1  sing N N 182 
LEU CG  CD2  sing N N 183 
LEU CG  HG   sing N N 184 
LEU CD1 HD11 sing N N 185 
LEU CD1 HD12 sing N N 186 
LEU CD1 HD13 sing N N 187 
LEU CD2 HD21 sing N N 188 
LEU CD2 HD22 sing N N 189 
LEU CD2 HD23 sing N N 190 
LEU OXT HXT  sing N N 191 
LYS N   CA   sing N N 192 
LYS N   H    sing N N 193 
LYS N   H2   sing N N 194 
LYS CA  C    sing N N 195 
LYS CA  CB   sing N N 196 
LYS CA  HA   sing N N 197 
LYS C   O    doub N N 198 
LYS C   OXT  sing N N 199 
LYS CB  CG   sing N N 200 
LYS CB  HB2  sing N N 201 
LYS CB  HB3  sing N N 202 
LYS CG  CD   sing N N 203 
LYS CG  HG2  sing N N 204 
LYS CG  HG3  sing N N 205 
LYS CD  CE   sing N N 206 
LYS CD  HD2  sing N N 207 
LYS CD  HD3  sing N N 208 
LYS CE  NZ   sing N N 209 
LYS CE  HE2  sing N N 210 
LYS CE  HE3  sing N N 211 
LYS NZ  HZ1  sing N N 212 
LYS NZ  HZ2  sing N N 213 
LYS NZ  HZ3  sing N N 214 
LYS OXT HXT  sing N N 215 
MET N   CA   sing N N 216 
MET N   H    sing N N 217 
MET N   H2   sing N N 218 
MET CA  C    sing N N 219 
MET CA  CB   sing N N 220 
MET CA  HA   sing N N 221 
MET C   O    doub N N 222 
MET C   OXT  sing N N 223 
MET CB  CG   sing N N 224 
MET CB  HB2  sing N N 225 
MET CB  HB3  sing N N 226 
MET CG  SD   sing N N 227 
MET CG  HG2  sing N N 228 
MET CG  HG3  sing N N 229 
MET SD  CE   sing N N 230 
MET CE  HE1  sing N N 231 
MET CE  HE2  sing N N 232 
MET CE  HE3  sing N N 233 
MET OXT HXT  sing N N 234 
PHE N   CA   sing N N 235 
PHE N   H    sing N N 236 
PHE N   H2   sing N N 237 
PHE CA  C    sing N N 238 
PHE CA  CB   sing N N 239 
PHE CA  HA   sing N N 240 
PHE C   O    doub N N 241 
PHE C   OXT  sing N N 242 
PHE CB  CG   sing N N 243 
PHE CB  HB2  sing N N 244 
PHE CB  HB3  sing N N 245 
PHE CG  CD1  doub Y N 246 
PHE CG  CD2  sing Y N 247 
PHE CD1 CE1  sing Y N 248 
PHE CD1 HD1  sing N N 249 
PHE CD2 CE2  doub Y N 250 
PHE CD2 HD2  sing N N 251 
PHE CE1 CZ   doub Y N 252 
PHE CE1 HE1  sing N N 253 
PHE CE2 CZ   sing Y N 254 
PHE CE2 HE2  sing N N 255 
PHE CZ  HZ   sing N N 256 
PHE OXT HXT  sing N N 257 
PRO N   CA   sing N N 258 
PRO N   CD   sing N N 259 
PRO N   H    sing N N 260 
PRO CA  C    sing N N 261 
PRO CA  CB   sing N N 262 
PRO CA  HA   sing N N 263 
PRO C   O    doub N N 264 
PRO C   OXT  sing N N 265 
PRO CB  CG   sing N N 266 
PRO CB  HB2  sing N N 267 
PRO CB  HB3  sing N N 268 
PRO CG  CD   sing N N 269 
PRO CG  HG2  sing N N 270 
PRO CG  HG3  sing N N 271 
PRO CD  HD2  sing N N 272 
PRO CD  HD3  sing N N 273 
PRO OXT HXT  sing N N 274 
SER N   CA   sing N N 275 
SER N   H    sing N N 276 
SER N   H2   sing N N 277 
SER CA  C    sing N N 278 
SER CA  CB   sing N N 279 
SER CA  HA   sing N N 280 
SER C   O    doub N N 281 
SER C   OXT  sing N N 282 
SER CB  OG   sing N N 283 
SER CB  HB2  sing N N 284 
SER CB  HB3  sing N N 285 
SER OG  HG   sing N N 286 
SER OXT HXT  sing N N 287 
THR N   CA   sing N N 288 
THR N   H    sing N N 289 
THR N   H2   sing N N 290 
THR CA  C    sing N N 291 
THR CA  CB   sing N N 292 
THR CA  HA   sing N N 293 
THR C   O    doub N N 294 
THR C   OXT  sing N N 295 
THR CB  OG1  sing N N 296 
THR CB  CG2  sing N N 297 
THR CB  HB   sing N N 298 
THR OG1 HG1  sing N N 299 
THR CG2 HG21 sing N N 300 
THR CG2 HG22 sing N N 301 
THR CG2 HG23 sing N N 302 
THR OXT HXT  sing N N 303 
TYR N   CA   sing N N 304 
TYR N   H    sing N N 305 
TYR N   H2   sing N N 306 
TYR CA  C    sing N N 307 
TYR CA  CB   sing N N 308 
TYR CA  HA   sing N N 309 
TYR C   O    doub N N 310 
TYR C   OXT  sing N N 311 
TYR CB  CG   sing N N 312 
TYR CB  HB2  sing N N 313 
TYR CB  HB3  sing N N 314 
TYR CG  CD1  doub Y N 315 
TYR CG  CD2  sing Y N 316 
TYR CD1 CE1  sing Y N 317 
TYR CD1 HD1  sing N N 318 
TYR CD2 CE2  doub Y N 319 
TYR CD2 HD2  sing N N 320 
TYR CE1 CZ   doub Y N 321 
TYR CE1 HE1  sing N N 322 
TYR CE2 CZ   sing Y N 323 
TYR CE2 HE2  sing N N 324 
TYR CZ  OH   sing N N 325 
TYR OH  HH   sing N N 326 
TYR OXT HXT  sing N N 327 
VAL N   CA   sing N N 328 
VAL N   H    sing N N 329 
VAL N   H2   sing N N 330 
VAL CA  C    sing N N 331 
VAL CA  CB   sing N N 332 
VAL CA  HA   sing N N 333 
VAL C   O    doub N N 334 
VAL C   OXT  sing N N 335 
VAL CB  CG1  sing N N 336 
VAL CB  CG2  sing N N 337 
VAL CB  HB   sing N N 338 
VAL CG1 HG11 sing N N 339 
VAL CG1 HG12 sing N N 340 
VAL CG1 HG13 sing N N 341 
VAL CG2 HG21 sing N N 342 
VAL CG2 HG22 sing N N 343 
VAL CG2 HG23 sing N N 344 
VAL OXT HXT  sing N N 345 
# 
loop_
_pdbx_nmr_spectrometer.spectrometer_id 
_pdbx_nmr_spectrometer.model 
_pdbx_nmr_spectrometer.manufacturer 
_pdbx_nmr_spectrometer.field_strength 
_pdbx_nmr_spectrometer.type 
1 DMX Bruker 500 ? 
2 DMX Bruker 600 ? 
# 
_atom_sites.entry_id                    2U2F 
_atom_sites.fract_transf_matrix[1][1]   1.000000 
_atom_sites.fract_transf_matrix[1][2]   0.000000 
_atom_sites.fract_transf_matrix[1][3]   0.000000 
_atom_sites.fract_transf_matrix[2][1]   0.000000 
_atom_sites.fract_transf_matrix[2][2]   1.000000 
_atom_sites.fract_transf_matrix[2][3]   0.000000 
_atom_sites.fract_transf_matrix[3][1]   0.000000 
_atom_sites.fract_transf_matrix[3][2]   0.000000 
_atom_sites.fract_transf_matrix[3][3]   1.000000 
_atom_sites.fract_transf_vector[1]      0.00000 
_atom_sites.fract_transf_vector[2]      0.00000 
_atom_sites.fract_transf_vector[3]      0.00000 
# 
loop_
_atom_type.symbol 
C 
H 
N 
O 
S 
# 
loop_
_atom_site.group_PDB 
_atom_site.id 
_atom_site.type_symbol 
_atom_site.label_atom_id 
_atom_site.label_alt_id 
_atom_site.label_comp_id 
_atom_site.label_asym_id 
_atom_site.label_entity_id 
_atom_site.label_seq_id 
_atom_site.pdbx_PDB_ins_code 
_atom_site.Cartn_x 
_atom_site.Cartn_y 
_atom_site.Cartn_z 
_atom_site.occupancy 
_atom_site.B_iso_or_equiv 
_atom_site.pdbx_formal_charge 
_atom_site.auth_seq_id 
_atom_site.auth_comp_id 
_atom_site.auth_asym_id 
_atom_site.auth_atom_id 
_atom_site.pdbx_PDB_model_num 
ATOM 1    N N    . ALA A 1 1  ? 8.668   1.769   -9.874  1.00 2.01 ? 1  ALA A N    1 
ATOM 2    C CA   . ALA A 1 1  ? 9.328   3.051   -10.250 1.00 1.40 ? 1  ALA A CA   1 
ATOM 3    C C    . ALA A 1 1  ? 8.640   4.210   -9.525  1.00 1.00 ? 1  ALA A C    1 
ATOM 4    O O    . ALA A 1 1  ? 8.889   5.366   -9.805  1.00 1.22 ? 1  ALA A O    1 
ATOM 5    C CB   . ALA A 1 1  ? 9.218   3.257   -11.763 1.00 2.23 ? 1  ALA A CB   1 
ATOM 6    H H1   . ALA A 1 1  ? 7.636   1.885   -9.914  1.00 2.58 ? 1  ALA A H1   1 
ATOM 7    H H2   . ALA A 1 1  ? 8.960   1.023   -10.536 1.00 2.43 ? 1  ALA A H2   1 
ATOM 8    H H3   . ALA A 1 1  ? 8.947   1.506   -8.908  1.00 2.29 ? 1  ALA A H3   1 
ATOM 9    H HA   . ALA A 1 1  ? 10.369  3.018   -9.965  1.00 1.74 ? 1  ALA A HA   1 
ATOM 10   H HB1  . ALA A 1 1  ? 8.846   2.354   -12.223 1.00 2.73 ? 1  ALA A HB1  1 
ATOM 11   H HB2  . ALA A 1 1  ? 8.539   4.072   -11.967 1.00 2.68 ? 1  ALA A HB2  1 
ATOM 12   H HB3  . ALA A 1 1  ? 10.193  3.491   -12.165 1.00 2.70 ? 1  ALA A HB3  1 
ATOM 13   N N    . HIS A 1 2  ? 7.773   3.911   -8.596  1.00 0.59 ? 2  HIS A N    1 
ATOM 14   C CA   . HIS A 1 2  ? 7.070   4.996   -7.854  1.00 0.69 ? 2  HIS A CA   1 
ATOM 15   C C    . HIS A 1 2  ? 6.665   4.487   -6.469  1.00 0.69 ? 2  HIS A C    1 
ATOM 16   O O    . HIS A 1 2  ? 7.084   3.432   -6.037  1.00 1.24 ? 2  HIS A O    1 
ATOM 17   C CB   . HIS A 1 2  ? 5.818   5.416   -8.628  1.00 1.04 ? 2  HIS A CB   1 
ATOM 18   C CG   . HIS A 1 2  ? 6.127   6.629   -9.461  1.00 1.60 ? 2  HIS A CG   1 
ATOM 19   N ND1  . HIS A 1 2  ? 6.564   7.820   -8.902  1.00 2.18 ? 2  HIS A ND1  1 
ATOM 20   C CD2  . HIS A 1 2  ? 6.064   6.853   -10.814 1.00 2.44 ? 2  HIS A CD2  1 
ATOM 21   C CE1  . HIS A 1 2  ? 6.745   8.697   -9.905  1.00 2.77 ? 2  HIS A CE1  1 
ATOM 22   N NE2  . HIS A 1 2  ? 6.455   8.159   -11.093 1.00 2.97 ? 2  HIS A NE2  1 
ATOM 23   H H    . HIS A 1 2  ? 7.585   2.972   -8.384  1.00 0.55 ? 2  HIS A H    1 
ATOM 24   H HA   . HIS A 1 2  ? 7.729   5.844   -7.747  1.00 0.87 ? 2  HIS A HA   1 
ATOM 25   H HB2  . HIS A 1 2  ? 5.505   4.606   -9.272  1.00 1.35 ? 2  HIS A HB2  1 
ATOM 26   H HB3  . HIS A 1 2  ? 5.026   5.649   -7.932  1.00 1.24 ? 2  HIS A HB3  1 
ATOM 27   H HD1  . HIS A 1 2  ? 6.713   7.991   -7.948  1.00 2.55 ? 2  HIS A HD1  1 
ATOM 28   H HD2  . HIS A 1 2  ? 5.757   6.125   -11.552 1.00 2.99 ? 2  HIS A HD2  1 
ATOM 29   H HE1  . HIS A 1 2  ? 7.085   9.713   -9.768  1.00 3.40 ? 2  HIS A HE1  1 
ATOM 30   N N    . LYS A 1 3  ? 5.851   5.230   -5.769  1.00 0.37 ? 3  LYS A N    1 
ATOM 31   C CA   . LYS A 1 3  ? 5.420   4.788   -4.412  1.00 0.35 ? 3  LYS A CA   1 
ATOM 32   C C    . LYS A 1 3  ? 4.026   4.161   -4.497  1.00 0.39 ? 3  LYS A C    1 
ATOM 33   O O    . LYS A 1 3  ? 3.071   4.797   -4.894  1.00 0.82 ? 3  LYS A O    1 
ATOM 34   C CB   . LYS A 1 3  ? 5.379   5.993   -3.470  1.00 0.34 ? 3  LYS A CB   1 
ATOM 35   C CG   . LYS A 1 3  ? 6.731   6.711   -3.501  1.00 0.48 ? 3  LYS A CG   1 
ATOM 36   C CD   . LYS A 1 3  ? 6.527   8.201   -3.220  1.00 0.78 ? 3  LYS A CD   1 
ATOM 37   C CE   . LYS A 1 3  ? 5.956   8.383   -1.813  1.00 1.19 ? 3  LYS A CE   1 
ATOM 38   N NZ   . LYS A 1 3  ? 6.389   9.700   -1.266  1.00 1.91 ? 3  LYS A NZ   1 
ATOM 39   H H    . LYS A 1 3  ? 5.523   6.078   -6.135  1.00 0.67 ? 3  LYS A H    1 
ATOM 40   H HA   . LYS A 1 3  ? 6.120   4.058   -4.033  1.00 0.38 ? 3  LYS A HA   1 
ATOM 41   H HB2  . LYS A 1 3  ? 4.602   6.673   -3.789  1.00 0.37 ? 3  LYS A HB2  1 
ATOM 42   H HB3  . LYS A 1 3  ? 5.175   5.657   -2.464  1.00 0.41 ? 3  LYS A HB3  1 
ATOM 43   H HG2  . LYS A 1 3  ? 7.381   6.286   -2.749  1.00 0.88 ? 3  LYS A HG2  1 
ATOM 44   H HG3  . LYS A 1 3  ? 7.180   6.589   -4.475  1.00 0.85 ? 3  LYS A HG3  1 
ATOM 45   H HD2  . LYS A 1 3  ? 7.476   8.713   -3.293  1.00 1.45 ? 3  LYS A HD2  1 
ATOM 46   H HD3  . LYS A 1 3  ? 5.838   8.614   -3.941  1.00 1.48 ? 3  LYS A HD3  1 
ATOM 47   H HE2  . LYS A 1 3  ? 4.877   8.347   -1.853  1.00 1.78 ? 3  LYS A HE2  1 
ATOM 48   H HE3  . LYS A 1 3  ? 6.318   7.591   -1.172  1.00 1.69 ? 3  LYS A HE3  1 
ATOM 49   H HZ1  . LYS A 1 3  ? 6.118   10.455  -1.929  1.00 2.32 ? 3  LYS A HZ1  1 
ATOM 50   H HZ2  . LYS A 1 3  ? 5.932   9.862   -0.348  1.00 2.27 ? 3  LYS A HZ2  1 
ATOM 51   H HZ3  . LYS A 1 3  ? 7.422   9.702   -1.142  1.00 2.40 ? 3  LYS A HZ3  1 
ATOM 52   N N    . LEU A 1 4  ? 3.902   2.915   -4.125  1.00 0.32 ? 4  LEU A N    1 
ATOM 53   C CA   . LEU A 1 4  ? 2.570   2.248   -4.181  1.00 0.29 ? 4  LEU A CA   1 
ATOM 54   C C    . LEU A 1 4  ? 1.741   2.654   -2.960  1.00 0.26 ? 4  LEU A C    1 
ATOM 55   O O    . LEU A 1 4  ? 2.266   2.878   -1.885  1.00 0.36 ? 4  LEU A O    1 
ATOM 56   C CB   . LEU A 1 4  ? 2.760   0.730   -4.188  1.00 0.35 ? 4  LEU A CB   1 
ATOM 57   C CG   . LEU A 1 4  ? 3.546   0.318   -5.434  1.00 0.54 ? 4  LEU A CG   1 
ATOM 58   C CD1  . LEU A 1 4  ? 3.969   -1.146  -5.310  1.00 0.67 ? 4  LEU A CD1  1 
ATOM 59   C CD2  . LEU A 1 4  ? 2.661   0.490   -6.671  1.00 0.64 ? 4  LEU A CD2  1 
ATOM 60   H H    . LEU A 1 4  ? 4.684   2.419   -3.808  1.00 0.65 ? 4  LEU A H    1 
ATOM 61   H HA   . LEU A 1 4  ? 2.056   2.550   -5.082  1.00 0.27 ? 4  LEU A HA   1 
ATOM 62   H HB2  . LEU A 1 4  ? 3.304   0.430   -3.303  1.00 0.39 ? 4  LEU A HB2  1 
ATOM 63   H HB3  . LEU A 1 4  ? 1.795   0.246   -4.198  1.00 0.36 ? 4  LEU A HB3  1 
ATOM 64   H HG   . LEU A 1 4  ? 4.424   0.941   -5.528  1.00 0.62 ? 4  LEU A HG   1 
ATOM 65   H HD11 . LEU A 1 4  ? 3.307   -1.656  -4.626  1.00 1.14 ? 4  LEU A HD11 1 
ATOM 66   H HD12 . LEU A 1 4  ? 3.917   -1.619  -6.281  1.00 1.17 ? 4  LEU A HD12 1 
ATOM 67   H HD13 . LEU A 1 4  ? 4.982   -1.198  -4.938  1.00 1.29 ? 4  LEU A HD13 1 
ATOM 68   H HD21 . LEU A 1 4  ? 1.776   1.049   -6.405  1.00 1.17 ? 4  LEU A HD21 1 
ATOM 69   H HD22 . LEU A 1 4  ? 3.208   1.024   -7.435  1.00 1.16 ? 4  LEU A HD22 1 
ATOM 70   H HD23 . LEU A 1 4  ? 2.375   -0.482  -7.047  1.00 1.23 ? 4  LEU A HD23 1 
ATOM 71   N N    . PHE A 1 5  ? 0.449   2.753   -3.122  1.00 0.21 ? 5  PHE A N    1 
ATOM 72   C CA   . PHE A 1 5  ? -0.427  3.148   -1.981  1.00 0.19 ? 5  PHE A CA   1 
ATOM 73   C C    . PHE A 1 5  ? -1.351  1.986   -1.607  1.00 0.20 ? 5  PHE A C    1 
ATOM 74   O O    . PHE A 1 5  ? -1.944  1.352   -2.456  1.00 0.34 ? 5  PHE A O    1 
ATOM 75   C CB   . PHE A 1 5  ? -1.265  4.361   -2.392  1.00 0.21 ? 5  PHE A CB   1 
ATOM 76   C CG   . PHE A 1 5  ? -2.491  4.459   -1.518  1.00 0.23 ? 5  PHE A CG   1 
ATOM 77   C CD1  . PHE A 1 5  ? -3.624  3.693   -1.817  1.00 1.22 ? 5  PHE A CD1  1 
ATOM 78   C CD2  . PHE A 1 5  ? -2.503  5.322   -0.414  1.00 1.24 ? 5  PHE A CD2  1 
ATOM 79   C CE1  . PHE A 1 5  ? -4.767  3.789   -1.015  1.00 1.24 ? 5  PHE A CE1  1 
ATOM 80   C CE2  . PHE A 1 5  ? -3.645  5.416   0.389   1.00 1.24 ? 5  PHE A CE2  1 
ATOM 81   C CZ   . PHE A 1 5  ? -4.778  4.649   0.088   1.00 0.31 ? 5  PHE A CZ   1 
ATOM 82   H H    . PHE A 1 5  ? 0.053   2.570   -4.001  1.00 0.27 ? 5  PHE A H    1 
ATOM 83   H HA   . PHE A 1 5  ? 0.186   3.407   -1.130  1.00 0.20 ? 5  PHE A HA   1 
ATOM 84   H HB2  . PHE A 1 5  ? -0.675  5.258   -2.280  1.00 0.23 ? 5  PHE A HB2  1 
ATOM 85   H HB3  . PHE A 1 5  ? -1.568  4.256   -3.423  1.00 0.23 ? 5  PHE A HB3  1 
ATOM 86   H HD1  . PHE A 1 5  ? -3.616  3.028   -2.668  1.00 2.14 ? 5  PHE A HD1  1 
ATOM 87   H HD2  . PHE A 1 5  ? -1.629  5.913   -0.182  1.00 2.16 ? 5  PHE A HD2  1 
ATOM 88   H HE1  . PHE A 1 5  ? -5.640  3.197   -1.247  1.00 2.16 ? 5  PHE A HE1  1 
ATOM 89   H HE2  . PHE A 1 5  ? -3.654  6.081   1.240   1.00 2.16 ? 5  PHE A HE2  1 
ATOM 90   H HZ   . PHE A 1 5  ? -5.660  4.723   0.706   1.00 0.36 ? 5  PHE A HZ   1 
ATOM 91   N N    . ILE A 1 6  ? -1.480  1.704   -0.336  1.00 0.18 ? 6  ILE A N    1 
ATOM 92   C CA   . ILE A 1 6  ? -2.367  0.586   0.097   1.00 0.21 ? 6  ILE A CA   1 
ATOM 93   C C    . ILE A 1 6  ? -3.522  1.142   0.930   1.00 0.20 ? 6  ILE A C    1 
ATOM 94   O O    . ILE A 1 6  ? -3.426  1.265   2.135   1.00 0.24 ? 6  ILE A O    1 
ATOM 95   C CB   . ILE A 1 6  ? -1.566  -0.405  0.945   1.00 0.26 ? 6  ILE A CB   1 
ATOM 96   C CG1  . ILE A 1 6  ? -0.611  -1.190  0.041   1.00 0.33 ? 6  ILE A CG1  1 
ATOM 97   C CG2  . ILE A 1 6  ? -2.524  -1.376  1.642   1.00 0.29 ? 6  ILE A CG2  1 
ATOM 98   C CD1  . ILE A 1 6  ? 0.635   -0.348  -0.236  1.00 0.47 ? 6  ILE A CD1  1 
ATOM 99   H H    . ILE A 1 6  ? -0.993  2.230   0.333   1.00 0.26 ? 6  ILE A H    1 
ATOM 100  H HA   . ILE A 1 6  ? -2.760  0.080   -0.772  1.00 0.23 ? 6  ILE A HA   1 
ATOM 101  H HB   . ILE A 1 6  ? -0.999  0.134   1.688   1.00 0.28 ? 6  ILE A HB   1 
ATOM 102  H HG12 . ILE A 1 6  ? -0.326  -2.110  0.533   1.00 0.45 ? 6  ILE A HG12 1 
ATOM 103  H HG13 . ILE A 1 6  ? -1.104  -1.419  -0.891  1.00 0.46 ? 6  ILE A HG13 1 
ATOM 104  H HG21 . ILE A 1 6  ? -3.217  -0.821  2.257   1.00 1.04 ? 6  ILE A HG21 1 
ATOM 105  H HG22 . ILE A 1 6  ? -3.074  -1.937  0.899   1.00 1.11 ? 6  ILE A HG22 1 
ATOM 106  H HG23 . ILE A 1 6  ? -1.961  -2.058  2.262   1.00 1.01 ? 6  ILE A HG23 1 
ATOM 107  H HD11 . ILE A 1 6  ? 1.070   -0.029  0.700   1.00 1.18 ? 6  ILE A HD11 1 
ATOM 108  H HD12 . ILE A 1 6  ? 1.353   -0.939  -0.784  1.00 1.22 ? 6  ILE A HD12 1 
ATOM 109  H HD13 . ILE A 1 6  ? 0.361   0.518   -0.819  1.00 1.03 ? 6  ILE A HD13 1 
ATOM 110  N N    . GLY A 1 7  ? -4.614  1.474   0.302   1.00 0.19 ? 7  GLY A N    1 
ATOM 111  C CA   . GLY A 1 7  ? -5.774  2.014   1.063   1.00 0.21 ? 7  GLY A CA   1 
ATOM 112  C C    . GLY A 1 7  ? -6.771  0.886   1.329   1.00 0.25 ? 7  GLY A C    1 
ATOM 113  O O    . GLY A 1 7  ? -7.929  0.966   0.971   1.00 0.28 ? 7  GLY A O    1 
ATOM 114  H H    . GLY A 1 7  ? -4.672  1.363   -0.671  1.00 0.19 ? 7  GLY A H    1 
ATOM 115  H HA2  . GLY A 1 7  ? -5.429  2.422   2.002   1.00 0.23 ? 7  GLY A HA2  1 
ATOM 116  H HA3  . GLY A 1 7  ? -6.255  2.789   0.488   1.00 0.23 ? 7  GLY A HA3  1 
ATOM 117  N N    . GLY A 1 8  ? -6.323  -0.167  1.953   1.00 0.30 ? 8  GLY A N    1 
ATOM 118  C CA   . GLY A 1 8  ? -7.233  -1.309  2.248   1.00 0.36 ? 8  GLY A CA   1 
ATOM 119  C C    . GLY A 1 8  ? -6.731  -2.033  3.495   1.00 0.37 ? 8  GLY A C    1 
ATOM 120  O O    . GLY A 1 8  ? -7.060  -3.177  3.739   1.00 0.45 ? 8  GLY A O    1 
ATOM 121  H H    . GLY A 1 8  ? -5.384  -0.208  2.229   1.00 0.33 ? 8  GLY A H    1 
ATOM 122  H HA2  . GLY A 1 8  ? -8.234  -0.939  2.419   1.00 0.40 ? 8  GLY A HA2  1 
ATOM 123  H HA3  . GLY A 1 8  ? -7.235  -1.994  1.415   1.00 0.39 ? 8  GLY A HA3  1 
ATOM 124  N N    . LEU A 1 9  ? -5.928  -1.373  4.284   1.00 0.33 ? 9  LEU A N    1 
ATOM 125  C CA   . LEU A 1 9  ? -5.394  -2.015  5.515   1.00 0.36 ? 9  LEU A CA   1 
ATOM 126  C C    . LEU A 1 9  ? -6.508  -2.137  6.556   1.00 0.43 ? 9  LEU A C    1 
ATOM 127  O O    . LEU A 1 9  ? -7.424  -1.340  6.585   1.00 0.47 ? 9  LEU A O    1 
ATOM 128  C CB   . LEU A 1 9  ? -4.256  -1.165  6.079   1.00 0.35 ? 9  LEU A CB   1 
ATOM 129  C CG   . LEU A 1 9  ? -3.140  -1.056  5.039   1.00 0.32 ? 9  LEU A CG   1 
ATOM 130  C CD1  . LEU A 1 9  ? -2.096  -0.046  5.513   1.00 0.30 ? 9  LEU A CD1  1 
ATOM 131  C CD2  . LEU A 1 9  ? -2.478  -2.424  4.857   1.00 0.43 ? 9  LEU A CD2  1 
ATOM 132  H H    . LEU A 1 9  ? -5.674  -0.452  4.064   1.00 0.31 ? 9  LEU A H    1 
ATOM 133  H HA   . LEU A 1 9  ? -5.020  -2.998  5.270   1.00 0.38 ? 9  LEU A HA   1 
ATOM 134  H HB2  . LEU A 1 9  ? -4.627  -0.179  6.316   1.00 0.35 ? 9  LEU A HB2  1 
ATOM 135  H HB3  . LEU A 1 9  ? -3.868  -1.630  6.973   1.00 0.40 ? 9  LEU A HB3  1 
ATOM 136  H HG   . LEU A 1 9  ? -3.558  -0.728  4.098   1.00 0.35 ? 9  LEU A HG   1 
ATOM 137  H HD11 . LEU A 1 9  ? -2.150  0.049   6.588   1.00 1.03 ? 9  LEU A HD11 1 
ATOM 138  H HD12 . LEU A 1 9  ? -1.112  -0.385  5.230   1.00 1.07 ? 9  LEU A HD12 1 
ATOM 139  H HD13 . LEU A 1 9  ? -2.292  0.914   5.057   1.00 1.10 ? 9  LEU A HD13 1 
ATOM 140  H HD21 . LEU A 1 9  ? -2.586  -3.000  5.765   1.00 1.19 ? 9  LEU A HD21 1 
ATOM 141  H HD22 . LEU A 1 9  ? -2.954  -2.949  4.041   1.00 0.95 ? 9  LEU A HD22 1 
ATOM 142  H HD23 . LEU A 1 9  ? -1.430  -2.291  4.637   1.00 1.06 ? 9  LEU A HD23 1 
ATOM 143  N N    . PRO A 1 10 ? -6.385  -3.142  7.378   1.00 0.48 ? 10 PRO A N    1 
ATOM 144  C CA   . PRO A 1 10 ? -7.359  -3.424  8.448   1.00 0.56 ? 10 PRO A CA   1 
ATOM 145  C C    . PRO A 1 10 ? -7.143  -2.477  9.634   1.00 0.60 ? 10 PRO A C    1 
ATOM 146  O O    . PRO A 1 10 ? -7.697  -1.397  9.683   1.00 0.86 ? 10 PRO A O    1 
ATOM 147  C CB   . PRO A 1 10 ? -7.049  -4.872  8.836   1.00 0.62 ? 10 PRO A CB   1 
ATOM 148  C CG   . PRO A 1 10 ? -5.590  -5.139  8.393   1.00 0.60 ? 10 PRO A CG   1 
ATOM 149  C CD   . PRO A 1 10 ? -5.259  -4.091  7.314   1.00 0.50 ? 10 PRO A CD   1 
ATOM 150  H HA   . PRO A 1 10 ? -8.367  -3.349  8.076   1.00 0.58 ? 10 PRO A HA   1 
ATOM 151  H HB2  . PRO A 1 10 ? -7.145  -4.997  9.906   1.00 0.68 ? 10 PRO A HB2  1 
ATOM 152  H HB3  . PRO A 1 10 ? -7.713  -5.546  8.320   1.00 0.65 ? 10 PRO A HB3  1 
ATOM 153  H HG2  . PRO A 1 10 ? -4.923  -5.029  9.237   1.00 0.64 ? 10 PRO A HG2  1 
ATOM 154  H HG3  . PRO A 1 10 ? -5.503  -6.131  7.977   1.00 0.65 ? 10 PRO A HG3  1 
ATOM 155  H HD2  . PRO A 1 10 ? -4.327  -3.593  7.544   1.00 0.49 ? 10 PRO A HD2  1 
ATOM 156  H HD3  . PRO A 1 10 ? -5.214  -4.550  6.339   1.00 0.49 ? 10 PRO A HD3  1 
ATOM 157  N N    . ASN A 1 11 ? -6.345  -2.873  10.590  1.00 0.66 ? 11 ASN A N    1 
ATOM 158  C CA   . ASN A 1 11 ? -6.101  -1.991  11.769  1.00 0.70 ? 11 ASN A CA   1 
ATOM 159  C C    . ASN A 1 11 ? -5.228  -2.720  12.793  1.00 0.79 ? 11 ASN A C    1 
ATOM 160  O O    . ASN A 1 11 ? -4.491  -2.109  13.541  1.00 1.15 ? 11 ASN A O    1 
ATOM 161  C CB   . ASN A 1 11 ? -7.438  -1.622  12.418  1.00 0.73 ? 11 ASN A CB   1 
ATOM 162  C CG   . ASN A 1 11 ? -8.191  -2.897  12.802  1.00 0.80 ? 11 ASN A CG   1 
ATOM 163  O OD1  . ASN A 1 11 ? -8.151  -3.320  13.940  1.00 1.38 ? 11 ASN A OD1  1 
ATOM 164  N ND2  . ASN A 1 11 ? -8.879  -3.532  11.894  1.00 1.23 ? 11 ASN A ND2  1 
ATOM 165  H H    . ASN A 1 11 ? -5.907  -3.747  10.533  1.00 0.87 ? 11 ASN A H    1 
ATOM 166  H HA   . ASN A 1 11 ? -5.600  -1.093  11.446  1.00 0.69 ? 11 ASN A HA   1 
ATOM 167  H HB2  . ASN A 1 11 ? -7.256  -1.031  13.304  1.00 0.78 ? 11 ASN A HB2  1 
ATOM 168  H HB3  . ASN A 1 11 ? -8.033  -1.051  11.721  1.00 0.74 ? 11 ASN A HB3  1 
ATOM 169  H HD21 . ASN A 1 11 ? -8.913  -3.191  10.977  1.00 1.86 ? 11 ASN A HD21 1 
ATOM 170  H HD22 . ASN A 1 11 ? -9.363  -4.350  12.130  1.00 1.30 ? 11 ASN A HD22 1 
ATOM 171  N N    . TYR A 1 12 ? -5.307  -4.023  12.840  1.00 0.71 ? 12 TYR A N    1 
ATOM 172  C CA   . TYR A 1 12 ? -4.486  -4.786  13.823  1.00 0.78 ? 12 TYR A CA   1 
ATOM 173  C C    . TYR A 1 12 ? -3.081  -5.030  13.263  1.00 0.70 ? 12 TYR A C    1 
ATOM 174  O O    . TYR A 1 12 ? -2.352  -5.875  13.745  1.00 0.84 ? 12 TYR A O    1 
ATOM 175  C CB   . TYR A 1 12 ? -5.157  -6.128  14.110  1.00 0.89 ? 12 TYR A CB   1 
ATOM 176  C CG   . TYR A 1 12 ? -5.546  -6.780  12.817  1.00 0.85 ? 12 TYR A CG   1 
ATOM 177  C CD1  . TYR A 1 12 ? -4.563  -7.327  11.991  1.00 1.52 ? 12 TYR A CD1  1 
ATOM 178  C CD2  . TYR A 1 12 ? -6.891  -6.840  12.449  1.00 1.44 ? 12 TYR A CD2  1 
ATOM 179  C CE1  . TYR A 1 12 ? -4.925  -7.938  10.789  1.00 1.56 ? 12 TYR A CE1  1 
ATOM 180  C CE2  . TYR A 1 12 ? -7.257  -7.449  11.248  1.00 1.49 ? 12 TYR A CE2  1 
ATOM 181  C CZ   . TYR A 1 12 ? -6.275  -8.001  10.415  1.00 0.99 ? 12 TYR A CZ   1 
ATOM 182  O OH   . TYR A 1 12 ? -6.635  -8.604  9.227   1.00 1.13 ? 12 TYR A OH   1 
ATOM 183  H H    . TYR A 1 12 ? -5.911  -4.499  12.233  1.00 0.83 ? 12 TYR A H    1 
ATOM 184  H HA   . TYR A 1 12 ? -4.412  -4.225  14.741  1.00 0.85 ? 12 TYR A HA   1 
ATOM 185  H HB2  . TYR A 1 12 ? -4.471  -6.767  14.638  1.00 1.01 ? 12 TYR A HB2  1 
ATOM 186  H HB3  . TYR A 1 12 ? -6.040  -5.972  14.708  1.00 0.96 ? 12 TYR A HB3  1 
ATOM 187  H HD1  . TYR A 1 12 ? -3.524  -7.278  12.281  1.00 2.35 ? 12 TYR A HD1  1 
ATOM 188  H HD2  . TYR A 1 12 ? -7.646  -6.414  13.092  1.00 2.25 ? 12 TYR A HD2  1 
ATOM 189  H HE1  . TYR A 1 12 ? -4.165  -8.361  10.154  1.00 2.39 ? 12 TYR A HE1  1 
ATOM 190  H HE2  . TYR A 1 12 ? -8.297  -7.494  10.966  1.00 2.31 ? 12 TYR A HE2  1 
ATOM 191  H HH   . TYR A 1 12 ? -7.139  -9.394  9.436   1.00 1.59 ? 12 TYR A HH   1 
ATOM 192  N N    . LEU A 1 13 ? -2.690  -4.301  12.253  1.00 0.62 ? 13 LEU A N    1 
ATOM 193  C CA   . LEU A 1 13 ? -1.331  -4.501  11.676  1.00 0.56 ? 13 LEU A CA   1 
ATOM 194  C C    . LEU A 1 13 ? -0.373  -3.453  12.246  1.00 0.55 ? 13 LEU A C    1 
ATOM 195  O O    . LEU A 1 13 ? -0.785  -2.491  12.864  1.00 0.70 ? 13 LEU A O    1 
ATOM 196  C CB   . LEU A 1 13 ? -1.392  -4.357  10.155  1.00 0.55 ? 13 LEU A CB   1 
ATOM 197  C CG   . LEU A 1 13 ? -2.329  -5.419  9.579   1.00 0.58 ? 13 LEU A CG   1 
ATOM 198  C CD1  . LEU A 1 13 ? -2.502  -5.185  8.077   1.00 0.54 ? 13 LEU A CD1  1 
ATOM 199  C CD2  . LEU A 1 13 ? -1.729  -6.808  9.810   1.00 0.70 ? 13 LEU A CD2  1 
ATOM 200  H H    . LEU A 1 13 ? -3.288  -3.623  11.876  1.00 0.69 ? 13 LEU A H    1 
ATOM 201  H HA   . LEU A 1 13 ? -0.974  -5.489  11.929  1.00 0.58 ? 13 LEU A HA   1 
ATOM 202  H HB2  . LEU A 1 13 ? -1.763  -3.374  9.901   1.00 0.57 ? 13 LEU A HB2  1 
ATOM 203  H HB3  . LEU A 1 13 ? -0.405  -4.488  9.739   1.00 0.55 ? 13 LEU A HB3  1 
ATOM 204  H HG   . LEU A 1 13 ? -3.290  -5.354  10.066  1.00 0.66 ? 13 LEU A HG   1 
ATOM 205  H HD11 . LEU A 1 13 ? -2.565  -4.125  7.883   1.00 1.22 ? 13 LEU A HD11 1 
ATOM 206  H HD12 . LEU A 1 13 ? -1.654  -5.598  7.549   1.00 1.07 ? 13 LEU A HD12 1 
ATOM 207  H HD13 . LEU A 1 13 ? -3.406  -5.668  7.739   1.00 1.15 ? 13 LEU A HD13 1 
ATOM 208  H HD21 . LEU A 1 13 ? -0.937  -6.739  10.542  1.00 1.14 ? 13 LEU A HD21 1 
ATOM 209  H HD22 . LEU A 1 13 ? -2.497  -7.476  10.172  1.00 1.16 ? 13 LEU A HD22 1 
ATOM 210  H HD23 . LEU A 1 13 ? -1.328  -7.187  8.882   1.00 1.26 ? 13 LEU A HD23 1 
ATOM 211  N N    . ASN A 1 14 ? 0.904   -3.632  12.042  1.00 0.48 ? 14 ASN A N    1 
ATOM 212  C CA   . ASN A 1 14 ? 1.889   -2.647  12.570  1.00 0.48 ? 14 ASN A CA   1 
ATOM 213  C C    . ASN A 1 14 ? 2.874   -2.258  11.460  1.00 0.43 ? 14 ASN A C    1 
ATOM 214  O O    . ASN A 1 14 ? 2.542   -1.503  10.567  1.00 0.55 ? 14 ASN A O    1 
ATOM 215  C CB   . ASN A 1 14 ? 2.639   -3.266  13.753  1.00 0.51 ? 14 ASN A CB   1 
ATOM 216  C CG   . ASN A 1 14 ? 2.927   -4.740  13.463  1.00 0.52 ? 14 ASN A CG   1 
ATOM 217  O OD1  . ASN A 1 14 ? 3.048   -5.133  12.318  1.00 0.63 ? 14 ASN A OD1  1 
ATOM 218  N ND2  . ASN A 1 14 ? 3.042   -5.578  14.455  1.00 1.09 ? 14 ASN A ND2  1 
ATOM 219  H H    . ASN A 1 14 ? 1.215   -4.415  11.540  1.00 0.53 ? 14 ASN A H    1 
ATOM 220  H HA   . ASN A 1 14 ? 1.363   -1.764  12.904  1.00 0.54 ? 14 ASN A HA   1 
ATOM 221  H HB2  . ASN A 1 14 ? 3.569   -2.738  13.904  1.00 0.50 ? 14 ASN A HB2  1 
ATOM 222  H HB3  . ASN A 1 14 ? 2.034   -3.189  14.643  1.00 0.61 ? 14 ASN A HB3  1 
ATOM 223  H HD21 . ASN A 1 14 ? 2.945   -5.261  15.378  1.00 1.52 ? 14 ASN A HD21 1 
ATOM 224  H HD22 . ASN A 1 14 ? 3.225   -6.525  14.279  1.00 1.20 ? 14 ASN A HD22 1 
ATOM 225  N N    . ASP A 1 15 ? 4.080   -2.761  11.501  1.00 0.37 ? 15 ASP A N    1 
ATOM 226  C CA   . ASP A 1 15 ? 5.068   -2.409  10.442  1.00 0.35 ? 15 ASP A CA   1 
ATOM 227  C C    . ASP A 1 15 ? 5.554   -3.686  9.761   1.00 0.34 ? 15 ASP A C    1 
ATOM 228  O O    . ASP A 1 15 ? 5.706   -3.743  8.556   1.00 0.34 ? 15 ASP A O    1 
ATOM 229  C CB   . ASP A 1 15 ? 6.256   -1.690  11.079  1.00 0.42 ? 15 ASP A CB   1 
ATOM 230  C CG   . ASP A 1 15 ? 7.176   -1.150  9.983   1.00 0.47 ? 15 ASP A CG   1 
ATOM 231  O OD1  . ASP A 1 15 ? 6.749   -0.261  9.264   1.00 1.17 ? 15 ASP A OD1  1 
ATOM 232  O OD2  . ASP A 1 15 ? 8.291   -1.632  9.882   1.00 1.19 ? 15 ASP A OD2  1 
ATOM 233  H H    . ASP A 1 15 ? 4.338   -3.368  12.223  1.00 0.46 ? 15 ASP A H    1 
ATOM 234  H HA   . ASP A 1 15 ? 4.602   -1.765  9.713   1.00 0.33 ? 15 ASP A HA   1 
ATOM 235  H HB2  . ASP A 1 15 ? 5.898   -0.871  11.686  1.00 0.46 ? 15 ASP A HB2  1 
ATOM 236  H HB3  . ASP A 1 15 ? 6.805   -2.385  11.697  1.00 0.50 ? 15 ASP A HB3  1 
ATOM 237  N N    . ASP A 1 16 ? 5.802   -4.711  10.524  1.00 0.38 ? 16 ASP A N    1 
ATOM 238  C CA   . ASP A 1 16 ? 6.281   -5.989  9.927   1.00 0.42 ? 16 ASP A CA   1 
ATOM 239  C C    . ASP A 1 16 ? 5.094   -6.762  9.353   1.00 0.39 ? 16 ASP A C    1 
ATOM 240  O O    . ASP A 1 16 ? 5.254   -7.636  8.526   1.00 0.41 ? 16 ASP A O    1 
ATOM 241  C CB   . ASP A 1 16 ? 6.970   -6.830  11.005  1.00 0.52 ? 16 ASP A CB   1 
ATOM 242  C CG   . ASP A 1 16 ? 8.455   -6.465  11.066  1.00 1.48 ? 16 ASP A CG   1 
ATOM 243  O OD1  . ASP A 1 16 ? 8.758   -5.379  11.532  1.00 2.17 ? 16 ASP A OD1  1 
ATOM 244  O OD2  . ASP A 1 16 ? 9.263   -7.277  10.646  1.00 2.24 ? 16 ASP A OD2  1 
ATOM 245  H H    . ASP A 1 16 ? 5.671   -4.637  11.493  1.00 0.41 ? 16 ASP A H    1 
ATOM 246  H HA   . ASP A 1 16 ? 6.982   -5.774  9.134   1.00 0.43 ? 16 ASP A HA   1 
ATOM 247  H HB2  . ASP A 1 16 ? 6.511   -6.634  11.962  1.00 0.98 ? 16 ASP A HB2  1 
ATOM 248  H HB3  . ASP A 1 16 ? 6.869   -7.877  10.765  1.00 1.05 ? 16 ASP A HB3  1 
ATOM 249  N N    . GLN A 1 17 ? 3.903   -6.443  9.779   1.00 0.39 ? 17 GLN A N    1 
ATOM 250  C CA   . GLN A 1 17 ? 2.712   -7.158  9.243   1.00 0.42 ? 17 GLN A CA   1 
ATOM 251  C C    . GLN A 1 17 ? 2.288   -6.496  7.937   1.00 0.37 ? 17 GLN A C    1 
ATOM 252  O O    . GLN A 1 17 ? 2.134   -7.142  6.920   1.00 0.41 ? 17 GLN A O    1 
ATOM 253  C CB   . GLN A 1 17 ? 1.567   -7.085  10.255  1.00 0.48 ? 17 GLN A CB   1 
ATOM 254  C CG   . GLN A 1 17 ? 1.848   -8.042  11.415  1.00 0.62 ? 17 GLN A CG   1 
ATOM 255  C CD   . GLN A 1 17 ? 0.746   -7.902  12.465  1.00 0.73 ? 17 GLN A CD   1 
ATOM 256  O OE1  . GLN A 1 17 ? 0.084   -8.864  12.801  1.00 1.35 ? 17 GLN A OE1  1 
ATOM 257  N NE2  . GLN A 1 17 ? 0.520   -6.734  13.002  1.00 0.62 ? 17 GLN A NE2  1 
ATOM 258  H H    . GLN A 1 17 ? 3.792   -5.732  10.444  1.00 0.40 ? 17 GLN A H    1 
ATOM 259  H HA   . GLN A 1 17 ? 2.966   -8.189  9.056   1.00 0.45 ? 17 GLN A HA   1 
ATOM 260  H HB2  . GLN A 1 17 ? 1.484   -6.076  10.633  1.00 0.44 ? 17 GLN A HB2  1 
ATOM 261  H HB3  . GLN A 1 17 ? 0.644   -7.366  9.773   1.00 0.52 ? 17 GLN A HB3  1 
ATOM 262  H HG2  . GLN A 1 17 ? 1.869   -9.057  11.046  1.00 0.76 ? 17 GLN A HG2  1 
ATOM 263  H HG3  . GLN A 1 17 ? 2.800   -7.800  11.860  1.00 0.66 ? 17 GLN A HG3  1 
ATOM 264  H HE21 . GLN A 1 17 ? 1.054   -5.959  12.731  1.00 0.98 ? 17 GLN A HE21 1 
ATOM 265  H HE22 . GLN A 1 17 ? -0.185  -6.633  13.674  1.00 0.65 ? 17 GLN A HE22 1 
ATOM 266  N N    . VAL A 1 18 ? 2.114   -5.206  7.955   1.00 0.32 ? 18 VAL A N    1 
ATOM 267  C CA   . VAL A 1 18 ? 1.716   -4.495  6.712   1.00 0.30 ? 18 VAL A CA   1 
ATOM 268  C C    . VAL A 1 18 ? 2.873   -4.568  5.715   1.00 0.26 ? 18 VAL A C    1 
ATOM 269  O O    . VAL A 1 18 ? 2.698   -4.385  4.527   1.00 0.28 ? 18 VAL A O    1 
ATOM 270  C CB   . VAL A 1 18 ? 1.408   -3.031  7.034   1.00 0.31 ? 18 VAL A CB   1 
ATOM 271  C CG1  . VAL A 1 18 ? 1.029   -2.293  5.748   1.00 0.33 ? 18 VAL A CG1  1 
ATOM 272  C CG2  . VAL A 1 18 ? 0.242   -2.962  8.023   1.00 0.41 ? 18 VAL A CG2  1 
ATOM 273  H H    . VAL A 1 18 ? 2.256   -4.707  8.784   1.00 0.34 ? 18 VAL A H    1 
ATOM 274  H HA   . VAL A 1 18 ? 0.841   -4.966  6.288   1.00 0.34 ? 18 VAL A HA   1 
ATOM 275  H HB   . VAL A 1 18 ? 2.281   -2.567  7.471   1.00 0.30 ? 18 VAL A HB   1 
ATOM 276  H HG11 . VAL A 1 18 ? 1.136   -2.959  4.906   1.00 1.00 ? 18 VAL A HG11 1 
ATOM 277  H HG12 . VAL A 1 18 ? 0.004   -1.959  5.815   1.00 1.06 ? 18 VAL A HG12 1 
ATOM 278  H HG13 . VAL A 1 18 ? 1.678   -1.439  5.619   1.00 1.05 ? 18 VAL A HG13 1 
ATOM 279  H HG21 . VAL A 1 18 ? -0.454  -3.761  7.814   1.00 1.10 ? 18 VAL A HG21 1 
ATOM 280  H HG22 . VAL A 1 18 ? 0.618   -3.065  9.030   1.00 1.13 ? 18 VAL A HG22 1 
ATOM 281  H HG23 . VAL A 1 18 ? -0.261  -2.011  7.921   1.00 0.95 ? 18 VAL A HG23 1 
ATOM 282  N N    . LYS A 1 19 ? 4.057   -4.844  6.195   1.00 0.26 ? 19 LYS A N    1 
ATOM 283  C CA   . LYS A 1 19 ? 5.228   -4.941  5.283   1.00 0.27 ? 19 LYS A CA   1 
ATOM 284  C C    . LYS A 1 19 ? 5.281   -6.345  4.682   1.00 0.29 ? 19 LYS A C    1 
ATOM 285  O O    . LYS A 1 19 ? 5.365   -6.515  3.482   1.00 0.30 ? 19 LYS A O    1 
ATOM 286  C CB   . LYS A 1 19 ? 6.513   -4.675  6.071   1.00 0.32 ? 19 LYS A CB   1 
ATOM 287  C CG   . LYS A 1 19 ? 7.724   -4.975  5.185   1.00 0.37 ? 19 LYS A CG   1 
ATOM 288  C CD   . LYS A 1 19 ? 8.918   -4.136  5.646   1.00 0.64 ? 19 LYS A CD   1 
ATOM 289  C CE   . LYS A 1 19 ? 10.217  -4.852  5.272   1.00 1.19 ? 19 LYS A CE   1 
ATOM 290  N NZ   . LYS A 1 19 ? 11.235  -4.624  6.336   1.00 1.79 ? 19 LYS A NZ   1 
ATOM 291  H H    . LYS A 1 19 ? 4.172   -4.994  7.157   1.00 0.29 ? 19 LYS A H    1 
ATOM 292  H HA   . LYS A 1 19 ? 5.132   -4.211  4.491   1.00 0.27 ? 19 LYS A HA   1 
ATOM 293  H HB2  . LYS A 1 19 ? 6.539   -3.641  6.381   1.00 0.34 ? 19 LYS A HB2  1 
ATOM 294  H HB3  . LYS A 1 19 ? 6.540   -5.313  6.942   1.00 0.36 ? 19 LYS A HB3  1 
ATOM 295  H HG2  . LYS A 1 19 ? 7.972   -6.025  5.259   1.00 0.49 ? 19 LYS A HG2  1 
ATOM 296  H HG3  . LYS A 1 19 ? 7.490   -4.731  4.160   1.00 0.46 ? 19 LYS A HG3  1 
ATOM 297  H HD2  . LYS A 1 19 ? 8.885   -3.170  5.164   1.00 0.92 ? 19 LYS A HD2  1 
ATOM 298  H HD3  . LYS A 1 19 ? 8.876   -4.007  6.717   1.00 1.22 ? 19 LYS A HD3  1 
ATOM 299  H HE2  . LYS A 1 19 ? 10.029  -5.911  5.174   1.00 1.78 ? 19 LYS A HE2  1 
ATOM 300  H HE3  . LYS A 1 19 ? 10.584  -4.464  4.333   1.00 1.74 ? 19 LYS A HE3  1 
ATOM 301  H HZ1  . LYS A 1 19 ? 10.863  -4.953  7.249   1.00 2.13 ? 19 LYS A HZ1  1 
ATOM 302  H HZ2  . LYS A 1 19 ? 12.102  -5.151  6.103   1.00 2.38 ? 19 LYS A HZ2  1 
ATOM 303  H HZ3  . LYS A 1 19 ? 11.450  -3.609  6.398   1.00 2.17 ? 19 LYS A HZ3  1 
ATOM 304  N N    . GLU A 1 20 ? 5.225   -7.356  5.509   1.00 0.33 ? 20 GLU A N    1 
ATOM 305  C CA   . GLU A 1 20 ? 5.267   -8.750  4.983   1.00 0.38 ? 20 GLU A CA   1 
ATOM 306  C C    . GLU A 1 20 ? 4.159   -8.936  3.944   1.00 0.35 ? 20 GLU A C    1 
ATOM 307  O O    . GLU A 1 20 ? 4.193   -9.848  3.142   1.00 0.40 ? 20 GLU A O    1 
ATOM 308  C CB   . GLU A 1 20 ? 5.058   -9.736  6.135   1.00 0.46 ? 20 GLU A CB   1 
ATOM 309  C CG   . GLU A 1 20 ? 4.774   -11.129 5.569   1.00 1.38 ? 20 GLU A CG   1 
ATOM 310  C CD   . GLU A 1 20 ? 5.545   -12.175 6.376   1.00 1.87 ? 20 GLU A CD   1 
ATOM 311  O OE1  . GLU A 1 20 ? 6.732   -11.980 6.580   1.00 2.56 ? 20 GLU A OE1  1 
ATOM 312  O OE2  . GLU A 1 20 ? 4.936   -13.154 6.775   1.00 2.27 ? 20 GLU A OE2  1 
ATOM 313  H H    . GLU A 1 20 ? 5.153   -7.196  6.475   1.00 0.35 ? 20 GLU A H    1 
ATOM 314  H HA   . GLU A 1 20 ? 6.226   -8.931  4.522   1.00 0.39 ? 20 GLU A HA   1 
ATOM 315  H HB2  . GLU A 1 20 ? 5.949   -9.770  6.746   1.00 1.21 ? 20 GLU A HB2  1 
ATOM 316  H HB3  . GLU A 1 20 ? 4.221   -9.416  6.736   1.00 0.97 ? 20 GLU A HB3  1 
ATOM 317  H HG2  . GLU A 1 20 ? 3.714   -11.334 5.634   1.00 1.97 ? 20 GLU A HG2  1 
ATOM 318  H HG3  . GLU A 1 20 ? 5.088   -11.171 4.537   1.00 2.05 ? 20 GLU A HG3  1 
ATOM 319  N N    . LEU A 1 21 ? 3.180   -8.072  3.945   1.00 0.32 ? 21 LEU A N    1 
ATOM 320  C CA   . LEU A 1 21 ? 2.077   -8.193  2.955   1.00 0.34 ? 21 LEU A CA   1 
ATOM 321  C C    . LEU A 1 21 ? 2.557   -7.639  1.615   1.00 0.30 ? 21 LEU A C    1 
ATOM 322  O O    . LEU A 1 21 ? 2.408   -8.262  0.582   1.00 0.34 ? 21 LEU A O    1 
ATOM 323  C CB   . LEU A 1 21 ? 0.866   -7.391  3.437   1.00 0.37 ? 21 LEU A CB   1 
ATOM 324  C CG   . LEU A 1 21 ? 0.341   -7.995  4.742   1.00 0.41 ? 21 LEU A CG   1 
ATOM 325  C CD1  . LEU A 1 21 ? -0.517  -6.962  5.475   1.00 0.49 ? 21 LEU A CD1  1 
ATOM 326  C CD2  . LEU A 1 21 ? -0.506  -9.229  4.428   1.00 0.44 ? 21 LEU A CD2  1 
ATOM 327  H H    . LEU A 1 21 ? 3.176   -7.341  4.594   1.00 0.32 ? 21 LEU A H    1 
ATOM 328  H HA   . LEU A 1 21 ? 1.803   -9.231  2.840   1.00 0.40 ? 21 LEU A HA   1 
ATOM 329  H HB2  . LEU A 1 21 ? 1.158   -6.365  3.607   1.00 0.36 ? 21 LEU A HB2  1 
ATOM 330  H HB3  . LEU A 1 21 ? 0.088   -7.425  2.690   1.00 0.39 ? 21 LEU A HB3  1 
ATOM 331  H HG   . LEU A 1 21 ? 1.175   -8.277  5.367   1.00 0.43 ? 21 LEU A HG   1 
ATOM 332  H HD11 . LEU A 1 21 ? -0.689  -6.112  4.831   1.00 1.24 ? 21 LEU A HD11 1 
ATOM 333  H HD12 . LEU A 1 21 ? -1.465  -7.407  5.743   1.00 1.07 ? 21 LEU A HD12 1 
ATOM 334  H HD13 . LEU A 1 21 ? -0.006  -6.638  6.369   1.00 1.07 ? 21 LEU A HD13 1 
ATOM 335  H HD21 . LEU A 1 21 ? -1.004  -9.092  3.479   1.00 0.93 ? 21 LEU A HD21 1 
ATOM 336  H HD22 . LEU A 1 21 ? 0.130   -10.100 4.378   1.00 1.26 ? 21 LEU A HD22 1 
ATOM 337  H HD23 . LEU A 1 21 ? -1.244  -9.366  5.204   1.00 1.10 ? 21 LEU A HD23 1 
ATOM 338  N N    . LEU A 1 22 ? 3.146   -6.475  1.627   1.00 0.27 ? 22 LEU A N    1 
ATOM 339  C CA   . LEU A 1 22 ? 3.650   -5.884  0.357   1.00 0.27 ? 22 LEU A CA   1 
ATOM 340  C C    . LEU A 1 22 ? 5.060   -6.410  0.089   1.00 0.24 ? 22 LEU A C    1 
ATOM 341  O O    . LEU A 1 22 ? 5.758   -5.930  -0.780  1.00 0.28 ? 22 LEU A O    1 
ATOM 342  C CB   . LEU A 1 22 ? 3.690   -4.359  0.478   1.00 0.31 ? 22 LEU A CB   1 
ATOM 343  C CG   . LEU A 1 22 ? 2.282   -3.833  0.757   1.00 0.44 ? 22 LEU A CG   1 
ATOM 344  C CD1  . LEU A 1 22 ? 2.368   -2.400  1.285   1.00 0.48 ? 22 LEU A CD1  1 
ATOM 345  C CD2  . LEU A 1 22 ? 1.465   -3.852  -0.537  1.00 0.64 ? 22 LEU A CD2  1 
ATOM 346  H H    . LEU A 1 22 ? 3.264   -5.994  2.473   1.00 0.26 ? 22 LEU A H    1 
ATOM 347  H HA   . LEU A 1 22 ? 2.999   -6.166  -0.456  1.00 0.32 ? 22 LEU A HA   1 
ATOM 348  H HB2  . LEU A 1 22 ? 4.348   -4.079  1.288   1.00 0.34 ? 22 LEU A HB2  1 
ATOM 349  H HB3  . LEU A 1 22 ? 4.054   -3.935  -0.445  1.00 0.34 ? 22 LEU A HB3  1 
ATOM 350  H HG   . LEU A 1 22 ? 1.805   -4.460  1.495   1.00 0.59 ? 22 LEU A HG   1 
ATOM 351  H HD11 . LEU A 1 22 ? 2.982   -1.808  0.622   1.00 0.91 ? 22 LEU A HD11 1 
ATOM 352  H HD12 . LEU A 1 22 ? 1.376   -1.975  1.333   1.00 1.26 ? 22 LEU A HD12 1 
ATOM 353  H HD13 . LEU A 1 22 ? 2.806   -2.406  2.272   1.00 1.16 ? 22 LEU A HD13 1 
ATOM 354  H HD21 . LEU A 1 22 ? 2.111   -4.093  -1.368  1.00 1.28 ? 22 LEU A HD21 1 
ATOM 355  H HD22 . LEU A 1 22 ? 0.685   -4.594  -0.460  1.00 1.13 ? 22 LEU A HD22 1 
ATOM 356  H HD23 . LEU A 1 22 ? 1.022   -2.879  -0.697  1.00 1.10 ? 22 LEU A HD23 1 
ATOM 357  N N    . THR A 1 23 ? 5.487   -7.396  0.832   1.00 0.23 ? 23 THR A N    1 
ATOM 358  C CA   . THR A 1 23 ? 6.852   -7.951  0.614   1.00 0.23 ? 23 THR A CA   1 
ATOM 359  C C    . THR A 1 23 ? 6.747   -9.357  0.022   1.00 0.24 ? 23 THR A C    1 
ATOM 360  O O    . THR A 1 23 ? 7.739   -10.023 -0.199  1.00 0.32 ? 23 THR A O    1 
ATOM 361  C CB   . THR A 1 23 ? 7.602   -8.013  1.948   1.00 0.30 ? 23 THR A CB   1 
ATOM 362  O OG1  . THR A 1 23 ? 8.909   -7.482  1.779   1.00 0.91 ? 23 THR A OG1  1 
ATOM 363  C CG2  . THR A 1 23 ? 7.696   -9.465  2.417   1.00 0.82 ? 23 THR A CG2  1 
ATOM 364  H H    . THR A 1 23 ? 4.911   -7.772  1.533   1.00 0.26 ? 23 THR A H    1 
ATOM 365  H HA   . THR A 1 23 ? 7.391   -7.314  -0.073  1.00 0.25 ? 23 THR A HA   1 
ATOM 366  H HB   . THR A 1 23 ? 7.071   -7.434  2.688   1.00 0.60 ? 23 THR A HB   1 
ATOM 367  H HG1  . THR A 1 23 ? 8.857   -6.529  1.876   1.00 0.86 ? 23 THR A HG1  1 
ATOM 368  H HG21 . THR A 1 23 ? 6.726   -9.934  2.336   1.00 1.37 ? 23 THR A HG21 1 
ATOM 369  H HG22 . THR A 1 23 ? 8.407   -9.998  1.803   1.00 1.46 ? 23 THR A HG22 1 
ATOM 370  H HG23 . THR A 1 23 ? 8.023   -9.489  3.446   1.00 1.42 ? 23 THR A HG23 1 
ATOM 371  N N    . SER A 1 24 ? 5.553   -9.815  -0.240  1.00 0.27 ? 24 SER A N    1 
ATOM 372  C CA   . SER A 1 24 ? 5.391   -11.178 -0.823  1.00 0.33 ? 24 SER A CA   1 
ATOM 373  C C    . SER A 1 24 ? 5.909   -11.169 -2.261  1.00 0.31 ? 24 SER A C    1 
ATOM 374  O O    . SER A 1 24 ? 6.289   -12.188 -2.802  1.00 0.37 ? 24 SER A O    1 
ATOM 375  C CB   . SER A 1 24 ? 3.912   -11.565 -0.816  1.00 0.40 ? 24 SER A CB   1 
ATOM 376  O OG   . SER A 1 24 ? 3.769   -12.862 -0.250  1.00 1.27 ? 24 SER A OG   1 
ATOM 377  H H    . SER A 1 24 ? 4.764   -9.264  -0.060  1.00 0.32 ? 24 SER A H    1 
ATOM 378  H HA   . SER A 1 24 ? 5.955   -11.890 -0.239  1.00 0.38 ? 24 SER A HA   1 
ATOM 379  H HB2  . SER A 1 24 ? 3.355   -10.858 -0.224  1.00 1.08 ? 24 SER A HB2  1 
ATOM 380  H HB3  . SER A 1 24 ? 3.534   -11.560 -1.830  1.00 1.11 ? 24 SER A HB3  1 
ATOM 381  H HG   . SER A 1 24 ? 2.985   -13.266 -0.629  1.00 1.71 ? 24 SER A HG   1 
ATOM 382  N N    . PHE A 1 25 ? 5.929   -10.022 -2.882  1.00 0.28 ? 25 PHE A N    1 
ATOM 383  C CA   . PHE A 1 25 ? 6.421   -9.935  -4.281  1.00 0.31 ? 25 PHE A CA   1 
ATOM 384  C C    . PHE A 1 25 ? 7.930   -9.689  -4.275  1.00 0.32 ? 25 PHE A C    1 
ATOM 385  O O    . PHE A 1 25 ? 8.631   -10.048 -5.200  1.00 0.58 ? 25 PHE A O    1 
ATOM 386  C CB   . PHE A 1 25 ? 5.718   -8.779  -4.984  1.00 0.33 ? 25 PHE A CB   1 
ATOM 387  C CG   . PHE A 1 25 ? 4.293   -9.170  -5.293  1.00 0.36 ? 25 PHE A CG   1 
ATOM 388  C CD1  . PHE A 1 25 ? 3.994   -9.845  -6.483  1.00 1.07 ? 25 PHE A CD1  1 
ATOM 389  C CD2  . PHE A 1 25 ? 3.272   -8.860  -4.388  1.00 1.27 ? 25 PHE A CD2  1 
ATOM 390  C CE1  . PHE A 1 25 ? 2.673   -10.209 -6.766  1.00 1.06 ? 25 PHE A CE1  1 
ATOM 391  C CE2  . PHE A 1 25 ? 1.951   -9.225  -4.672  1.00 1.34 ? 25 PHE A CE2  1 
ATOM 392  C CZ   . PHE A 1 25 ? 1.651   -9.899  -5.861  1.00 0.53 ? 25 PHE A CZ   1 
ATOM 393  H H    . PHE A 1 25 ? 5.618   -9.213  -2.425  1.00 0.27 ? 25 PHE A H    1 
ATOM 394  H HA   . PHE A 1 25 ? 6.206   -10.855 -4.799  1.00 0.34 ? 25 PHE A HA   1 
ATOM 395  H HB2  . PHE A 1 25 ? 5.723   -7.909  -4.343  1.00 0.36 ? 25 PHE A HB2  1 
ATOM 396  H HB3  . PHE A 1 25 ? 6.235   -8.553  -5.898  1.00 0.38 ? 25 PHE A HB3  1 
ATOM 397  H HD1  . PHE A 1 25 ? 4.782   -10.084 -7.181  1.00 1.92 ? 25 PHE A HD1  1 
ATOM 398  H HD2  . PHE A 1 25 ? 3.504   -8.339  -3.472  1.00 2.09 ? 25 PHE A HD2  1 
ATOM 399  H HE1  . PHE A 1 25 ? 2.442   -10.730 -7.684  1.00 1.86 ? 25 PHE A HE1  1 
ATOM 400  H HE2  . PHE A 1 25 ? 1.163   -8.985  -3.973  1.00 2.20 ? 25 PHE A HE2  1 
ATOM 401  H HZ   . PHE A 1 25 ? 0.631   -10.180 -6.079  1.00 0.61 ? 25 PHE A HZ   1 
ATOM 402  N N    . GLY A 1 26 ? 8.438   -9.080  -3.238  1.00 0.26 ? 26 GLY A N    1 
ATOM 403  C CA   . GLY A 1 26 ? 9.903   -8.812  -3.175  1.00 0.30 ? 26 GLY A CA   1 
ATOM 404  C C    . GLY A 1 26 ? 10.196  -7.838  -2.034  1.00 0.25 ? 26 GLY A C    1 
ATOM 405  O O    . GLY A 1 26 ? 9.316   -7.489  -1.273  1.00 0.23 ? 26 GLY A O    1 
ATOM 406  H H    . GLY A 1 26 ? 7.857   -8.797  -2.501  1.00 0.41 ? 26 GLY A H    1 
ATOM 407  H HA2  . GLY A 1 26 ? 10.430  -9.740  -3.003  1.00 0.34 ? 26 GLY A HA2  1 
ATOM 408  H HA3  . GLY A 1 26 ? 10.231  -8.379  -4.107  1.00 0.33 ? 26 GLY A HA3  1 
ATOM 409  N N    . PRO A 1 27 ? 11.433  -7.428  -1.957  1.00 0.25 ? 27 PRO A N    1 
ATOM 410  C CA   . PRO A 1 27 ? 11.899  -6.486  -0.925  1.00 0.23 ? 27 PRO A CA   1 
ATOM 411  C C    . PRO A 1 27 ? 11.478  -5.057  -1.284  1.00 0.21 ? 27 PRO A C    1 
ATOM 412  O O    . PRO A 1 27 ? 11.423  -4.689  -2.441  1.00 0.39 ? 27 PRO A O    1 
ATOM 413  C CB   . PRO A 1 27 ? 13.422  -6.641  -0.963  1.00 0.28 ? 27 PRO A CB   1 
ATOM 414  C CG   . PRO A 1 27 ? 13.768  -7.212  -2.359  1.00 0.31 ? 27 PRO A CG   1 
ATOM 415  C CD   . PRO A 1 27 ? 12.482  -7.868  -2.897  1.00 0.29 ? 27 PRO A CD   1 
ATOM 416  H HA   . PRO A 1 27 ? 11.522  -6.765  0.045   1.00 0.23 ? 27 PRO A HA   1 
ATOM 417  H HB2  . PRO A 1 27 ? 13.895  -5.678  -0.824  1.00 0.28 ? 27 PRO A HB2  1 
ATOM 418  H HB3  . PRO A 1 27 ? 13.746  -7.329  -0.198  1.00 0.31 ? 27 PRO A HB3  1 
ATOM 419  H HG2  . PRO A 1 27 ? 14.085  -6.415  -3.017  1.00 0.32 ? 27 PRO A HG2  1 
ATOM 420  H HG3  . PRO A 1 27 ? 14.546  -7.955  -2.274  1.00 0.35 ? 27 PRO A HG3  1 
ATOM 421  H HD2  . PRO A 1 27 ? 12.269  -7.515  -3.898  1.00 0.31 ? 27 PRO A HD2  1 
ATOM 422  H HD3  . PRO A 1 27 ? 12.568  -8.943  -2.883  1.00 0.32 ? 27 PRO A HD3  1 
ATOM 423  N N    . LEU A 1 28 ? 11.174  -4.252  -0.303  1.00 0.20 ? 28 LEU A N    1 
ATOM 424  C CA   . LEU A 1 28 ? 10.752  -2.851  -0.593  1.00 0.18 ? 28 LEU A CA   1 
ATOM 425  C C    . LEU A 1 28 ? 11.893  -1.888  -0.272  1.00 0.19 ? 28 LEU A C    1 
ATOM 426  O O    . LEU A 1 28 ? 12.507  -1.965  0.773   1.00 0.21 ? 28 LEU A O    1 
ATOM 427  C CB   . LEU A 1 28 ? 9.541   -2.491  0.272   1.00 0.17 ? 28 LEU A CB   1 
ATOM 428  C CG   . LEU A 1 28 ? 8.480   -3.589  0.172   1.00 0.20 ? 28 LEU A CG   1 
ATOM 429  C CD1  . LEU A 1 28 ? 7.885   -3.848  1.556   1.00 0.22 ? 28 LEU A CD1  1 
ATOM 430  C CD2  . LEU A 1 28 ? 7.364   -3.133  -0.771  1.00 0.23 ? 28 LEU A CD2  1 
ATOM 431  H H    . LEU A 1 28 ? 11.221  -4.567  0.623   1.00 0.36 ? 28 LEU A H    1 
ATOM 432  H HA   . LEU A 1 28 ? 10.488  -2.760  -1.632  1.00 0.18 ? 28 LEU A HA   1 
ATOM 433  H HB2  . LEU A 1 28 ? 9.852   -2.383  1.300   1.00 0.18 ? 28 LEU A HB2  1 
ATOM 434  H HB3  . LEU A 1 28 ? 9.122   -1.559  -0.077  1.00 0.18 ? 28 LEU A HB3  1 
ATOM 435  H HG   . LEU A 1 28 ? 8.930   -4.495  -0.207  1.00 0.22 ? 28 LEU A HG   1 
ATOM 436  H HD11 . LEU A 1 28 ? 8.660   -3.764  2.303   1.00 0.98 ? 28 LEU A HD11 1 
ATOM 437  H HD12 . LEU A 1 28 ? 7.111   -3.122  1.757   1.00 1.04 ? 28 LEU A HD12 1 
ATOM 438  H HD13 . LEU A 1 28 ? 7.463   -4.842  1.585   1.00 1.01 ? 28 LEU A HD13 1 
ATOM 439  H HD21 . LEU A 1 28 ? 7.791   -2.820  -1.712  1.00 0.97 ? 28 LEU A HD21 1 
ATOM 440  H HD22 . LEU A 1 28 ? 6.679   -3.951  -0.940  1.00 0.98 ? 28 LEU A HD22 1 
ATOM 441  H HD23 . LEU A 1 28 ? 6.832   -2.305  -0.324  1.00 1.04 ? 28 LEU A HD23 1 
ATOM 442  N N    . LYS A 1 29 ? 12.170  -0.967  -1.154  1.00 0.19 ? 29 LYS A N    1 
ATOM 443  C CA   . LYS A 1 29 ? 13.254  0.011   -0.885  1.00 0.22 ? 29 LYS A CA   1 
ATOM 444  C C    . LYS A 1 29 ? 12.711  1.084   0.059   1.00 0.21 ? 29 LYS A C    1 
ATOM 445  O O    . LYS A 1 29 ? 13.454  1.841   0.650   1.00 0.26 ? 29 LYS A O    1 
ATOM 446  C CB   . LYS A 1 29 ? 13.700  0.660   -2.198  1.00 0.26 ? 29 LYS A CB   1 
ATOM 447  C CG   . LYS A 1 29 ? 14.683  1.795   -1.899  1.00 0.34 ? 29 LYS A CG   1 
ATOM 448  C CD   . LYS A 1 29 ? 15.547  2.062   -3.132  1.00 1.12 ? 29 LYS A CD   1 
ATOM 449  C CE   . LYS A 1 29 ? 16.696  3.002   -2.758  1.00 1.98 ? 29 LYS A CE   1 
ATOM 450  N NZ   . LYS A 1 29 ? 17.123  3.770   -3.961  1.00 2.71 ? 29 LYS A NZ   1 
ATOM 451  H H    . LYS A 1 29 ? 11.655  -0.911  -1.985  1.00 0.19 ? 29 LYS A H    1 
ATOM 452  H HA   . LYS A 1 29 ? 14.091  -0.491  -0.423  1.00 0.25 ? 29 LYS A HA   1 
ATOM 453  H HB2  . LYS A 1 29 ? 14.183  -0.081  -2.819  1.00 0.28 ? 29 LYS A HB2  1 
ATOM 454  H HB3  . LYS A 1 29 ? 12.840  1.058   -2.714  1.00 0.33 ? 29 LYS A HB3  1 
ATOM 455  H HG2  . LYS A 1 29 ? 14.131  2.688   -1.643  1.00 0.91 ? 29 LYS A HG2  1 
ATOM 456  H HG3  . LYS A 1 29 ? 15.317  1.513   -1.071  1.00 0.90 ? 29 LYS A HG3  1 
ATOM 457  H HD2  . LYS A 1 29 ? 15.949  1.129   -3.500  1.00 1.71 ? 29 LYS A HD2  1 
ATOM 458  H HD3  . LYS A 1 29 ? 14.945  2.523   -3.901  1.00 1.66 ? 29 LYS A HD3  1 
ATOM 459  H HE2  . LYS A 1 29 ? 16.365  3.687   -1.991  1.00 2.41 ? 29 LYS A HE2  1 
ATOM 460  H HE3  . LYS A 1 29 ? 17.529  2.421   -2.387  1.00 2.52 ? 29 LYS A HE3  1 
ATOM 461  H HZ1  . LYS A 1 29 ? 17.110  3.145   -4.793  1.00 3.22 ? 29 LYS A HZ1  1 
ATOM 462  H HZ2  . LYS A 1 29 ? 16.471  4.565   -4.114  1.00 3.03 ? 29 LYS A HZ2  1 
ATOM 463  H HZ3  . LYS A 1 29 ? 18.085  4.137   -3.816  1.00 3.01 ? 29 LYS A HZ3  1 
ATOM 464  N N    . ALA A 1 30 ? 11.413  1.146   0.211   1.00 0.18 ? 30 ALA A N    1 
ATOM 465  C CA   . ALA A 1 30 ? 10.820  2.164   1.126   1.00 0.18 ? 30 ALA A CA   1 
ATOM 466  C C    . ALA A 1 30 ? 9.528   1.616   1.733   1.00 0.15 ? 30 ALA A C    1 
ATOM 467  O O    . ALA A 1 30 ? 8.897   0.736   1.185   1.00 0.18 ? 30 ALA A O    1 
ATOM 468  C CB   . ALA A 1 30 ? 10.511  3.443   0.348   1.00 0.21 ? 30 ALA A CB   1 
ATOM 469  H H    . ALA A 1 30 ? 10.828  0.517   -0.276  1.00 0.17 ? 30 ALA A H    1 
ATOM 470  H HA   . ALA A 1 30 ? 11.522  2.385   1.917   1.00 0.20 ? 30 ALA A HA   1 
ATOM 471  H HB1  . ALA A 1 30 ? 10.191  3.190   -0.649  1.00 1.03 ? 30 ALA A HB1  1 
ATOM 472  H HB2  . ALA A 1 30 ? 9.725   3.988   0.850   1.00 0.95 ? 30 ALA A HB2  1 
ATOM 473  H HB3  . ALA A 1 30 ? 11.398  4.057   0.297   1.00 1.11 ? 30 ALA A HB3  1 
ATOM 474  N N    . PHE A 1 31 ? 9.132   2.130   2.864   1.00 0.17 ? 31 PHE A N    1 
ATOM 475  C CA   . PHE A 1 31 ? 7.883   1.639   3.505   1.00 0.17 ? 31 PHE A CA   1 
ATOM 476  C C    . PHE A 1 31 ? 7.344   2.709   4.458   1.00 0.22 ? 31 PHE A C    1 
ATOM 477  O O    . PHE A 1 31 ? 8.090   3.478   5.030   1.00 0.56 ? 31 PHE A O    1 
ATOM 478  C CB   . PHE A 1 31 ? 8.185   0.363   4.291   1.00 0.22 ? 31 PHE A CB   1 
ATOM 479  C CG   . PHE A 1 31 ? 6.901   -0.200  4.847   1.00 0.22 ? 31 PHE A CG   1 
ATOM 480  C CD1  . PHE A 1 31 ? 5.760   -0.271  4.040   1.00 1.22 ? 31 PHE A CD1  1 
ATOM 481  C CD2  . PHE A 1 31 ? 6.852   -0.652  6.170   1.00 1.24 ? 31 PHE A CD2  1 
ATOM 482  C CE1  . PHE A 1 31 ? 4.568   -0.794  4.557   1.00 1.26 ? 31 PHE A CE1  1 
ATOM 483  C CE2  . PHE A 1 31 ? 5.662   -1.176  6.688   1.00 1.25 ? 31 PHE A CE2  1 
ATOM 484  C CZ   . PHE A 1 31 ? 4.519   -1.246  5.881   1.00 0.40 ? 31 PHE A CZ   1 
ATOM 485  H H    . PHE A 1 31 ? 9.655   2.838   3.292   1.00 0.22 ? 31 PHE A H    1 
ATOM 486  H HA   . PHE A 1 31 ? 7.145   1.429   2.745   1.00 0.19 ? 31 PHE A HA   1 
ATOM 487  H HB2  . PHE A 1 31 ? 8.644   -0.362  3.636   1.00 0.32 ? 31 PHE A HB2  1 
ATOM 488  H HB3  . PHE A 1 31 ? 8.858   0.592   5.103   1.00 0.27 ? 31 PHE A HB3  1 
ATOM 489  H HD1  . PHE A 1 31 ? 5.798   0.079   3.018   1.00 2.13 ? 31 PHE A HD1  1 
ATOM 490  H HD2  . PHE A 1 31 ? 7.735   -0.598  6.791   1.00 2.17 ? 31 PHE A HD2  1 
ATOM 491  H HE1  . PHE A 1 31 ? 3.686   -0.848  3.935   1.00 2.18 ? 31 PHE A HE1  1 
ATOM 492  H HE2  . PHE A 1 31 ? 5.624   -1.524  7.710   1.00 2.16 ? 31 PHE A HE2  1 
ATOM 493  H HZ   . PHE A 1 31 ? 3.600   -1.650  6.281   1.00 0.49 ? 31 PHE A HZ   1 
ATOM 494  N N    . ASN A 1 32 ? 6.052   2.762   4.631   1.00 0.37 ? 32 ASN A N    1 
ATOM 495  C CA   . ASN A 1 32 ? 5.460   3.777   5.544   1.00 0.40 ? 32 ASN A CA   1 
ATOM 496  C C    . ASN A 1 32 ? 4.017   3.381   5.863   1.00 0.38 ? 32 ASN A C    1 
ATOM 497  O O    . ASN A 1 32 ? 3.444   2.529   5.214   1.00 0.66 ? 32 ASN A O    1 
ATOM 498  C CB   . ASN A 1 32 ? 5.475   5.147   4.862   1.00 0.50 ? 32 ASN A CB   1 
ATOM 499  C CG   . ASN A 1 32 ? 4.711   6.156   5.721   1.00 0.58 ? 32 ASN A CG   1 
ATOM 500  O OD1  . ASN A 1 32 ? 5.085   6.421   6.845   1.00 0.69 ? 32 ASN A OD1  1 
ATOM 501  N ND2  . ASN A 1 32 ? 3.648   6.735   5.233   1.00 0.67 ? 32 ASN A ND2  1 
ATOM 502  H H    . ASN A 1 32 ? 5.471   2.131   4.158   1.00 0.66 ? 32 ASN A H    1 
ATOM 503  H HA   . ASN A 1 32 ? 6.033   3.821   6.458   1.00 0.45 ? 32 ASN A HA   1 
ATOM 504  H HB2  . ASN A 1 32 ? 6.497   5.477   4.742   1.00 0.57 ? 32 ASN A HB2  1 
ATOM 505  H HB3  . ASN A 1 32 ? 5.005   5.072   3.893   1.00 0.54 ? 32 ASN A HB3  1 
ATOM 506  H HD21 . ASN A 1 32 ? 3.346   6.521   4.325   1.00 0.73 ? 32 ASN A HD21 1 
ATOM 507  H HD22 . ASN A 1 32 ? 3.151   7.382   5.773   1.00 0.75 ? 32 ASN A HD22 1 
ATOM 508  N N    . LEU A 1 33 ? 3.423   3.989   6.852   1.00 0.36 ? 33 LEU A N    1 
ATOM 509  C CA   . LEU A 1 33 ? 2.017   3.640   7.201   1.00 0.32 ? 33 LEU A CA   1 
ATOM 510  C C    . LEU A 1 33 ? 1.223   4.921   7.450   1.00 0.33 ? 33 LEU A C    1 
ATOM 511  O O    . LEU A 1 33 ? 1.774   5.947   7.795   1.00 0.43 ? 33 LEU A O    1 
ATOM 512  C CB   . LEU A 1 33 ? 1.999   2.774   8.462   1.00 0.40 ? 33 LEU A CB   1 
ATOM 513  C CG   . LEU A 1 33 ? 2.822   1.508   8.225   1.00 0.53 ? 33 LEU A CG   1 
ATOM 514  C CD1  . LEU A 1 33 ? 3.815   1.323   9.374   1.00 1.16 ? 33 LEU A CD1  1 
ATOM 515  C CD2  . LEU A 1 33 ? 1.889   0.298   8.160   1.00 1.11 ? 33 LEU A CD2  1 
ATOM 516  H H    . LEU A 1 33 ? 3.900   4.675   7.365   1.00 0.58 ? 33 LEU A H    1 
ATOM 517  H HA   . LEU A 1 33 ? 1.569   3.095   6.383   1.00 0.32 ? 33 LEU A HA   1 
ATOM 518  H HB2  . LEU A 1 33 ? 2.422   3.331   9.286   1.00 0.47 ? 33 LEU A HB2  1 
ATOM 519  H HB3  . LEU A 1 33 ? 0.982   2.501   8.698   1.00 0.51 ? 33 LEU A HB3  1 
ATOM 520  H HG   . LEU A 1 33 ? 3.363   1.600   7.295   1.00 0.98 ? 33 LEU A HG   1 
ATOM 521  H HD11 . LEU A 1 33 ? 3.904   2.247   9.925   1.00 1.74 ? 33 LEU A HD11 1 
ATOM 522  H HD12 . LEU A 1 33 ? 3.462   0.543   10.033  1.00 1.72 ? 33 LEU A HD12 1 
ATOM 523  H HD13 . LEU A 1 33 ? 4.780   1.048   8.976   1.00 1.69 ? 33 LEU A HD13 1 
ATOM 524  H HD21 . LEU A 1 33 ? 1.350   0.209   9.092   1.00 1.60 ? 33 LEU A HD21 1 
ATOM 525  H HD22 . LEU A 1 33 ? 1.187   0.428   7.350   1.00 1.83 ? 33 LEU A HD22 1 
ATOM 526  H HD23 . LEU A 1 33 ? 2.470   -0.596  7.993   1.00 1.53 ? 33 LEU A HD23 1 
ATOM 527  N N    . VAL A 1 34 ? -0.071  4.875   7.272   1.00 0.34 ? 34 VAL A N    1 
ATOM 528  C CA   . VAL A 1 34 ? -0.891  6.100   7.498   1.00 0.41 ? 34 VAL A CA   1 
ATOM 529  C C    . VAL A 1 34 ? -2.116  5.766   8.353   1.00 0.48 ? 34 VAL A C    1 
ATOM 530  O O    . VAL A 1 34 ? -3.049  5.111   7.909   1.00 0.45 ? 34 VAL A O    1 
ATOM 531  C CB   . VAL A 1 34 ? -1.348  6.677   6.159   1.00 0.44 ? 34 VAL A CB   1 
ATOM 532  C CG1  . VAL A 1 34 ? -1.746  8.140   6.355   1.00 0.53 ? 34 VAL A CG1  1 
ATOM 533  C CG2  . VAL A 1 34 ? -0.204  6.594   5.148   1.00 0.57 ? 34 VAL A CG2  1 
ATOM 534  H H    . VAL A 1 34 ? -0.498  4.041   6.993   1.00 0.37 ? 34 VAL A H    1 
ATOM 535  H HA   . VAL A 1 34 ? -0.290  6.835   8.011   1.00 0.49 ? 34 VAL A HA   1 
ATOM 536  H HB   . VAL A 1 34 ? -2.198  6.118   5.796   1.00 0.46 ? 34 VAL A HB   1 
ATOM 537  H HG11 . VAL A 1 34 ? -1.212  8.548   7.200   1.00 1.08 ? 34 VAL A HG11 1 
ATOM 538  H HG12 . VAL A 1 34 ? -1.498  8.703   5.467   1.00 1.02 ? 34 VAL A HG12 1 
ATOM 539  H HG13 . VAL A 1 34 ? -2.809  8.203   6.535   1.00 1.33 ? 34 VAL A HG13 1 
ATOM 540  H HG21 . VAL A 1 34 ? 0.698   6.278   5.647   1.00 1.18 ? 34 VAL A HG21 1 
ATOM 541  H HG22 . VAL A 1 34 ? -0.457  5.882   4.376   1.00 1.03 ? 34 VAL A HG22 1 
ATOM 542  H HG23 . VAL A 1 34 ? -0.045  7.565   4.704   1.00 1.16 ? 34 VAL A HG23 1 
ATOM 543  N N    . LYS A 1 35 ? -2.113  6.229   9.577   1.00 0.75 ? 35 LYS A N    1 
ATOM 544  C CA   . LYS A 1 35 ? -3.257  5.979   10.499  1.00 0.93 ? 35 LYS A CA   1 
ATOM 545  C C    . LYS A 1 35 ? -3.204  7.013   11.630  1.00 1.39 ? 35 LYS A C    1 
ATOM 546  O O    . LYS A 1 35 ? -2.152  7.293   12.169  1.00 2.02 ? 35 LYS A O    1 
ATOM 547  C CB   . LYS A 1 35 ? -3.144  4.570   11.085  1.00 1.26 ? 35 LYS A CB   1 
ATOM 548  C CG   . LYS A 1 35 ? -1.677  4.264   11.392  1.00 1.67 ? 35 LYS A CG   1 
ATOM 549  C CD   . LYS A 1 35 ? -1.513  2.769   11.674  1.00 2.28 ? 35 LYS A CD   1 
ATOM 550  C CE   . LYS A 1 35 ? -0.167  2.524   12.357  1.00 2.97 ? 35 LYS A CE   1 
ATOM 551  N NZ   . LYS A 1 35 ? -0.291  1.382   13.306  1.00 3.65 ? 35 LYS A NZ   1 
ATOM 552  H H    . LYS A 1 35 ? -1.348  6.756   9.890   1.00 0.90 ? 35 LYS A H    1 
ATOM 553  H HA   . LYS A 1 35 ? -4.187  6.076   9.960   1.00 0.74 ? 35 LYS A HA   1 
ATOM 554  H HB2  . LYS A 1 35 ? -3.723  4.510   11.994  1.00 1.85 ? 35 LYS A HB2  1 
ATOM 555  H HB3  . LYS A 1 35 ? -3.517  3.851   10.371  1.00 1.68 ? 35 LYS A HB3  1 
ATOM 556  H HG2  . LYS A 1 35 ? -1.066  4.540   10.545  1.00 2.13 ? 35 LYS A HG2  1 
ATOM 557  H HG3  . LYS A 1 35 ? -1.366  4.827   12.259  1.00 2.15 ? 35 LYS A HG3  1 
ATOM 558  H HD2  . LYS A 1 35 ? -2.313  2.435   12.320  1.00 2.72 ? 35 LYS A HD2  1 
ATOM 559  H HD3  . LYS A 1 35 ? -1.548  2.222   10.744  1.00 2.54 ? 35 LYS A HD3  1 
ATOM 560  H HE2  . LYS A 1 35 ? 0.579   2.293   11.611  1.00 3.28 ? 35 LYS A HE2  1 
ATOM 561  H HE3  . LYS A 1 35 ? 0.129   3.411   12.898  1.00 3.30 ? 35 LYS A HE3  1 
ATOM 562  H HZ1  . LYS A 1 35 ? -1.265  1.334   13.666  1.00 3.90 ? 35 LYS A HZ1  1 
ATOM 563  H HZ2  . LYS A 1 35 ? -0.059  0.495   12.812  1.00 4.00 ? 35 LYS A HZ2  1 
ATOM 564  H HZ3  . LYS A 1 35 ? 0.365   1.518   14.102  1.00 4.02 ? 35 LYS A HZ3  1 
ATOM 565  N N    . ASP A 1 36 ? -4.319  7.589   11.992  1.00 1.35 ? 36 ASP A N    1 
ATOM 566  C CA   . ASP A 1 36 ? -4.304  8.608   13.080  1.00 1.82 ? 36 ASP A CA   1 
ATOM 567  C C    . ASP A 1 36 ? -3.516  8.064   14.273  1.00 2.34 ? 36 ASP A C    1 
ATOM 568  O O    . ASP A 1 36 ? -2.427  8.518   14.568  1.00 2.92 ? 36 ASP A O    1 
ATOM 569  C CB   . ASP A 1 36 ? -5.735  8.924   13.518  1.00 1.95 ? 36 ASP A CB   1 
ATOM 570  C CG   . ASP A 1 36 ? -5.760  10.282  14.220  1.00 2.49 ? 36 ASP A CG   1 
ATOM 571  O OD1  . ASP A 1 36 ? -4.992  11.144  13.826  1.00 3.05 ? 36 ASP A OD1  1 
ATOM 572  O OD2  . ASP A 1 36 ? -6.546  10.440  15.140  1.00 2.77 ? 36 ASP A OD2  1 
ATOM 573  H H    . ASP A 1 36 ? -5.161  7.360   11.547  1.00 1.27 ? 36 ASP A H    1 
ATOM 574  H HA   . ASP A 1 36 ? -3.830  9.510   12.720  1.00 2.29 ? 36 ASP A HA   1 
ATOM 575  H HB2  . ASP A 1 36 ? -6.380  8.951   12.651  1.00 2.13 ? 36 ASP A HB2  1 
ATOM 576  H HB3  . ASP A 1 36 ? -6.079  8.162   14.200  1.00 2.03 ? 36 ASP A HB3  1 
ATOM 577  N N    . SER A 1 37 ? -4.056  7.097   14.961  1.00 2.81 ? 37 SER A N    1 
ATOM 578  C CA   . SER A 1 37 ? -3.336  6.527   16.135  1.00 3.71 ? 37 SER A CA   1 
ATOM 579  C C    . SER A 1 37 ? -2.842  7.669   17.025  1.00 3.90 ? 37 SER A C    1 
ATOM 580  O O    . SER A 1 37 ? -1.881  7.529   17.755  1.00 4.65 ? 37 SER A O    1 
ATOM 581  C CB   . SER A 1 37 ? -2.142  5.705   15.650  1.00 4.53 ? 37 SER A CB   1 
ATOM 582  O OG   . SER A 1 37 ? -2.605  4.646   14.824  1.00 5.26 ? 37 SER A OG   1 
ATOM 583  H H    . SER A 1 37 ? -4.935  6.746   14.707  1.00 2.92 ? 37 SER A H    1 
ATOM 584  H HA   . SER A 1 37 ? -4.006  5.895   16.698  1.00 3.97 ? 37 SER A HA   1 
ATOM 585  H HB2  . SER A 1 37 ? -1.477  6.333   15.081  1.00 4.51 ? 37 SER A HB2  1 
ATOM 586  H HB3  . SER A 1 37 ? -1.612  5.304   16.505  1.00 4.97 ? 37 SER A HB3  1 
ATOM 587  H HG   . SER A 1 37 ? -3.239  5.009   14.202  1.00 5.57 ? 37 SER A HG   1 
ATOM 588  N N    . ALA A 1 38 ? -3.490  8.802   16.965  1.00 3.42 ? 38 ALA A N    1 
ATOM 589  C CA   . ALA A 1 38 ? -3.057  9.954   17.803  1.00 3.85 ? 38 ALA A CA   1 
ATOM 590  C C    . ALA A 1 38 ? -4.270  10.566  18.509  1.00 3.69 ? 38 ALA A C    1 
ATOM 591  O O    . ALA A 1 38 ? -4.184  11.002  19.641  1.00 4.20 ? 38 ALA A O    1 
ATOM 592  C CB   . ALA A 1 38 ? -2.403  11.008  16.908  1.00 4.19 ? 38 ALA A CB   1 
ATOM 593  H H    . ALA A 1 38 ? -4.259  8.894   16.367  1.00 2.95 ? 38 ALA A H    1 
ATOM 594  H HA   . ALA A 1 38 ? -2.343  9.617   18.540  1.00 4.44 ? 38 ALA A HA   1 
ATOM 595  H HB1  . ALA A 1 38 ? -2.625  10.789  15.874  1.00 4.43 ? 38 ALA A HB1  1 
ATOM 596  H HB2  . ALA A 1 38 ? -2.790  11.984  17.160  1.00 4.46 ? 38 ALA A HB2  1 
ATOM 597  H HB3  . ALA A 1 38 ? -1.333  10.994  17.057  1.00 4.44 ? 38 ALA A HB3  1 
ATOM 598  N N    . THR A 1 39 ? -5.398  10.606  17.853  1.00 3.35 ? 39 THR A N    1 
ATOM 599  C CA   . THR A 1 39 ? -6.609  11.195  18.494  1.00 3.86 ? 39 THR A CA   1 
ATOM 600  C C    . THR A 1 39 ? -7.712  10.137  18.578  1.00 4.02 ? 39 THR A C    1 
ATOM 601  O O    . THR A 1 39 ? -8.696  10.308  19.271  1.00 4.72 ? 39 THR A O    1 
ATOM 602  C CB   . THR A 1 39 ? -7.103  12.380  17.661  1.00 4.33 ? 39 THR A CB   1 
ATOM 603  O OG1  . THR A 1 39 ? -5.988  13.084  17.134  1.00 4.35 ? 39 THR A OG1  1 
ATOM 604  C CG2  . THR A 1 39 ? -7.930  13.317  18.544  1.00 5.12 ? 39 THR A CG2  1 
ATOM 605  H H    . THR A 1 39 ? -5.448  10.251  16.941  1.00 3.05 ? 39 THR A H    1 
ATOM 606  H HA   . THR A 1 39 ? -6.361  11.534  19.489  1.00 4.27 ? 39 THR A HA   1 
ATOM 607  H HB   . THR A 1 39 ? -7.718  12.020  16.850  1.00 4.51 ? 39 THR A HB   1 
ATOM 608  H HG1  . THR A 1 39 ? -5.760  12.689  16.289  1.00 4.46 ? 39 THR A HG1  1 
ATOM 609  H HG21 . THR A 1 39 ? -8.209  12.803  19.452  1.00 5.56 ? 39 THR A HG21 1 
ATOM 610  H HG22 . THR A 1 39 ? -7.345  14.191  18.789  1.00 5.44 ? 39 THR A HG22 1 
ATOM 611  H HG23 . THR A 1 39 ? -8.822  13.618  18.013  1.00 5.29 ? 39 THR A HG23 1 
ATOM 612  N N    . GLY A 1 40 ? -7.557  9.046   17.880  1.00 3.70 ? 40 GLY A N    1 
ATOM 613  C CA   . GLY A 1 40 ? -8.600  7.981   17.925  1.00 4.27 ? 40 GLY A CA   1 
ATOM 614  C C    . GLY A 1 40 ? -9.150  7.738   16.518  1.00 3.84 ? 40 GLY A C    1 
ATOM 615  O O    . GLY A 1 40 ? -10.156 7.082   16.341  1.00 4.49 ? 40 GLY A O    1 
ATOM 616  H H    . GLY A 1 40 ? -6.757  8.926   17.328  1.00 3.33 ? 40 GLY A H    1 
ATOM 617  H HA2  . GLY A 1 40 ? -8.163  7.068   18.305  1.00 4.69 ? 40 GLY A HA2  1 
ATOM 618  H HA3  . GLY A 1 40 ? -9.404  8.293   18.573  1.00 4.92 ? 40 GLY A HA3  1 
ATOM 619  N N    . LEU A 1 41 ? -8.496  8.258   15.515  1.00 3.01 ? 41 LEU A N    1 
ATOM 620  C CA   . LEU A 1 41 ? -8.982  8.049   14.124  1.00 2.89 ? 41 LEU A CA   1 
ATOM 621  C C    . LEU A 1 41 ? -8.164  6.941   13.469  1.00 2.43 ? 41 LEU A C    1 
ATOM 622  O O    . LEU A 1 41 ? -7.239  6.411   14.052  1.00 2.72 ? 41 LEU A O    1 
ATOM 623  C CB   . LEU A 1 41 ? -8.827  9.345   13.324  1.00 3.43 ? 41 LEU A CB   1 
ATOM 624  C CG   . LEU A 1 41 ? -10.210 9.874   12.941  1.00 4.41 ? 41 LEU A CG   1 
ATOM 625  C CD1  . LEU A 1 41 ? -10.274 11.381  13.201  1.00 5.26 ? 41 LEU A CD1  1 
ATOM 626  C CD2  . LEU A 1 41 ? -10.466 9.600   11.456  1.00 5.07 ? 41 LEU A CD2  1 
ATOM 627  H H    . LEU A 1 41 ? -7.684  8.780   15.676  1.00 2.76 ? 41 LEU A H    1 
ATOM 628  H HA   . LEU A 1 41 ? -10.023 7.760   14.142  1.00 3.40 ? 41 LEU A HA   1 
ATOM 629  H HB2  . LEU A 1 41 ? -8.312  10.080  13.925  1.00 3.68 ? 41 LEU A HB2  1 
ATOM 630  H HB3  . LEU A 1 41 ? -8.257  9.149   12.428  1.00 3.38 ? 41 LEU A HB3  1 
ATOM 631  H HG   . LEU A 1 41 ? -10.963 9.375   13.535  1.00 4.42 ? 41 LEU A HG   1 
ATOM 632  H HD11 . LEU A 1 41 ? -9.379  11.850  12.822  1.00 5.65 ? 41 LEU A HD11 1 
ATOM 633  H HD12 . LEU A 1 41 ? -11.138 11.796  12.701  1.00 5.59 ? 41 LEU A HD12 1 
ATOM 634  H HD13 . LEU A 1 41 ? -10.353 11.560  14.262  1.00 5.47 ? 41 LEU A HD13 1 
ATOM 635  H HD21 . LEU A 1 41 ? -9.572  9.820   10.890  1.00 5.27 ? 41 LEU A HD21 1 
ATOM 636  H HD22 . LEU A 1 41 ? -10.731 8.563   11.322  1.00 5.36 ? 41 LEU A HD22 1 
ATOM 637  H HD23 . LEU A 1 41 ? -11.274 10.227  11.109  1.00 5.43 ? 41 LEU A HD23 1 
ATOM 638  N N    . SER A 1 42 ? -8.499  6.582   12.264  1.00 2.38 ? 42 SER A N    1 
ATOM 639  C CA   . SER A 1 42 ? -7.742  5.502   11.576  1.00 2.42 ? 42 SER A CA   1 
ATOM 640  C C    . SER A 1 42 ? -7.801  5.714   10.063  1.00 1.90 ? 42 SER A C    1 
ATOM 641  O O    . SER A 1 42 ? -8.700  5.240   9.397   1.00 2.14 ? 42 SER A O    1 
ATOM 642  C CB   . SER A 1 42 ? -8.362  4.149   11.925  1.00 3.15 ? 42 SER A CB   1 
ATOM 643  O OG   . SER A 1 42 ? -9.651  4.055   11.332  1.00 3.82 ? 42 SER A OG   1 
ATOM 644  H H    . SER A 1 42 ? -9.252  7.020   11.815  1.00 2.76 ? 42 SER A H    1 
ATOM 645  H HA   . SER A 1 42 ? -6.712  5.520   11.903  1.00 2.84 ? 42 SER A HA   1 
ATOM 646  H HB2  . SER A 1 42 ? -7.739  3.355   11.546  1.00 3.41 ? 42 SER A HB2  1 
ATOM 647  H HB3  . SER A 1 42 ? -8.441  4.058   13.001  1.00 3.54 ? 42 SER A HB3  1 
ATOM 648  H HG   . SER A 1 42 ? -9.979  4.947   11.193  1.00 4.16 ? 42 SER A HG   1 
ATOM 649  N N    . LYS A 1 43 ? -6.845  6.415   9.514   1.00 1.42 ? 43 LYS A N    1 
ATOM 650  C CA   . LYS A 1 43 ? -6.843  6.644   8.042   1.00 1.06 ? 43 LYS A CA   1 
ATOM 651  C C    . LYS A 1 43 ? -7.177  5.328   7.342   1.00 0.86 ? 43 LYS A C    1 
ATOM 652  O O    . LYS A 1 43 ? -8.159  5.218   6.637   1.00 1.50 ? 43 LYS A O    1 
ATOM 653  C CB   . LYS A 1 43 ? -5.460  7.122   7.602   1.00 0.88 ? 43 LYS A CB   1 
ATOM 654  C CG   . LYS A 1 43 ? -5.150  8.468   8.259   1.00 1.20 ? 43 LYS A CG   1 
ATOM 655  C CD   . LYS A 1 43 ? -5.616  9.600   7.343   1.00 1.38 ? 43 LYS A CD   1 
ATOM 656  C CE   . LYS A 1 43 ? -5.746  10.892  8.152   1.00 2.00 ? 43 LYS A CE   1 
ATOM 657  N NZ   . LYS A 1 43 ? -6.537  11.886  7.374   1.00 2.36 ? 43 LYS A NZ   1 
ATOM 658  H H    . LYS A 1 43 ? -6.126  6.783   10.067  1.00 1.52 ? 43 LYS A H    1 
ATOM 659  H HA   . LYS A 1 43 ? -7.583  7.389   7.788   1.00 1.45 ? 43 LYS A HA   1 
ATOM 660  H HB2  . LYS A 1 43 ? -4.717  6.395   7.900   1.00 0.85 ? 43 LYS A HB2  1 
ATOM 661  H HB3  . LYS A 1 43 ? -5.442  7.235   6.531   1.00 0.95 ? 43 LYS A HB3  1 
ATOM 662  H HG2  . LYS A 1 43 ? -5.666  8.532   9.206   1.00 1.59 ? 43 LYS A HG2  1 
ATOM 663  H HG3  . LYS A 1 43 ? -4.086  8.553   8.422   1.00 1.40 ? 43 LYS A HG3  1 
ATOM 664  H HD2  . LYS A 1 43 ? -4.896  9.741   6.550   1.00 1.64 ? 43 LYS A HD2  1 
ATOM 665  H HD3  . LYS A 1 43 ? -6.575  9.347   6.917   1.00 1.85 ? 43 LYS A HD3  1 
ATOM 666  H HE2  . LYS A 1 43 ? -6.246  10.684  9.086   1.00 2.58 ? 43 LYS A HE2  1 
ATOM 667  H HE3  . LYS A 1 43 ? -4.762  11.292  8.351   1.00 2.44 ? 43 LYS A HE3  1 
ATOM 668  H HZ1  . LYS A 1 43 ? -7.231  11.389  6.780   1.00 2.64 ? 43 LYS A HZ1  1 
ATOM 669  H HZ2  . LYS A 1 43 ? -7.034  12.523  8.030   1.00 2.71 ? 43 LYS A HZ2  1 
ATOM 670  H HZ3  . LYS A 1 43 ? -5.900  12.441  6.767   1.00 2.73 ? 43 LYS A HZ3  1 
ATOM 671  N N    . GLY A 1 44 ? -6.373  4.322   7.551   1.00 0.67 ? 44 GLY A N    1 
ATOM 672  C CA   . GLY A 1 44 ? -6.652  3.005   6.920   1.00 0.60 ? 44 GLY A CA   1 
ATOM 673  C C    . GLY A 1 44 ? -5.843  2.840   5.632   1.00 0.52 ? 44 GLY A C    1 
ATOM 674  O O    . GLY A 1 44 ? -6.281  2.187   4.706   1.00 0.66 ? 44 GLY A O    1 
ATOM 675  H H    . GLY A 1 44 ? -5.596  4.430   8.137   1.00 1.18 ? 44 GLY A H    1 
ATOM 676  H HA2  . GLY A 1 44 ? -6.387  2.217   7.612   1.00 0.82 ? 44 GLY A HA2  1 
ATOM 677  H HA3  . GLY A 1 44 ? -7.704  2.936   6.689   1.00 0.74 ? 44 GLY A HA3  1 
ATOM 678  N N    . TYR A 1 45 ? -4.665  3.399   5.556   1.00 0.37 ? 45 TYR A N    1 
ATOM 679  C CA   . TYR A 1 45 ? -3.865  3.222   4.308   1.00 0.32 ? 45 TYR A CA   1 
ATOM 680  C C    . TYR A 1 45 ? -2.389  3.479   4.594   1.00 0.27 ? 45 TYR A C    1 
ATOM 681  O O    . TYR A 1 45 ? -2.032  4.041   5.608   1.00 0.33 ? 45 TYR A O    1 
ATOM 682  C CB   . TYR A 1 45 ? -4.367  4.169   3.211   1.00 0.33 ? 45 TYR A CB   1 
ATOM 683  C CG   . TYR A 1 45 ? -4.067  5.606   3.568   1.00 0.42 ? 45 TYR A CG   1 
ATOM 684  C CD1  . TYR A 1 45 ? -2.773  6.115   3.405   1.00 1.24 ? 45 TYR A CD1  1 
ATOM 685  C CD2  . TYR A 1 45 ? -5.090  6.434   4.044   1.00 1.33 ? 45 TYR A CD2  1 
ATOM 686  C CE1  . TYR A 1 45 ? -2.504  7.453   3.721   1.00 1.29 ? 45 TYR A CE1  1 
ATOM 687  C CE2  . TYR A 1 45 ? -4.820  7.772   4.356   1.00 1.43 ? 45 TYR A CE2  1 
ATOM 688  C CZ   . TYR A 1 45 ? -3.527  8.281   4.195   1.00 0.76 ? 45 TYR A CZ   1 
ATOM 689  O OH   . TYR A 1 45 ? -3.262  9.599   4.502   1.00 0.95 ? 45 TYR A OH   1 
ATOM 690  H H    . TYR A 1 45 ? -4.302  3.917   6.314   1.00 0.38 ? 45 TYR A H    1 
ATOM 691  H HA   . TYR A 1 45 ? -3.978  2.203   3.968   1.00 0.35 ? 45 TYR A HA   1 
ATOM 692  H HB2  . TYR A 1 45 ? -3.875  3.924   2.282   1.00 0.38 ? 45 TYR A HB2  1 
ATOM 693  H HB3  . TYR A 1 45 ? -5.433  4.044   3.095   1.00 0.37 ? 45 TYR A HB3  1 
ATOM 694  H HD1  . TYR A 1 45 ? -1.983  5.476   3.040   1.00 2.11 ? 45 TYR A HD1  1 
ATOM 695  H HD2  . TYR A 1 45 ? -6.089  6.042   4.169   1.00 2.18 ? 45 TYR A HD2  1 
ATOM 696  H HE1  . TYR A 1 45 ? -1.506  7.846   3.595   1.00 2.14 ? 45 TYR A HE1  1 
ATOM 697  H HE2  . TYR A 1 45 ? -5.610  8.411   4.723   1.00 2.31 ? 45 TYR A HE2  1 
ATOM 698  H HH   . TYR A 1 45 ? -3.949  10.141  4.107   1.00 1.37 ? 45 TYR A HH   1 
ATOM 699  N N    . ALA A 1 46 ? -1.527  3.048   3.714   1.00 0.23 ? 46 ALA A N    1 
ATOM 700  C CA   . ALA A 1 46 ? -0.069  3.243   3.943   1.00 0.21 ? 46 ALA A CA   1 
ATOM 701  C C    . ALA A 1 46 ? 0.644   3.473   2.607   1.00 0.26 ? 46 ALA A C    1 
ATOM 702  O O    . ALA A 1 46 ? 0.022   3.655   1.581   1.00 0.58 ? 46 ALA A O    1 
ATOM 703  C CB   . ALA A 1 46 ? 0.501   1.989   4.608   1.00 0.21 ? 46 ALA A CB   1 
ATOM 704  H H    . ALA A 1 46 ? -1.843  2.583   2.909   1.00 0.25 ? 46 ALA A H    1 
ATOM 705  H HA   . ALA A 1 46 ? 0.088   4.095   4.589   1.00 0.21 ? 46 ALA A HA   1 
ATOM 706  H HB1  . ALA A 1 46 ? 0.070   1.112   4.148   1.00 1.07 ? 46 ALA A HB1  1 
ATOM 707  H HB2  . ALA A 1 46 ? 1.573   1.970   4.483   1.00 1.04 ? 46 ALA A HB2  1 
ATOM 708  H HB3  . ALA A 1 46 ? 0.259   1.998   5.660   1.00 1.01 ? 46 ALA A HB3  1 
ATOM 709  N N    . PHE A 1 47 ? 1.950   3.459   2.618   1.00 0.20 ? 47 PHE A N    1 
ATOM 710  C CA   . PHE A 1 47 ? 2.716   3.667   1.359   1.00 0.21 ? 47 PHE A CA   1 
ATOM 711  C C    . PHE A 1 47 ? 3.934   2.743   1.354   1.00 0.21 ? 47 PHE A C    1 
ATOM 712  O O    . PHE A 1 47 ? 4.370   2.275   2.386   1.00 0.29 ? 47 PHE A O    1 
ATOM 713  C CB   . PHE A 1 47 ? 3.189   5.119   1.280   1.00 0.27 ? 47 PHE A CB   1 
ATOM 714  C CG   . PHE A 1 47 ? 2.022   6.021   0.965   1.00 0.25 ? 47 PHE A CG   1 
ATOM 715  C CD1  . PHE A 1 47 ? 1.516   6.084   -0.339  1.00 1.15 ? 47 PHE A CD1  1 
ATOM 716  C CD2  . PHE A 1 47 ? 1.448   6.800   1.976   1.00 1.26 ? 47 PHE A CD2  1 
ATOM 717  C CE1  . PHE A 1 47 ? 0.435   6.924   -0.630  1.00 1.15 ? 47 PHE A CE1  1 
ATOM 718  C CE2  . PHE A 1 47 ? 0.368   7.641   1.685   1.00 1.29 ? 47 PHE A CE2  1 
ATOM 719  C CZ   . PHE A 1 47 ? -0.139  7.703   0.382   1.00 0.36 ? 47 PHE A CZ   1 
ATOM 720  H H    . PHE A 1 47 ? 2.428   3.305   3.460   1.00 0.42 ? 47 PHE A H    1 
ATOM 721  H HA   . PHE A 1 47 ? 2.090   3.446   0.508   1.00 0.21 ? 47 PHE A HA   1 
ATOM 722  H HB2  . PHE A 1 47 ? 3.623   5.408   2.226   1.00 0.31 ? 47 PHE A HB2  1 
ATOM 723  H HB3  . PHE A 1 47 ? 3.931   5.208   0.503   1.00 0.36 ? 47 PHE A HB3  1 
ATOM 724  H HD1  . PHE A 1 47 ? 1.958   5.482   -1.119  1.00 2.05 ? 47 PHE A HD1  1 
ATOM 725  H HD2  . PHE A 1 47 ? 1.838   6.752   2.982   1.00 2.14 ? 47 PHE A HD2  1 
ATOM 726  H HE1  . PHE A 1 47 ? 0.044   6.972   -1.636  1.00 2.03 ? 47 PHE A HE1  1 
ATOM 727  H HE2  . PHE A 1 47 ? -0.075  8.242   2.465   1.00 2.19 ? 47 PHE A HE2  1 
ATOM 728  H HZ   . PHE A 1 47 ? -0.972  8.352   0.157   1.00 0.44 ? 47 PHE A HZ   1 
ATOM 729  N N    . CYS A 1 48 ? 4.491   2.477   0.205   1.00 0.19 ? 48 CYS A N    1 
ATOM 730  C CA   . CYS A 1 48 ? 5.683   1.584   0.149   1.00 0.19 ? 48 CYS A CA   1 
ATOM 731  C C    . CYS A 1 48 ? 6.362   1.721   -1.211  1.00 0.22 ? 48 CYS A C    1 
ATOM 732  O O    . CYS A 1 48 ? 5.873   2.392   -2.097  1.00 0.35 ? 48 CYS A O    1 
ATOM 733  C CB   . CYS A 1 48 ? 5.247   0.132   0.352   1.00 0.20 ? 48 CYS A CB   1 
ATOM 734  S SG   . CYS A 1 48 ? 4.238   -0.399  -1.052  1.00 0.31 ? 48 CYS A SG   1 
ATOM 735  H H    . CYS A 1 48 ? 4.125   2.865   -0.621  1.00 0.23 ? 48 CYS A H    1 
ATOM 736  H HA   . CYS A 1 48 ? 6.381   1.861   0.926   1.00 0.19 ? 48 CYS A HA   1 
ATOM 737  H HB2  . CYS A 1 48 ? 6.120   -0.499  0.427   1.00 0.25 ? 48 CYS A HB2  1 
ATOM 738  H HB3  . CYS A 1 48 ? 4.669   0.053   1.261   1.00 0.22 ? 48 CYS A HB3  1 
ATOM 739  H HG   . CYS A 1 48 ? 4.819   -0.514  -1.808  1.00 0.93 ? 48 CYS A HG   1 
ATOM 740  N N    . GLU A 1 49 ? 7.485   1.085   -1.382  1.00 0.16 ? 49 GLU A N    1 
ATOM 741  C CA   . GLU A 1 49 ? 8.198   1.167   -2.685  1.00 0.19 ? 49 GLU A CA   1 
ATOM 742  C C    . GLU A 1 49 ? 9.073   -0.071  -2.853  1.00 0.17 ? 49 GLU A C    1 
ATOM 743  O O    . GLU A 1 49 ? 9.626   -0.584  -1.898  1.00 0.19 ? 49 GLU A O    1 
ATOM 744  C CB   . GLU A 1 49 ? 9.082   2.414   -2.714  1.00 0.23 ? 49 GLU A CB   1 
ATOM 745  C CG   . GLU A 1 49 ? 8.348   3.575   -2.041  1.00 0.24 ? 49 GLU A CG   1 
ATOM 746  C CD   . GLU A 1 49 ? 9.219   4.831   -2.096  1.00 0.32 ? 49 GLU A CD   1 
ATOM 747  O OE1  . GLU A 1 49 ? 9.941   4.985   -3.068  1.00 1.24 ? 49 GLU A OE1  1 
ATOM 748  O OE2  . GLU A 1 49 ? 9.152   5.617   -1.166  1.00 0.99 ? 49 GLU A OE2  1 
ATOM 749  H H    . GLU A 1 49 ? 7.857   0.548   -0.651  1.00 0.17 ? 49 GLU A H    1 
ATOM 750  H HA   . GLU A 1 49 ? 7.479   1.214   -3.489  1.00 0.23 ? 49 GLU A HA   1 
ATOM 751  H HB2  . GLU A 1 49 ? 10.004  2.211   -2.190  1.00 0.23 ? 49 GLU A HB2  1 
ATOM 752  H HB3  . GLU A 1 49 ? 9.300   2.674   -3.739  1.00 0.28 ? 49 GLU A HB3  1 
ATOM 753  H HG2  . GLU A 1 49 ? 7.417   3.760   -2.558  1.00 0.27 ? 49 GLU A HG2  1 
ATOM 754  H HG3  . GLU A 1 49 ? 8.144   3.326   -1.011  1.00 0.23 ? 49 GLU A HG3  1 
ATOM 755  N N    . TYR A 1 50 ? 9.200   -0.553  -4.059  1.00 0.19 ? 50 TYR A N    1 
ATOM 756  C CA   . TYR A 1 50 ? 10.035  -1.761  -4.304  1.00 0.19 ? 50 TYR A CA   1 
ATOM 757  C C    . TYR A 1 50 ? 11.398  -1.340  -4.855  1.00 0.20 ? 50 TYR A C    1 
ATOM 758  O O    . TYR A 1 50 ? 11.597  -0.208  -5.248  1.00 0.23 ? 50 TYR A O    1 
ATOM 759  C CB   . TYR A 1 50 ? 9.347   -2.653  -5.336  1.00 0.21 ? 50 TYR A CB   1 
ATOM 760  C CG   . TYR A 1 50 ? 8.199   -3.393  -4.696  1.00 0.20 ? 50 TYR A CG   1 
ATOM 761  C CD1  . TYR A 1 50 ? 8.422   -4.186  -3.567  1.00 1.25 ? 50 TYR A CD1  1 
ATOM 762  C CD2  . TYR A 1 50 ? 6.912   -3.292  -5.240  1.00 1.21 ? 50 TYR A CD2  1 
ATOM 763  C CE1  . TYR A 1 50 ? 7.359   -4.880  -2.977  1.00 1.26 ? 50 TYR A CE1  1 
ATOM 764  C CE2  . TYR A 1 50 ? 5.848   -3.987  -4.653  1.00 1.20 ? 50 TYR A CE2  1 
ATOM 765  C CZ   . TYR A 1 50 ? 6.072   -4.780  -3.520  1.00 0.23 ? 50 TYR A CZ   1 
ATOM 766  O OH   . TYR A 1 50 ? 5.026   -5.468  -2.943  1.00 0.27 ? 50 TYR A OH   1 
ATOM 767  H H    . TYR A 1 50 ? 8.741   -0.118  -4.807  1.00 0.23 ? 50 TYR A H    1 
ATOM 768  H HA   . TYR A 1 50 ? 10.165  -2.309  -3.384  1.00 0.19 ? 50 TYR A HA   1 
ATOM 769  H HB2  . TYR A 1 50 ? 8.976   -2.044  -6.146  1.00 0.22 ? 50 TYR A HB2  1 
ATOM 770  H HB3  . TYR A 1 50 ? 10.061  -3.365  -5.719  1.00 0.22 ? 50 TYR A HB3  1 
ATOM 771  H HD1  . TYR A 1 50 ? 9.414   -4.262  -3.149  1.00 2.17 ? 50 TYR A HD1  1 
ATOM 772  H HD2  . TYR A 1 50 ? 6.740   -2.678  -6.115  1.00 2.14 ? 50 TYR A HD2  1 
ATOM 773  H HE1  . TYR A 1 50 ? 7.531   -5.493  -2.105  1.00 2.20 ? 50 TYR A HE1  1 
ATOM 774  H HE2  . TYR A 1 50 ? 4.855   -3.909  -5.072  1.00 2.12 ? 50 TYR A HE2  1 
ATOM 775  H HH   . TYR A 1 50 ? 5.320   -6.367  -2.774  1.00 0.26 ? 50 TYR A HH   1 
ATOM 776  N N    . VAL A 1 51 ? 12.332  -2.250  -4.912  1.00 0.23 ? 51 VAL A N    1 
ATOM 777  C CA   . VAL A 1 51 ? 13.669  -1.906  -5.466  1.00 0.24 ? 51 VAL A CA   1 
ATOM 778  C C    . VAL A 1 51 ? 13.581  -1.951  -6.991  1.00 0.23 ? 51 VAL A C    1 
ATOM 779  O O    . VAL A 1 51 ? 14.178  -1.155  -7.687  1.00 0.26 ? 51 VAL A O    1 
ATOM 780  C CB   . VAL A 1 51 ? 14.707  -2.920  -4.979  1.00 0.28 ? 51 VAL A CB   1 
ATOM 781  C CG1  . VAL A 1 51 ? 16.080  -2.560  -5.552  1.00 0.33 ? 51 VAL A CG1  1 
ATOM 782  C CG2  . VAL A 1 51 ? 14.771  -2.889  -3.451  1.00 0.32 ? 51 VAL A CG2  1 
ATOM 783  H H    . VAL A 1 51 ? 12.147  -3.163  -4.607  1.00 0.28 ? 51 VAL A H    1 
ATOM 784  H HA   . VAL A 1 51 ? 13.949  -0.913  -5.148  1.00 0.25 ? 51 VAL A HA   1 
ATOM 785  H HB   . VAL A 1 51 ? 14.426  -3.908  -5.311  1.00 0.30 ? 51 VAL A HB   1 
ATOM 786  H HG11 . VAL A 1 51 ? 15.957  -1.887  -6.387  1.00 1.13 ? 51 VAL A HG11 1 
ATOM 787  H HG12 . VAL A 1 51 ? 16.675  -2.081  -4.787  1.00 0.95 ? 51 VAL A HG12 1 
ATOM 788  H HG13 . VAL A 1 51 ? 16.579  -3.459  -5.883  1.00 1.10 ? 51 VAL A HG13 1 
ATOM 789  H HG21 . VAL A 1 51 ? 13.807  -2.605  -3.056  1.00 1.12 ? 51 VAL A HG21 1 
ATOM 790  H HG22 . VAL A 1 51 ? 15.035  -3.870  -3.083  1.00 1.01 ? 51 VAL A HG22 1 
ATOM 791  H HG23 . VAL A 1 51 ? 15.516  -2.174  -3.135  1.00 1.04 ? 51 VAL A HG23 1 
ATOM 792  N N    . ASP A 1 52 ? 12.826  -2.882  -7.508  1.00 0.23 ? 52 ASP A N    1 
ATOM 793  C CA   . ASP A 1 52 ? 12.673  -2.995  -8.983  1.00 0.24 ? 52 ASP A CA   1 
ATOM 794  C C    . ASP A 1 52 ? 11.372  -2.304  -9.402  1.00 0.21 ? 52 ASP A C    1 
ATOM 795  O O    . ASP A 1 52 ? 10.524  -2.012  -8.581  1.00 0.21 ? 52 ASP A O    1 
ATOM 796  C CB   . ASP A 1 52 ? 12.607  -4.474  -9.363  1.00 0.27 ? 52 ASP A CB   1 
ATOM 797  C CG   . ASP A 1 52 ? 12.965  -4.642  -10.841 1.00 0.31 ? 52 ASP A CG   1 
ATOM 798  O OD1  . ASP A 1 52 ? 13.579  -3.741  -11.388 1.00 1.11 ? 52 ASP A OD1  1 
ATOM 799  O OD2  . ASP A 1 52 ? 12.620  -5.670  -11.401 1.00 1.14 ? 52 ASP A OD2  1 
ATOM 800  H H    . ASP A 1 52 ? 12.354  -3.508  -6.923  1.00 0.25 ? 52 ASP A H    1 
ATOM 801  H HA   . ASP A 1 52 ? 13.512  -2.528  -9.476  1.00 0.26 ? 52 ASP A HA   1 
ATOM 802  H HB2  . ASP A 1 52 ? 13.302  -5.031  -8.753  1.00 0.30 ? 52 ASP A HB2  1 
ATOM 803  H HB3  . ASP A 1 52 ? 11.606  -4.843  -9.194  1.00 0.27 ? 52 ASP A HB3  1 
ATOM 804  N N    . ILE A 1 53 ? 11.203  -2.038  -10.668 1.00 0.23 ? 53 ILE A N    1 
ATOM 805  C CA   . ILE A 1 53 ? 9.952   -1.367  -11.124 1.00 0.23 ? 53 ILE A CA   1 
ATOM 806  C C    . ILE A 1 53 ? 8.901   -2.424  -11.472 1.00 0.23 ? 53 ILE A C    1 
ATOM 807  O O    . ILE A 1 53 ? 7.791   -2.392  -10.981 1.00 0.32 ? 53 ILE A O    1 
ATOM 808  C CB   . ILE A 1 53 ? 10.251  -0.518  -12.361 1.00 0.29 ? 53 ILE A CB   1 
ATOM 809  C CG1  . ILE A 1 53 ? 11.150  0.657   -11.969 1.00 0.44 ? 53 ILE A CG1  1 
ATOM 810  C CG2  . ILE A 1 53 ? 8.941   0.017   -12.942 1.00 0.42 ? 53 ILE A CG2  1 
ATOM 811  C CD1  . ILE A 1 53 ? 12.555  0.143   -11.651 1.00 0.86 ? 53 ILE A CD1  1 
ATOM 812  H H    . ILE A 1 53 ? 11.896  -2.281  -11.317 1.00 0.27 ? 53 ILE A H    1 
ATOM 813  H HA   . ILE A 1 53 ? 9.575   -0.733  -10.334 1.00 0.23 ? 53 ILE A HA   1 
ATOM 814  H HB   . ILE A 1 53 ? 10.751  -1.125  -13.101 1.00 0.36 ? 53 ILE A HB   1 
ATOM 815  H HG12 . ILE A 1 53 ? 11.199  1.361   -12.788 1.00 1.09 ? 53 ILE A HG12 1 
ATOM 816  H HG13 . ILE A 1 53 ? 10.742  1.147   -11.097 1.00 1.10 ? 53 ILE A HG13 1 
ATOM 817  H HG21 . ILE A 1 53 ? 8.227   0.162   -12.145 1.00 0.96 ? 53 ILE A HG21 1 
ATOM 818  H HG22 . ILE A 1 53 ? 9.126   0.959   -13.436 1.00 1.00 ? 53 ILE A HG22 1 
ATOM 819  H HG23 . ILE A 1 53 ? 8.547   -0.692  -13.653 1.00 1.07 ? 53 ILE A HG23 1 
ATOM 820  H HD11 . ILE A 1 53 ? 12.832  -0.613  -12.370 1.00 1.60 ? 53 ILE A HD11 1 
ATOM 821  H HD12 . ILE A 1 53 ? 13.258  0.961   -11.700 1.00 1.44 ? 53 ILE A HD12 1 
ATOM 822  H HD13 . ILE A 1 53 ? 12.567  -0.283  -10.659 1.00 1.40 ? 53 ILE A HD13 1 
ATOM 823  N N    . ASN A 1 54 ? 9.241   -3.360  -12.316 1.00 0.23 ? 54 ASN A N    1 
ATOM 824  C CA   . ASN A 1 54 ? 8.259   -4.415  -12.692 1.00 0.26 ? 54 ASN A CA   1 
ATOM 825  C C    . ASN A 1 54 ? 7.637   -5.004  -11.424 1.00 0.24 ? 54 ASN A C    1 
ATOM 826  O O    . ASN A 1 54 ? 6.441   -5.209  -11.344 1.00 0.28 ? 54 ASN A O    1 
ATOM 827  C CB   . ASN A 1 54 ? 8.977   -5.519  -13.472 1.00 0.31 ? 54 ASN A CB   1 
ATOM 828  C CG   . ASN A 1 54 ? 8.024   -6.695  -13.689 1.00 0.38 ? 54 ASN A CG   1 
ATOM 829  O OD1  . ASN A 1 54 ? 6.920   -6.518  -14.166 1.00 0.56 ? 54 ASN A OD1  1 
ATOM 830  N ND2  . ASN A 1 54 ? 8.407   -7.898  -13.359 1.00 0.58 ? 54 ASN A ND2  1 
ATOM 831  H H    . ASN A 1 54 ? 10.142  -3.368  -12.702 1.00 0.27 ? 54 ASN A H    1 
ATOM 832  H HA   . ASN A 1 54 ? 7.484   -3.983  -13.308 1.00 0.28 ? 54 ASN A HA   1 
ATOM 833  H HB2  . ASN A 1 54 ? 9.297   -5.132  -14.428 1.00 0.37 ? 54 ASN A HB2  1 
ATOM 834  H HB3  . ASN A 1 54 ? 9.836   -5.853  -12.912 1.00 0.31 ? 54 ASN A HB3  1 
ATOM 835  H HD21 . ASN A 1 54 ? 9.297   -8.041  -12.975 1.00 0.80 ? 54 ASN A HD21 1 
ATOM 836  H HD22 . ASN A 1 54 ? 7.804   -8.658  -13.494 1.00 0.63 ? 54 ASN A HD22 1 
ATOM 837  N N    . VAL A 1 55 ? 8.440   -5.276  -10.434 1.00 0.24 ? 55 VAL A N    1 
ATOM 838  C CA   . VAL A 1 55 ? 7.901   -5.850  -9.168  1.00 0.25 ? 55 VAL A CA   1 
ATOM 839  C C    . VAL A 1 55 ? 6.664   -5.063  -8.732  1.00 0.23 ? 55 VAL A C    1 
ATOM 840  O O    . VAL A 1 55 ? 5.660   -5.627  -8.349  1.00 0.28 ? 55 VAL A O    1 
ATOM 841  C CB   . VAL A 1 55 ? 8.969   -5.756  -8.079  1.00 0.26 ? 55 VAL A CB   1 
ATOM 842  C CG1  . VAL A 1 55 ? 8.356   -6.123  -6.728  1.00 0.29 ? 55 VAL A CG1  1 
ATOM 843  C CG2  . VAL A 1 55 ? 10.110  -6.724  -8.401  1.00 0.30 ? 55 VAL A CG2  1 
ATOM 844  H H    . VAL A 1 55 ? 9.400   -5.100  -10.520 1.00 0.27 ? 55 VAL A H    1 
ATOM 845  H HA   . VAL A 1 55 ? 7.635   -6.884  -9.325  1.00 0.28 ? 55 VAL A HA   1 
ATOM 846  H HB   . VAL A 1 55 ? 9.352   -4.747  -8.038  1.00 0.24 ? 55 VAL A HB   1 
ATOM 847  H HG11 . VAL A 1 55 ? 7.296   -6.294  -6.847  1.00 1.02 ? 55 VAL A HG11 1 
ATOM 848  H HG12 . VAL A 1 55 ? 8.824   -7.020  -6.351  1.00 1.09 ? 55 VAL A HG12 1 
ATOM 849  H HG13 . VAL A 1 55 ? 8.513   -5.314  -6.030  1.00 1.02 ? 55 VAL A HG13 1 
ATOM 850  H HG21 . VAL A 1 55 ? 10.513  -6.492  -9.376  1.00 1.04 ? 55 VAL A HG21 1 
ATOM 851  H HG22 . VAL A 1 55 ? 10.887  -6.623  -7.658  1.00 1.02 ? 55 VAL A HG22 1 
ATOM 852  H HG23 . VAL A 1 55 ? 9.736   -7.736  -8.397  1.00 1.02 ? 55 VAL A HG23 1 
ATOM 853  N N    . THR A 1 56 ? 6.733   -3.762  -8.785  1.00 0.21 ? 56 THR A N    1 
ATOM 854  C CA   . THR A 1 56 ? 5.565   -2.936  -8.370  1.00 0.24 ? 56 THR A CA   1 
ATOM 855  C C    . THR A 1 56 ? 4.342   -3.308  -9.211  1.00 0.26 ? 56 THR A C    1 
ATOM 856  O O    . THR A 1 56 ? 3.285   -3.603  -8.687  1.00 0.33 ? 56 THR A O    1 
ATOM 857  C CB   . THR A 1 56 ? 5.901   -1.460  -8.574  1.00 0.25 ? 56 THR A CB   1 
ATOM 858  O OG1  . THR A 1 56 ? 6.682   -1.004  -7.479  1.00 0.28 ? 56 THR A OG1  1 
ATOM 859  C CG2  . THR A 1 56 ? 4.610   -0.644  -8.659  1.00 0.30 ? 56 THR A CG2  1 
ATOM 860  H H    . THR A 1 56 ? 7.555   -3.327  -9.094  1.00 0.22 ? 56 THR A H    1 
ATOM 861  H HA   . THR A 1 56 ? 5.352   -3.112  -7.327  1.00 0.26 ? 56 THR A HA   1 
ATOM 862  H HB   . THR A 1 56 ? 6.461   -1.342  -9.487  1.00 0.25 ? 56 THR A HB   1 
ATOM 863  H HG1  . THR A 1 56 ? 6.351   -0.145  -7.217  1.00 0.69 ? 56 THR A HG1  1 
ATOM 864  H HG21 . THR A 1 56 ? 3.830   -1.146  -8.106  1.00 0.95 ? 56 THR A HG21 1 
ATOM 865  H HG22 . THR A 1 56 ? 4.776   0.337   -8.236  1.00 0.89 ? 56 THR A HG22 1 
ATOM 866  H HG23 . THR A 1 56 ? 4.315   -0.545  -9.693  1.00 0.97 ? 56 THR A HG23 1 
ATOM 867  N N    . ASP A 1 57 ? 4.472   -3.298  -10.509 1.00 0.25 ? 57 ASP A N    1 
ATOM 868  C CA   . ASP A 1 57 ? 3.310   -3.653  -11.374 1.00 0.30 ? 57 ASP A CA   1 
ATOM 869  C C    . ASP A 1 57 ? 2.854   -5.076  -11.050 1.00 0.31 ? 57 ASP A C    1 
ATOM 870  O O    . ASP A 1 57 ? 1.756   -5.478  -11.382 1.00 0.41 ? 57 ASP A O    1 
ATOM 871  C CB   . ASP A 1 57 ? 3.724   -3.566  -12.845 1.00 0.37 ? 57 ASP A CB   1 
ATOM 872  C CG   . ASP A 1 57 ? 2.936   -2.449  -13.532 1.00 0.93 ? 57 ASP A CG   1 
ATOM 873  O OD1  . ASP A 1 57 ? 1.721   -2.552  -13.582 1.00 1.88 ? 57 ASP A OD1  1 
ATOM 874  O OD2  . ASP A 1 57 ? 3.560   -1.509  -13.995 1.00 1.31 ? 57 ASP A OD2  1 
ATOM 875  H H    . ASP A 1 57 ? 5.331   -3.058  -10.915 1.00 0.24 ? 57 ASP A H    1 
ATOM 876  H HA   . ASP A 1 57 ? 2.498   -2.966  -11.184 1.00 0.33 ? 57 ASP A HA   1 
ATOM 877  H HB2  . ASP A 1 57 ? 4.782   -3.354  -12.909 1.00 0.71 ? 57 ASP A HB2  1 
ATOM 878  H HB3  . ASP A 1 57 ? 3.513   -4.506  -13.334 1.00 0.71 ? 57 ASP A HB3  1 
ATOM 879  N N    . GLN A 1 58 ? 3.687   -5.841  -10.399 1.00 0.28 ? 58 GLN A N    1 
ATOM 880  C CA   . GLN A 1 58 ? 3.300   -7.235  -10.048 1.00 0.30 ? 58 GLN A CA   1 
ATOM 881  C C    . GLN A 1 58 ? 2.428   -7.215  -8.792  1.00 0.29 ? 58 GLN A C    1 
ATOM 882  O O    . GLN A 1 58 ? 1.424   -7.893  -8.709  1.00 0.34 ? 58 GLN A O    1 
ATOM 883  C CB   . GLN A 1 58 ? 4.558   -8.061  -9.778  1.00 0.32 ? 58 GLN A CB   1 
ATOM 884  C CG   . GLN A 1 58 ? 4.196   -9.546  -9.726  1.00 0.39 ? 58 GLN A CG   1 
ATOM 885  C CD   . GLN A 1 58 ? 5.471   -10.377 -9.575  1.00 0.51 ? 58 GLN A CD   1 
ATOM 886  O OE1  . GLN A 1 58 ? 5.493   -11.544 -9.913  1.00 0.86 ? 58 GLN A OE1  1 
ATOM 887  N NE2  . GLN A 1 58 ? 6.542   -9.823  -9.076  1.00 0.59 ? 58 GLN A NE2  1 
ATOM 888  H H    . GLN A 1 58 ? 4.566   -5.496  -10.139 1.00 0.30 ? 58 GLN A H    1 
ATOM 889  H HA   . GLN A 1 58 ? 2.750   -7.674  -10.865 1.00 0.34 ? 58 GLN A HA   1 
ATOM 890  H HB2  . GLN A 1 58 ? 5.271   -7.891  -10.569 1.00 0.34 ? 58 GLN A HB2  1 
ATOM 891  H HB3  . GLN A 1 58 ? 4.989   -7.764  -8.833  1.00 0.30 ? 58 GLN A HB3  1 
ATOM 892  H HG2  . GLN A 1 58 ? 3.543   -9.728  -8.884  1.00 0.45 ? 58 GLN A HG2  1 
ATOM 893  H HG3  . GLN A 1 58 ? 3.693   -9.826  -10.640 1.00 0.47 ? 58 GLN A HG3  1 
ATOM 894  H HE21 . GLN A 1 58 ? 6.525   -8.881  -8.804  1.00 0.79 ? 58 GLN A HE21 1 
ATOM 895  H HE22 . GLN A 1 58 ? 7.363   -10.347 -8.974  1.00 0.67 ? 58 GLN A HE22 1 
ATOM 896  N N    . ALA A 1 59 ? 2.807   -6.439  -7.813  1.00 0.27 ? 59 ALA A N    1 
ATOM 897  C CA   . ALA A 1 59 ? 2.006   -6.370  -6.559  1.00 0.31 ? 59 ALA A CA   1 
ATOM 898  C C    . ALA A 1 59 ? 0.598   -5.857  -6.873  1.00 0.33 ? 59 ALA A C    1 
ATOM 899  O O    . ALA A 1 59 ? -0.361  -6.211  -6.216  1.00 0.40 ? 59 ALA A O    1 
ATOM 900  C CB   . ALA A 1 59 ? 2.686   -5.420  -5.572  1.00 0.34 ? 59 ALA A CB   1 
ATOM 901  H H    . ALA A 1 59 ? 3.621   -5.902  -7.903  1.00 0.27 ? 59 ALA A H    1 
ATOM 902  H HA   . ALA A 1 59 ? 1.939   -7.356  -6.121  1.00 0.34 ? 59 ALA A HA   1 
ATOM 903  H HB1  . ALA A 1 59 ? 3.029   -4.540  -6.097  1.00 1.06 ? 59 ALA A HB1  1 
ATOM 904  H HB2  . ALA A 1 59 ? 1.982   -5.132  -4.806  1.00 0.97 ? 59 ALA A HB2  1 
ATOM 905  H HB3  . ALA A 1 59 ? 3.530   -5.918  -5.116  1.00 0.97 ? 59 ALA A HB3  1 
ATOM 906  N N    . ILE A 1 60 ? 0.465   -5.025  -7.871  1.00 0.32 ? 60 ILE A N    1 
ATOM 907  C CA   . ILE A 1 60 ? -0.885  -4.495  -8.218  1.00 0.38 ? 60 ILE A CA   1 
ATOM 908  C C    . ILE A 1 60 ? -1.702  -5.595  -8.895  1.00 0.43 ? 60 ILE A C    1 
ATOM 909  O O    . ILE A 1 60 ? -2.913  -5.635  -8.793  1.00 0.50 ? 60 ILE A O    1 
ATOM 910  C CB   . ILE A 1 60 ? -0.737  -3.309  -9.170  1.00 0.41 ? 60 ILE A CB   1 
ATOM 911  C CG1  . ILE A 1 60 ? 0.083   -2.213  -8.489  1.00 0.42 ? 60 ILE A CG1  1 
ATOM 912  C CG2  . ILE A 1 60 ? -2.122  -2.762  -9.525  1.00 0.48 ? 60 ILE A CG2  1 
ATOM 913  C CD1  . ILE A 1 60 ? 0.051   -0.944  -9.343  1.00 0.64 ? 60 ILE A CD1  1 
ATOM 914  H H    . ILE A 1 60 ? 1.250   -4.749  -8.392  1.00 0.31 ? 60 ILE A H    1 
ATOM 915  H HA   . ILE A 1 60 ? -1.388  -4.176  -7.318  1.00 0.41 ? 60 ILE A HA   1 
ATOM 916  H HB   . ILE A 1 60 ? -0.235  -3.630  -10.072 1.00 0.42 ? 60 ILE A HB   1 
ATOM 917  H HG12 . ILE A 1 60 ? -0.335  -2.003  -7.515  1.00 0.69 ? 60 ILE A HG12 1 
ATOM 918  H HG13 . ILE A 1 60 ? 1.104   -2.544  -8.379  1.00 0.63 ? 60 ILE A HG13 1 
ATOM 919  H HG21 . ILE A 1 60 ? -2.876  -3.485  -9.251  1.00 1.13 ? 60 ILE A HG21 1 
ATOM 920  H HG22 . ILE A 1 60 ? -2.293  -1.841  -8.987  1.00 1.20 ? 60 ILE A HG22 1 
ATOM 921  H HG23 . ILE A 1 60 ? -2.173  -2.573  -10.588 1.00 1.06 ? 60 ILE A HG23 1 
ATOM 922  H HD11 . ILE A 1 60 ? -0.553  -1.118  -10.222 1.00 1.30 ? 60 ILE A HD11 1 
ATOM 923  H HD12 . ILE A 1 60 ? -0.374  -0.135  -8.769  1.00 1.22 ? 60 ILE A HD12 1 
ATOM 924  H HD13 . ILE A 1 60 ? 1.055   -0.686  -9.642  1.00 1.24 ? 60 ILE A HD13 1 
ATOM 925  N N    . ALA A 1 61 ? -1.051  -6.487  -9.585  1.00 0.42 ? 61 ALA A N    1 
ATOM 926  C CA   . ALA A 1 61 ? -1.789  -7.585  -10.268 1.00 0.51 ? 61 ALA A CA   1 
ATOM 927  C C    . ALA A 1 61 ? -2.216  -8.633  -9.237  1.00 0.51 ? 61 ALA A C    1 
ATOM 928  O O    . ALA A 1 61 ? -3.064  -9.462  -9.497  1.00 0.62 ? 61 ALA A O    1 
ATOM 929  C CB   . ALA A 1 61 ? -0.880  -8.239  -11.312 1.00 0.60 ? 61 ALA A CB   1 
ATOM 930  H H    . ALA A 1 61 ? -0.074  -6.436  -9.653  1.00 0.39 ? 61 ALA A H    1 
ATOM 931  H HA   . ALA A 1 61 ? -2.664  -7.182  -10.756 1.00 0.58 ? 61 ALA A HA   1 
ATOM 932  H HB1  . ALA A 1 61 ? 0.062   -8.501  -10.855 1.00 1.19 ? 61 ALA A HB1  1 
ATOM 933  H HB2  . ALA A 1 61 ? -1.356  -9.130  -11.695 1.00 1.15 ? 61 ALA A HB2  1 
ATOM 934  H HB3  . ALA A 1 61 ? -0.708  -7.546  -12.123 1.00 1.25 ? 61 ALA A HB3  1 
ATOM 935  N N    . GLY A 1 62 ? -1.634  -8.602  -8.068  1.00 0.50 ? 62 GLY A N    1 
ATOM 936  C CA   . GLY A 1 62 ? -2.007  -9.599  -7.025  1.00 0.55 ? 62 GLY A CA   1 
ATOM 937  C C    . GLY A 1 62 ? -2.580  -8.877  -5.804  1.00 0.51 ? 62 GLY A C    1 
ATOM 938  O O    . GLY A 1 62 ? -2.601  -9.409  -4.712  1.00 0.62 ? 62 GLY A O    1 
ATOM 939  H H    . GLY A 1 62 ? -0.951  -7.927  -7.878  1.00 0.51 ? 62 GLY A H    1 
ATOM 940  H HA2  . GLY A 1 62 ? -2.749  -10.276 -7.425  1.00 0.60 ? 62 GLY A HA2  1 
ATOM 941  H HA3  . GLY A 1 62 ? -1.132  -10.156 -6.731  1.00 0.67 ? 62 GLY A HA3  1 
ATOM 942  N N    . LEU A 1 63 ? -3.044  -7.669  -5.976  1.00 0.48 ? 63 LEU A N    1 
ATOM 943  C CA   . LEU A 1 63 ? -3.614  -6.920  -4.821  1.00 0.50 ? 63 LEU A CA   1 
ATOM 944  C C    . LEU A 1 63 ? -4.736  -5.999  -5.309  1.00 0.48 ? 63 LEU A C    1 
ATOM 945  O O    . LEU A 1 63 ? -5.876  -6.129  -4.910  1.00 0.62 ? 63 LEU A O    1 
ATOM 946  C CB   . LEU A 1 63 ? -2.516  -6.080  -4.166  1.00 0.57 ? 63 LEU A CB   1 
ATOM 947  C CG   . LEU A 1 63 ? -1.488  -7.003  -3.508  1.00 0.73 ? 63 LEU A CG   1 
ATOM 948  C CD1  . LEU A 1 63 ? -0.245  -6.196  -3.134  1.00 0.99 ? 63 LEU A CD1  1 
ATOM 949  C CD2  . LEU A 1 63 ? -2.091  -7.621  -2.245  1.00 0.87 ? 63 LEU A CD2  1 
ATOM 950  H H    . LEU A 1 63 ? -3.019  -7.256  -6.865  1.00 0.55 ? 63 LEU A H    1 
ATOM 951  H HA   . LEU A 1 63 ? -4.012  -7.618  -4.099  1.00 0.57 ? 63 LEU A HA   1 
ATOM 952  H HB2  . LEU A 1 63 ? -2.030  -5.475  -4.917  1.00 0.54 ? 63 LEU A HB2  1 
ATOM 953  H HB3  . LEU A 1 63 ? -2.954  -5.440  -3.415  1.00 0.65 ? 63 LEU A HB3  1 
ATOM 954  H HG   . LEU A 1 63 ? -1.214  -7.786  -4.199  1.00 1.04 ? 63 LEU A HG   1 
ATOM 955  H HD11 . LEU A 1 63 ? -0.519  -5.164  -2.971  1.00 1.47 ? 63 LEU A HD11 1 
ATOM 956  H HD12 . LEU A 1 63 ? 0.190   -6.600  -2.231  1.00 1.43 ? 63 LEU A HD12 1 
ATOM 957  H HD13 . LEU A 1 63 ? 0.477   -6.253  -3.936  1.00 1.51 ? 63 LEU A HD13 1 
ATOM 958  H HD21 . LEU A 1 63 ? -3.167  -7.529  -2.277  1.00 1.28 ? 63 LEU A HD21 1 
ATOM 959  H HD22 . LEU A 1 63 ? -1.821  -8.665  -2.191  1.00 1.47 ? 63 LEU A HD22 1 
ATOM 960  H HD23 . LEU A 1 63 ? -1.711  -7.105  -1.375  1.00 1.44 ? 63 LEU A HD23 1 
ATOM 961  N N    . ASN A 1 64 ? -4.420  -5.068  -6.167  1.00 0.50 ? 64 ASN A N    1 
ATOM 962  C CA   . ASN A 1 64 ? -5.465  -4.136  -6.679  1.00 0.57 ? 64 ASN A CA   1 
ATOM 963  C C    . ASN A 1 64 ? -6.737  -4.919  -7.008  1.00 0.54 ? 64 ASN A C    1 
ATOM 964  O O    . ASN A 1 64 ? -6.753  -5.760  -7.886  1.00 0.65 ? 64 ASN A O    1 
ATOM 965  C CB   . ASN A 1 64 ? -4.954  -3.442  -7.943  1.00 0.68 ? 64 ASN A CB   1 
ATOM 966  C CG   . ASN A 1 64 ? -6.072  -2.585  -8.539  1.00 0.98 ? 64 ASN A CG   1 
ATOM 967  O OD1  . ASN A 1 64 ? -6.327  -2.636  -9.725  1.00 1.78 ? 64 ASN A OD1  1 
ATOM 968  N ND2  . ASN A 1 64 ? -6.755  -1.792  -7.759  1.00 1.56 ? 64 ASN A ND2  1 
ATOM 969  H H    . ASN A 1 64 ? -3.492  -4.980  -6.474  1.00 0.60 ? 64 ASN A H    1 
ATOM 970  H HA   . ASN A 1 64 ? -5.684  -3.394  -5.926  1.00 0.66 ? 64 ASN A HA   1 
ATOM 971  H HB2  . ASN A 1 64 ? -4.110  -2.815  -7.694  1.00 1.13 ? 64 ASN A HB2  1 
ATOM 972  H HB3  . ASN A 1 64 ? -4.651  -4.186  -8.665  1.00 0.99 ? 64 ASN A HB3  1 
ATOM 973  H HD21 . ASN A 1 64 ? -6.550  -1.751  -6.802  1.00 2.04 ? 64 ASN A HD21 1 
ATOM 974  H HD22 . ASN A 1 64 ? -7.474  -1.239  -8.130  1.00 2.00 ? 64 ASN A HD22 1 
ATOM 975  N N    . GLY A 1 65 ? -7.809  -4.647  -6.312  1.00 0.54 ? 65 GLY A N    1 
ATOM 976  C CA   . GLY A 1 65 ? -9.081  -5.372  -6.586  1.00 0.60 ? 65 GLY A CA   1 
ATOM 977  C C    . GLY A 1 65 ? -9.221  -6.543  -5.612  1.00 0.61 ? 65 GLY A C    1 
ATOM 978  O O    . GLY A 1 65 ? -9.373  -7.681  -6.012  1.00 0.65 ? 65 GLY A O    1 
ATOM 979  H H    . GLY A 1 65 ? -7.775  -3.964  -5.610  1.00 0.62 ? 65 GLY A H    1 
ATOM 980  H HA2  . GLY A 1 65 ? -9.914  -4.695  -6.460  1.00 0.68 ? 65 GLY A HA2  1 
ATOM 981  H HA3  . GLY A 1 65 ? -9.071  -5.748  -7.597  1.00 0.67 ? 65 GLY A HA3  1 
ATOM 982  N N    . MET A 1 66 ? -9.171  -6.276  -4.334  1.00 0.74 ? 66 MET A N    1 
ATOM 983  C CA   . MET A 1 66 ? -9.301  -7.377  -3.337  1.00 0.85 ? 66 MET A CA   1 
ATOM 984  C C    . MET A 1 66 ? -10.246 -6.944  -2.215  1.00 0.89 ? 66 MET A C    1 
ATOM 985  O O    . MET A 1 66 ? -9.834  -6.717  -1.094  1.00 0.98 ? 66 MET A O    1 
ATOM 986  C CB   . MET A 1 66 ? -7.924  -7.696  -2.750  1.00 0.94 ? 66 MET A CB   1 
ATOM 987  C CG   . MET A 1 66 ? -8.059  -8.810  -1.710  1.00 1.11 ? 66 MET A CG   1 
ATOM 988  S SD   . MET A 1 66 ? -6.495  -9.712  -1.587  1.00 1.46 ? 66 MET A SD   1 
ATOM 989  C CE   . MET A 1 66 ? -7.150  -11.192 -0.778  1.00 2.04 ? 66 MET A CE   1 
ATOM 990  H H    . MET A 1 66 ? -9.048  -5.353  -4.031  1.00 0.83 ? 66 MET A H    1 
ATOM 991  H HA   . MET A 1 66 ? -9.696  -8.256  -3.823  1.00 0.92 ? 66 MET A HA   1 
ATOM 992  H HB2  . MET A 1 66 ? -7.261  -8.017  -3.540  1.00 0.98 ? 66 MET A HB2  1 
ATOM 993  H HB3  . MET A 1 66 ? -7.521  -6.813  -2.277  1.00 0.92 ? 66 MET A HB3  1 
ATOM 994  H HG2  . MET A 1 66 ? -8.303  -8.379  -0.750  1.00 1.42 ? 66 MET A HG2  1 
ATOM 995  H HG3  . MET A 1 66 ? -8.843  -9.489  -2.010  1.00 1.24 ? 66 MET A HG3  1 
ATOM 996  H HE1  . MET A 1 66 ? -7.838  -10.899 0.003   1.00 2.52 ? 66 MET A HE1  1 
ATOM 997  H HE2  . MET A 1 66 ? -7.665  -11.802 -1.508  1.00 2.51 ? 66 MET A HE2  1 
ATOM 998  H HE3  . MET A 1 66 ? -6.340  -11.758 -0.348  1.00 2.37 ? 66 MET A HE3  1 
ATOM 999  N N    . GLN A 1 67 ? -11.514 -6.831  -2.506  1.00 0.92 ? 67 GLN A N    1 
ATOM 1000 C CA   . GLN A 1 67 ? -12.490 -6.415  -1.459  1.00 1.03 ? 67 GLN A CA   1 
ATOM 1001 C C    . GLN A 1 67 ? -12.274 -7.246  -0.198  1.00 1.14 ? 67 GLN A C    1 
ATOM 1002 O O    . GLN A 1 67 ? -11.509 -8.190  -0.179  1.00 1.16 ? 67 GLN A O    1 
ATOM 1003 C CB   . GLN A 1 67 ? -13.912 -6.637  -1.979  1.00 1.13 ? 67 GLN A CB   1 
ATOM 1004 C CG   . GLN A 1 67 ? -14.939 -6.007  -1.035  1.00 1.40 ? 67 GLN A CG   1 
ATOM 1005 C CD   . GLN A 1 67 ? -15.478 -7.074  -0.080  1.00 1.74 ? 67 GLN A CD   1 
ATOM 1006 O OE1  . GLN A 1 67 ? -15.262 -8.252  -0.282  1.00 2.30 ? 67 GLN A OE1  1 
ATOM 1007 N NE2  . GLN A 1 67 ? -16.174 -6.708  0.962   1.00 2.18 ? 67 GLN A NE2  1 
ATOM 1008 H H    . GLN A 1 67 ? -11.824 -7.019  -3.417  1.00 0.93 ? 67 GLN A H    1 
ATOM 1009 H HA   . GLN A 1 67 ? -12.350 -5.370  -1.230  1.00 1.04 ? 67 GLN A HA   1 
ATOM 1010 H HB2  . GLN A 1 67 ? -14.004 -6.182  -2.941  1.00 1.09 ? 67 GLN A HB2  1 
ATOM 1011 H HB3  . GLN A 1 67 ? -14.106 -7.696  -2.061  1.00 1.22 ? 67 GLN A HB3  1 
ATOM 1012 H HG2  . GLN A 1 67 ? -14.471 -5.213  -0.470  1.00 1.99 ? 67 GLN A HG2  1 
ATOM 1013 H HG3  . GLN A 1 67 ? -15.756 -5.602  -1.612  1.00 1.76 ? 67 GLN A HG3  1 
ATOM 1014 H HE21 . GLN A 1 67 ? -16.345 -5.758  1.127   1.00 2.17 ? 67 GLN A HE21 1 
ATOM 1015 H HE22 . GLN A 1 67 ? -16.526 -7.384  1.577   1.00 2.81 ? 67 GLN A HE22 1 
ATOM 1016 N N    . LEU A 1 68 ? -12.947 -6.892  0.853   1.00 1.28 ? 68 LEU A N    1 
ATOM 1017 C CA   . LEU A 1 68 ? -12.800 -7.644  2.132   1.00 1.47 ? 68 LEU A CA   1 
ATOM 1018 C C    . LEU A 1 68 ? -14.183 -7.944  2.716   1.00 1.77 ? 68 LEU A C    1 
ATOM 1019 O O    . LEU A 1 68 ? -14.668 -9.056  2.651   1.00 2.44 ? 68 LEU A O    1 
ATOM 1020 C CB   . LEU A 1 68 ? -12.002 -6.801  3.128   1.00 1.47 ? 68 LEU A CB   1 
ATOM 1021 C CG   . LEU A 1 68 ? -11.773 -7.601  4.411   1.00 1.80 ? 68 LEU A CG   1 
ATOM 1022 C CD1  . LEU A 1 68 ? -10.637 -8.602  4.193   1.00 1.83 ? 68 LEU A CD1  1 
ATOM 1023 C CD2  . LEU A 1 68 ? -11.399 -6.642  5.545   1.00 2.15 ? 68 LEU A CD2  1 
ATOM 1024 H H    . LEU A 1 68 ? -13.551 -6.125  0.800   1.00 1.31 ? 68 LEU A H    1 
ATOM 1025 H HA   . LEU A 1 68 ? -12.282 -8.570  1.949   1.00 1.51 ? 68 LEU A HA   1 
ATOM 1026 H HB2  . LEU A 1 68 ? -11.049 -6.538  2.694   1.00 1.39 ? 68 LEU A HB2  1 
ATOM 1027 H HB3  . LEU A 1 68 ? -12.550 -5.901  3.362   1.00 1.72 ? 68 LEU A HB3  1 
ATOM 1028 H HG   . LEU A 1 68 ? -12.677 -8.133  4.670   1.00 2.51 ? 68 LEU A HG   1 
ATOM 1029 H HD11 . LEU A 1 68 ? -9.927  -8.193  3.489   1.00 2.07 ? 68 LEU A HD11 1 
ATOM 1030 H HD12 . LEU A 1 68 ? -10.141 -8.794  5.132   1.00 2.16 ? 68 LEU A HD12 1 
ATOM 1031 H HD13 . LEU A 1 68 ? -11.040 -9.525  3.803   1.00 2.30 ? 68 LEU A HD13 1 
ATOM 1032 H HD21 . LEU A 1 68 ? -12.032 -5.768  5.502   1.00 2.46 ? 68 LEU A HD21 1 
ATOM 1033 H HD22 . LEU A 1 68 ? -11.534 -7.138  6.495   1.00 2.72 ? 68 LEU A HD22 1 
ATOM 1034 H HD23 . LEU A 1 68 ? -10.366 -6.343  5.437   1.00 2.38 ? 68 LEU A HD23 1 
ATOM 1035 N N    . GLY A 1 69 ? -14.816 -6.959  3.286   1.00 1.86 ? 69 GLY A N    1 
ATOM 1036 C CA   . GLY A 1 69 ? -16.167 -7.175  3.878   1.00 2.11 ? 69 GLY A CA   1 
ATOM 1037 C C    . GLY A 1 69 ? -17.034 -5.940  3.627   1.00 2.02 ? 69 GLY A C    1 
ATOM 1038 O O    . GLY A 1 69 ? -18.111 -6.029  3.072   1.00 2.45 ? 69 GLY A O    1 
ATOM 1039 H H    . GLY A 1 69 ? -14.402 -6.073  3.325   1.00 2.20 ? 69 GLY A H    1 
ATOM 1040 H HA2  . GLY A 1 69 ? -16.626 -8.040  3.420   1.00 2.33 ? 69 GLY A HA2  1 
ATOM 1041 H HA3  . GLY A 1 69 ? -16.073 -7.335  4.941   1.00 2.26 ? 69 GLY A HA3  1 
ATOM 1042 N N    . ASP A 1 70 ? -16.571 -4.788  4.030   1.00 1.99 ? 70 ASP A N    1 
ATOM 1043 C CA   . ASP A 1 70 ? -17.368 -3.548  3.812   1.00 2.09 ? 70 ASP A CA   1 
ATOM 1044 C C    . ASP A 1 70 ? -16.492 -2.484  3.147   1.00 1.88 ? 70 ASP A C    1 
ATOM 1045 O O    . ASP A 1 70 ? -16.905 -1.357  2.961   1.00 1.97 ? 70 ASP A O    1 
ATOM 1046 C CB   . ASP A 1 70 ? -17.872 -3.022  5.158   1.00 2.41 ? 70 ASP A CB   1 
ATOM 1047 C CG   . ASP A 1 70 ? -19.090 -2.124  4.932   1.00 3.11 ? 70 ASP A CG   1 
ATOM 1048 O OD1  . ASP A 1 70 ? -18.939 -1.111  4.269   1.00 3.93 ? 70 ASP A OD1  1 
ATOM 1049 O OD2  . ASP A 1 70 ? -20.151 -2.465  5.426   1.00 3.33 ? 70 ASP A OD2  1 
ATOM 1050 H H    . ASP A 1 70 ? -15.699 -4.738  4.474   1.00 2.28 ? 70 ASP A H    1 
ATOM 1051 H HA   . ASP A 1 70 ? -18.211 -3.769  3.174   1.00 2.22 ? 70 ASP A HA   1 
ATOM 1052 H HB2  . ASP A 1 70 ? -18.148 -3.854  5.788   1.00 2.51 ? 70 ASP A HB2  1 
ATOM 1053 H HB3  . ASP A 1 70 ? -17.090 -2.451  5.637   1.00 2.68 ? 70 ASP A HB3  1 
ATOM 1054 N N    . LYS A 1 71 ? -15.284 -2.829  2.790   1.00 1.63 ? 71 LYS A N    1 
ATOM 1055 C CA   . LYS A 1 71 ? -14.389 -1.829  2.142   1.00 1.45 ? 71 LYS A CA   1 
ATOM 1056 C C    . LYS A 1 71 ? -13.656 -2.482  0.967   1.00 1.22 ? 71 LYS A C    1 
ATOM 1057 O O    . LYS A 1 71 ? -13.564 -3.689  0.875   1.00 1.36 ? 71 LYS A O    1 
ATOM 1058 C CB   . LYS A 1 71 ? -13.371 -1.321  3.163   1.00 1.53 ? 71 LYS A CB   1 
ATOM 1059 C CG   . LYS A 1 71 ? -14.068 -1.100  4.508   1.00 1.77 ? 71 LYS A CG   1 
ATOM 1060 C CD   . LYS A 1 71 ? -13.050 -0.604  5.538   1.00 2.12 ? 71 LYS A CD   1 
ATOM 1061 C CE   . LYS A 1 71 ? -12.540 0.779   5.129   1.00 2.46 ? 71 LYS A CE   1 
ATOM 1062 N NZ   . LYS A 1 71 ? -12.923 1.776   6.168   1.00 3.09 ? 71 LYS A NZ   1 
ATOM 1063 H H    . LYS A 1 71 ? -14.966 -3.743  2.950   1.00 1.61 ? 71 LYS A H    1 
ATOM 1064 H HA   . LYS A 1 71 ? -14.980 -1.000  1.780   1.00 1.48 ? 71 LYS A HA   1 
ATOM 1065 H HB2  . LYS A 1 71 ? -12.583 -2.049  3.280   1.00 1.59 ? 71 LYS A HB2  1 
ATOM 1066 H HB3  . LYS A 1 71 ? -12.951 -0.387  2.820   1.00 1.47 ? 71 LYS A HB3  1 
ATOM 1067 H HG2  . LYS A 1 71 ? -14.850 -0.364  4.391   1.00 2.00 ? 71 LYS A HG2  1 
ATOM 1068 H HG3  . LYS A 1 71 ? -14.497 -2.030  4.848   1.00 1.88 ? 71 LYS A HG3  1 
ATOM 1069 H HD2  . LYS A 1 71 ? -13.521 -0.542  6.508   1.00 2.72 ? 71 LYS A HD2  1 
ATOM 1070 H HD3  . LYS A 1 71 ? -12.220 -1.293  5.583   1.00 2.35 ? 71 LYS A HD3  1 
ATOM 1071 H HE2  . LYS A 1 71 ? -11.464 0.752   5.035   1.00 2.65 ? 71 LYS A HE2  1 
ATOM 1072 H HE3  . LYS A 1 71 ? -12.978 1.059   4.182   1.00 2.85 ? 71 LYS A HE3  1 
ATOM 1073 H HZ1  . LYS A 1 71 ? -13.811 1.482   6.621   1.00 3.35 ? 71 LYS A HZ1  1 
ATOM 1074 H HZ2  . LYS A 1 71 ? -12.173 1.836   6.885   1.00 3.51 ? 71 LYS A HZ2  1 
ATOM 1075 H HZ3  . LYS A 1 71 ? -13.053 2.707   5.722   1.00 3.40 ? 71 LYS A HZ3  1 
ATOM 1076 N N    . LYS A 1 72 ? -13.135 -1.692  0.068   1.00 1.02 ? 72 LYS A N    1 
ATOM 1077 C CA   . LYS A 1 72 ? -12.410 -2.268  -1.099  1.00 0.82 ? 72 LYS A CA   1 
ATOM 1078 C C    . LYS A 1 72 ? -10.915 -1.968  -0.971  1.00 0.69 ? 72 LYS A C    1 
ATOM 1079 O O    . LYS A 1 72 ? -10.520 -0.882  -0.594  1.00 0.85 ? 72 LYS A O    1 
ATOM 1080 C CB   . LYS A 1 72 ? -12.950 -1.650  -2.390  1.00 0.86 ? 72 LYS A CB   1 
ATOM 1081 C CG   . LYS A 1 72 ? -12.145 -2.171  -3.583  1.00 0.82 ? 72 LYS A CG   1 
ATOM 1082 C CD   . LYS A 1 72 ? -12.790 -1.688  -4.884  1.00 1.20 ? 72 LYS A CD   1 
ATOM 1083 C CE   . LYS A 1 72 ? -13.228 -2.894  -5.717  1.00 1.52 ? 72 LYS A CE   1 
ATOM 1084 N NZ   . LYS A 1 72 ? -14.382 -2.509  -6.578  1.00 2.01 ? 72 LYS A NZ   1 
ATOM 1085 H H    . LYS A 1 72 ? -13.221 -0.721  0.161   1.00 1.12 ? 72 LYS A H    1 
ATOM 1086 H HA   . LYS A 1 72 ? -12.561 -3.339  -1.121  1.00 0.83 ? 72 LYS A HA   1 
ATOM 1087 H HB2  . LYS A 1 72 ? -13.989 -1.920  -2.511  1.00 1.00 ? 72 LYS A HB2  1 
ATOM 1088 H HB3  . LYS A 1 72 ? -12.859 -0.576  -2.340  1.00 0.92 ? 72 LYS A HB3  1 
ATOM 1089 H HG2  . LYS A 1 72 ? -11.132 -1.800  -3.523  1.00 1.02 ? 72 LYS A HG2  1 
ATOM 1090 H HG3  . LYS A 1 72 ? -12.136 -3.251  -3.568  1.00 1.05 ? 72 LYS A HG3  1 
ATOM 1091 H HD2  . LYS A 1 72 ? -13.651 -1.077  -4.653  1.00 1.86 ? 72 LYS A HD2  1 
ATOM 1092 H HD3  . LYS A 1 72 ? -12.075 -1.105  -5.446  1.00 1.80 ? 72 LYS A HD3  1 
ATOM 1093 H HE2  . LYS A 1 72 ? -12.408 -3.219  -6.339  1.00 2.04 ? 72 LYS A HE2  1 
ATOM 1094 H HE3  . LYS A 1 72 ? -13.522 -3.699  -5.059  1.00 2.05 ? 72 LYS A HE3  1 
ATOM 1095 H HZ1  . LYS A 1 72 ? -14.493 -1.476  -6.567  1.00 2.37 ? 72 LYS A HZ1  1 
ATOM 1096 H HZ2  . LYS A 1 72 ? -14.211 -2.831  -7.552  1.00 2.41 ? 72 LYS A HZ2  1 
ATOM 1097 H HZ3  . LYS A 1 72 ? -15.249 -2.956  -6.216  1.00 2.38 ? 72 LYS A HZ3  1 
ATOM 1098 N N    . LEU A 1 73 ? -10.084 -2.924  -1.281  1.00 0.55 ? 73 LEU A N    1 
ATOM 1099 C CA   . LEU A 1 73 ? -8.617  -2.703  -1.176  1.00 0.51 ? 73 LEU A CA   1 
ATOM 1100 C C    . LEU A 1 73 ? -8.173  -1.687  -2.232  1.00 0.45 ? 73 LEU A C    1 
ATOM 1101 O O    . LEU A 1 73 ? -8.108  -1.987  -3.407  1.00 0.50 ? 73 LEU A O    1 
ATOM 1102 C CB   . LEU A 1 73 ? -7.896  -4.031  -1.411  1.00 0.59 ? 73 LEU A CB   1 
ATOM 1103 C CG   . LEU A 1 73 ? -7.958  -4.885  -0.142  1.00 0.67 ? 73 LEU A CG   1 
ATOM 1104 C CD1  . LEU A 1 73 ? -6.799  -4.511  0.784   1.00 1.05 ? 73 LEU A CD1  1 
ATOM 1105 C CD2  . LEU A 1 73 ? -9.285  -4.640  0.581   1.00 1.10 ? 73 LEU A CD2  1 
ATOM 1106 H H    . LEU A 1 73 ? -10.423 -3.792  -1.580  1.00 0.62 ? 73 LEU A H    1 
ATOM 1107 H HA   . LEU A 1 73 ? -8.376  -2.331  -0.191  1.00 0.56 ? 73 LEU A HA   1 
ATOM 1108 H HB2  . LEU A 1 73 ? -8.373  -4.559  -2.224  1.00 0.65 ? 73 LEU A HB2  1 
ATOM 1109 H HB3  . LEU A 1 73 ? -6.866  -3.839  -1.663  1.00 0.69 ? 73 LEU A HB3  1 
ATOM 1110 H HG   . LEU A 1 73 ? -7.881  -5.929  -0.409  1.00 1.06 ? 73 LEU A HG   1 
ATOM 1111 H HD11 . LEU A 1 73 ? -6.437  -3.526  0.528   1.00 1.61 ? 73 LEU A HD11 1 
ATOM 1112 H HD12 . LEU A 1 73 ? -7.142  -4.513  1.809   1.00 1.65 ? 73 LEU A HD12 1 
ATOM 1113 H HD13 . LEU A 1 73 ? -6.001  -5.228  0.671   1.00 1.49 ? 73 LEU A HD13 1 
ATOM 1114 H HD21 . LEU A 1 73 ? -10.104 -4.867  -0.084  1.00 1.50 ? 73 LEU A HD21 1 
ATOM 1115 H HD22 . LEU A 1 73 ? -9.342  -5.273  1.454   1.00 1.73 ? 73 LEU A HD22 1 
ATOM 1116 H HD23 . LEU A 1 73 ? -9.344  -3.604  0.883   1.00 1.61 ? 73 LEU A HD23 1 
ATOM 1117 N N    . LEU A 1 74 ? -7.865  -0.486  -1.822  1.00 0.42 ? 74 LEU A N    1 
ATOM 1118 C CA   . LEU A 1 74 ? -7.425  0.546   -2.802  1.00 0.42 ? 74 LEU A CA   1 
ATOM 1119 C C    . LEU A 1 74 ? -5.918  0.413   -3.038  1.00 0.38 ? 74 LEU A C    1 
ATOM 1120 O O    . LEU A 1 74 ? -5.152  1.310   -2.746  1.00 0.54 ? 74 LEU A O    1 
ATOM 1121 C CB   . LEU A 1 74 ? -7.734  1.940   -2.250  1.00 0.48 ? 74 LEU A CB   1 
ATOM 1122 C CG   . LEU A 1 74 ? -9.225  2.042   -1.924  1.00 0.63 ? 74 LEU A CG   1 
ATOM 1123 C CD1  . LEU A 1 74 ? -9.703  3.478   -2.152  1.00 1.56 ? 74 LEU A CD1  1 
ATOM 1124 C CD2  . LEU A 1 74 ? -10.012 1.095   -2.833  1.00 1.00 ? 74 LEU A CD2  1 
ATOM 1125 H H    . LEU A 1 74 ? -7.924  -0.262  -0.868  1.00 0.43 ? 74 LEU A H    1 
ATOM 1126 H HA   . LEU A 1 74 ? -7.949  0.403   -3.736  1.00 0.47 ? 74 LEU A HA   1 
ATOM 1127 H HB2  . LEU A 1 74 ? -7.157  2.107   -1.352  1.00 0.52 ? 74 LEU A HB2  1 
ATOM 1128 H HB3  . LEU A 1 74 ? -7.477  2.686   -2.988  1.00 0.58 ? 74 LEU A HB3  1 
ATOM 1129 H HG   . LEU A 1 74 ? -9.386  1.770   -0.891  1.00 1.16 ? 74 LEU A HG   1 
ATOM 1130 H HD11 . LEU A 1 74 ? -9.407  3.804   -3.137  1.00 2.19 ? 74 LEU A HD11 1 
ATOM 1131 H HD12 . LEU A 1 74 ? -10.779 3.515   -2.068  1.00 2.07 ? 74 LEU A HD12 1 
ATOM 1132 H HD13 . LEU A 1 74 ? -9.261  4.126   -1.411  1.00 1.97 ? 74 LEU A HD13 1 
ATOM 1133 H HD21 . LEU A 1 74 ? -9.649  1.183   -3.846  1.00 1.61 ? 74 LEU A HD21 1 
ATOM 1134 H HD22 . LEU A 1 74 ? -9.885  0.078   -2.491  1.00 1.38 ? 74 LEU A HD22 1 
ATOM 1135 H HD23 . LEU A 1 74 ? -11.060 1.356   -2.803  1.00 1.63 ? 74 LEU A HD23 1 
ATOM 1136 N N    . VAL A 1 75 ? -5.485  -0.704  -3.560  1.00 0.36 ? 75 VAL A N    1 
ATOM 1137 C CA   . VAL A 1 75 ? -4.029  -0.896  -3.810  1.00 0.34 ? 75 VAL A CA   1 
ATOM 1138 C C    . VAL A 1 75 ? -3.703  -0.527  -5.259  1.00 0.38 ? 75 VAL A C    1 
ATOM 1139 O O    . VAL A 1 75 ? -4.101  -1.202  -6.187  1.00 0.71 ? 75 VAL A O    1 
ATOM 1140 C CB   . VAL A 1 75 ? -3.658  -2.361  -3.563  1.00 0.37 ? 75 VAL A CB   1 
ATOM 1141 C CG1  . VAL A 1 75 ? -2.140  -2.525  -3.645  1.00 0.49 ? 75 VAL A CG1  1 
ATOM 1142 C CG2  . VAL A 1 75 ? -4.142  -2.781  -2.174  1.00 0.38 ? 75 VAL A CG2  1 
ATOM 1143 H H    . VAL A 1 75 ? -6.120  -1.416  -3.785  1.00 0.49 ? 75 VAL A H    1 
ATOM 1144 H HA   . VAL A 1 75 ? -3.462  -0.265  -3.142  1.00 0.32 ? 75 VAL A HA   1 
ATOM 1145 H HB   . VAL A 1 75 ? -4.127  -2.981  -4.313  1.00 0.43 ? 75 VAL A HB   1 
ATOM 1146 H HG11 . VAL A 1 75 ? -1.692  -1.593  -3.958  1.00 1.03 ? 75 VAL A HG11 1 
ATOM 1147 H HG12 . VAL A 1 75 ? -1.755  -2.801  -2.674  1.00 1.15 ? 75 VAL A HG12 1 
ATOM 1148 H HG13 . VAL A 1 75 ? -1.899  -3.298  -4.360  1.00 1.13 ? 75 VAL A HG13 1 
ATOM 1149 H HG21 . VAL A 1 75 ? -4.297  -1.901  -1.565  1.00 1.03 ? 75 VAL A HG21 1 
ATOM 1150 H HG22 . VAL A 1 75 ? -5.071  -3.323  -2.265  1.00 1.12 ? 75 VAL A HG22 1 
ATOM 1151 H HG23 . VAL A 1 75 ? -3.399  -3.413  -1.711  1.00 0.97 ? 75 VAL A HG23 1 
ATOM 1152 N N    . GLN A 1 76 ? -2.979  0.540   -5.460  1.00 0.32 ? 76 GLN A N    1 
ATOM 1153 C CA   . GLN A 1 76 ? -2.624  0.952   -6.847  1.00 0.33 ? 76 GLN A CA   1 
ATOM 1154 C C    . GLN A 1 76 ? -1.313  1.741   -6.823  1.00 0.30 ? 76 GLN A C    1 
ATOM 1155 O O    . GLN A 1 76 ? -0.613  1.767   -5.829  1.00 0.35 ? 76 GLN A O    1 
ATOM 1156 C CB   . GLN A 1 76 ? -3.739  1.827   -7.422  1.00 0.40 ? 76 GLN A CB   1 
ATOM 1157 C CG   . GLN A 1 76 ? -4.137  2.886   -6.392  1.00 0.50 ? 76 GLN A CG   1 
ATOM 1158 C CD   . GLN A 1 76 ? -5.403  3.604   -6.862  1.00 0.82 ? 76 GLN A CD   1 
ATOM 1159 O OE1  . GLN A 1 76 ? -5.384  4.314   -7.848  1.00 1.51 ? 76 GLN A OE1  1 
ATOM 1160 N NE2  . GLN A 1 76 ? -6.513  3.446   -6.193  1.00 1.22 ? 76 GLN A NE2  1 
ATOM 1161 H H    . GLN A 1 76 ? -2.665  1.069   -4.696  1.00 0.52 ? 76 GLN A H    1 
ATOM 1162 H HA   . GLN A 1 76 ? -2.502  0.073   -7.464  1.00 0.37 ? 76 GLN A HA   1 
ATOM 1163 H HB2  . GLN A 1 76 ? -3.388  2.312   -8.321  1.00 0.46 ? 76 GLN A HB2  1 
ATOM 1164 H HB3  . GLN A 1 76 ? -4.596  1.213   -7.653  1.00 0.48 ? 76 GLN A HB3  1 
ATOM 1165 H HG2  . GLN A 1 76 ? -4.323  2.411   -5.440  1.00 0.85 ? 76 GLN A HG2  1 
ATOM 1166 H HG3  . GLN A 1 76 ? -3.338  3.604   -6.286  1.00 0.82 ? 76 GLN A HG3  1 
ATOM 1167 H HE21 . GLN A 1 76 ? -6.528  2.873   -5.398  1.00 1.59 ? 76 GLN A HE21 1 
ATOM 1168 H HE22 . GLN A 1 76 ? -7.329  3.902   -6.485  1.00 1.55 ? 76 GLN A HE22 1 
ATOM 1169 N N    . ARG A 1 77 ? -0.973  2.384   -7.906  1.00 0.31 ? 77 ARG A N    1 
ATOM 1170 C CA   . ARG A 1 77 ? 0.292   3.166   -7.941  1.00 0.29 ? 77 ARG A CA   1 
ATOM 1171 C C    . ARG A 1 77 ? 0.062   4.545   -7.318  1.00 0.30 ? 77 ARG A C    1 
ATOM 1172 O O    . ARG A 1 77 ? -0.678  5.356   -7.839  1.00 0.36 ? 77 ARG A O    1 
ATOM 1173 C CB   . ARG A 1 77 ? 0.738   3.332   -9.394  1.00 0.35 ? 77 ARG A CB   1 
ATOM 1174 C CG   . ARG A 1 77 ? 1.439   2.055   -9.863  1.00 0.39 ? 77 ARG A CG   1 
ATOM 1175 C CD   . ARG A 1 77 ? 1.231   1.883   -11.369 1.00 0.62 ? 77 ARG A CD   1 
ATOM 1176 N NE   . ARG A 1 77 ? 2.112   2.835   -12.102 1.00 1.31 ? 77 ARG A NE   1 
ATOM 1177 C CZ   . ARG A 1 77 ? 2.108   2.854   -13.406 1.00 1.76 ? 77 ARG A CZ   1 
ATOM 1178 N NH1  . ARG A 1 77 ? 1.214   3.557   -14.046 1.00 2.49 ? 77 ARG A NH1  1 
ATOM 1179 N NH2  . ARG A 1 77 ? 2.998   2.169   -14.072 1.00 2.21 ? 77 ARG A NH2  1 
ATOM 1180 H H    . ARG A 1 77 ? -1.547  2.351   -8.698  1.00 0.39 ? 77 ARG A H    1 
ATOM 1181 H HA   . ARG A 1 77 ? 1.056   2.643   -7.385  1.00 0.27 ? 77 ARG A HA   1 
ATOM 1182 H HB2  . ARG A 1 77 ? -0.125  3.518   -10.016 1.00 0.38 ? 77 ARG A HB2  1 
ATOM 1183 H HB3  . ARG A 1 77 ? 1.420   4.161   -9.467  1.00 0.36 ? 77 ARG A HB3  1 
ATOM 1184 H HG2  . ARG A 1 77 ? 2.496   2.125   -9.650  1.00 0.61 ? 77 ARG A HG2  1 
ATOM 1185 H HG3  . ARG A 1 77 ? 1.023   1.204   -9.345  1.00 0.56 ? 77 ARG A HG3  1 
ATOM 1186 H HD2  . ARG A 1 77 ? 1.476   0.872   -11.653 1.00 1.39 ? 77 ARG A HD2  1 
ATOM 1187 H HD3  . ARG A 1 77 ? 0.199   2.087   -11.615 1.00 1.27 ? 77 ARG A HD3  1 
ATOM 1188 H HE   . ARG A 1 77 ? 2.695   3.446   -11.605 1.00 2.04 ? 77 ARG A HE   1 
ATOM 1189 H HH11 . ARG A 1 77 ? 0.532   4.081   -13.536 1.00 2.82 ? 77 ARG A HH11 1 
ATOM 1190 H HH12 . ARG A 1 77 ? 1.211   3.573   -15.046 1.00 3.03 ? 77 ARG A HH12 1 
ATOM 1191 H HH21 . ARG A 1 77 ? 3.682   1.630   -13.582 1.00 2.49 ? 77 ARG A HH21 1 
ATOM 1192 H HH22 . ARG A 1 77 ? 2.996   2.184   -15.072 1.00 2.70 ? 77 ARG A HH22 1 
ATOM 1193 N N    . ALA A 1 78 ? 0.691   4.815   -6.208  1.00 0.31 ? 78 ALA A N    1 
ATOM 1194 C CA   . ALA A 1 78 ? 0.508   6.140   -5.552  1.00 0.36 ? 78 ALA A CA   1 
ATOM 1195 C C    . ALA A 1 78 ? 1.557   7.121   -6.078  1.00 0.43 ? 78 ALA A C    1 
ATOM 1196 O O    . ALA A 1 78 ? 2.526   7.427   -5.410  1.00 0.58 ? 78 ALA A O    1 
ATOM 1197 C CB   . ALA A 1 78 ? 0.671   5.985   -4.039  1.00 0.45 ? 78 ALA A CB   1 
ATOM 1198 H H    . ALA A 1 78 ? 1.282   4.145   -5.805  1.00 0.34 ? 78 ALA A H    1 
ATOM 1199 H HA   . ALA A 1 78 ? -0.479  6.517   -5.771  1.00 0.35 ? 78 ALA A HA   1 
ATOM 1200 H HB1  . ALA A 1 78 ? 0.548   4.947   -3.768  1.00 1.16 ? 78 ALA A HB1  1 
ATOM 1201 H HB2  . ALA A 1 78 ? 1.657   6.319   -3.748  1.00 1.09 ? 78 ALA A HB2  1 
ATOM 1202 H HB3  . ALA A 1 78 ? -0.074  6.580   -3.534  1.00 1.09 ? 78 ALA A HB3  1 
ATOM 1203 N N    . SER A 1 79 ? 1.374   7.620   -7.269  1.00 0.57 ? 79 SER A N    1 
ATOM 1204 C CA   . SER A 1 79 ? 2.360   8.584   -7.831  1.00 0.68 ? 79 SER A CA   1 
ATOM 1205 C C    . SER A 1 79 ? 1.708   9.380   -8.961  1.00 1.20 ? 79 SER A C    1 
ATOM 1206 O O    . SER A 1 79 ? 2.053   9.231   -10.117 1.00 1.55 ? 79 SER A O    1 
ATOM 1207 C CB   . SER A 1 79 ? 3.569   7.824   -8.378  1.00 0.72 ? 79 SER A CB   1 
ATOM 1208 O OG   . SER A 1 79 ? 4.219   8.620   -9.360  1.00 1.69 ? 79 SER A OG   1 
ATOM 1209 H H    . SER A 1 79 ? 0.586   7.363   -7.792  1.00 0.72 ? 79 SER A H    1 
ATOM 1210 H HA   . SER A 1 79 ? 2.683   9.262   -7.055  1.00 0.89 ? 79 SER A HA   1 
ATOM 1211 H HB2  . SER A 1 79 ? 4.258   7.618   -7.576  1.00 1.15 ? 79 SER A HB2  1 
ATOM 1212 H HB3  . SER A 1 79 ? 3.239   6.889   -8.816  1.00 1.05 ? 79 SER A HB3  1 
ATOM 1213 H HG   . SER A 1 79 ? 3.981   8.278   -10.225 1.00 2.14 ? 79 SER A HG   1 
ATOM 1214 N N    . VAL A 1 80 ? 0.770   10.228  -8.640  1.00 1.80 ? 80 VAL A N    1 
ATOM 1215 C CA   . VAL A 1 80 ? 0.104   11.033  -9.700  1.00 2.42 ? 80 VAL A CA   1 
ATOM 1216 C C    . VAL A 1 80 ? 0.559   12.495  -9.587  1.00 2.90 ? 80 VAL A C    1 
ATOM 1217 O O    . VAL A 1 80 ? 1.576   12.866  -10.138 1.00 3.44 ? 80 VAL A O    1 
ATOM 1218 C CB   . VAL A 1 80 ? -1.419  10.916  -9.552  1.00 3.35 ? 80 VAL A CB   1 
ATOM 1219 C CG1  . VAL A 1 80 ? -1.799  10.894  -8.069  1.00 3.87 ? 80 VAL A CG1  1 
ATOM 1220 C CG2  . VAL A 1 80 ? -2.101  12.100  -10.246 1.00 4.12 ? 80 VAL A CG2  1 
ATOM 1221 H H    . VAL A 1 80 ? 0.509   10.335  -7.702  1.00 2.08 ? 80 VAL A H    1 
ATOM 1222 H HA   . VAL A 1 80 ? 0.395   10.650  -10.667 1.00 2.43 ? 80 VAL A HA   1 
ATOM 1223 H HB   . VAL A 1 80 ? -1.748  9.995   -10.014 1.00 3.59 ? 80 VAL A HB   1 
ATOM 1224 H HG11 . VAL A 1 80 ? -1.023  11.374  -7.491  1.00 4.35 ? 80 VAL A HG11 1 
ATOM 1225 H HG12 . VAL A 1 80 ? -2.731  11.420  -7.927  1.00 3.95 ? 80 VAL A HG12 1 
ATOM 1226 H HG13 . VAL A 1 80 ? -1.910  9.871   -7.741  1.00 4.14 ? 80 VAL A HG13 1 
ATOM 1227 H HG21 . VAL A 1 80 ? -1.388  12.606  -10.879 1.00 4.53 ? 80 VAL A HG21 1 
ATOM 1228 H HG22 . VAL A 1 80 ? -2.922  11.738  -10.848 1.00 4.43 ? 80 VAL A HG22 1 
ATOM 1229 H HG23 . VAL A 1 80 ? -2.477  12.787  -9.504  1.00 4.41 ? 80 VAL A HG23 1 
ATOM 1230 N N    . GLY A 1 81 ? -0.171  13.320  -8.874  1.00 3.34 ? 81 GLY A N    1 
ATOM 1231 C CA   . GLY A 1 81 ? 0.225   14.754  -8.720  1.00 4.24 ? 81 GLY A CA   1 
ATOM 1232 C C    . GLY A 1 81 ? 0.884   15.262  -10.003 1.00 4.60 ? 81 GLY A C    1 
ATOM 1233 O O    . GLY A 1 81 ? 1.787   16.075  -9.969  1.00 5.14 ? 81 GLY A O    1 
ATOM 1234 H H    . GLY A 1 81 ? -0.978  12.996  -8.432  1.00 3.42 ? 81 GLY A H    1 
ATOM 1235 H HA2  . GLY A 1 81 ? -0.653  15.347  -8.510  1.00 4.61 ? 81 GLY A HA2  1 
ATOM 1236 H HA3  . GLY A 1 81 ? 0.924   14.847  -7.903  1.00 4.67 ? 81 GLY A HA3  1 
ATOM 1237 N N    . ALA A 1 82 ? 0.451   14.781  -11.135 1.00 4.76 ? 82 ALA A N    1 
ATOM 1238 C CA   . ALA A 1 82 ? 1.067   15.230  -12.413 1.00 5.50 ? 82 ALA A CA   1 
ATOM 1239 C C    . ALA A 1 82 ? 0.006   15.865  -13.313 1.00 5.25 ? 82 ALA A C    1 
ATOM 1240 O O    . ALA A 1 82 ? -1.135  15.448  -13.339 1.00 5.29 ? 82 ALA A O    1 
ATOM 1241 C CB   . ALA A 1 82 ? 1.682   14.025  -13.125 1.00 6.29 ? 82 ALA A CB   1 
ATOM 1242 H H    . ALA A 1 82 ? -0.272  14.119  -11.144 1.00 4.67 ? 82 ALA A H    1 
ATOM 1243 H HA   . ALA A 1 82 ? 1.839   15.954  -12.203 1.00 6.02 ? 82 ALA A HA   1 
ATOM 1244 H HB1  . ALA A 1 82 ? 2.032   13.314  -12.392 1.00 6.64 ? 82 ALA A HB1  1 
ATOM 1245 H HB2  . ALA A 1 82 ? 0.937   13.558  -13.753 1.00 6.57 ? 82 ALA A HB2  1 
ATOM 1246 H HB3  . ALA A 1 82 ? 2.512   14.353  -13.733 1.00 6.53 ? 82 ALA A HB3  1 
ATOM 1247 N N    . LYS A 1 83 ? 0.383   16.866  -14.059 1.00 5.44 ? 83 LYS A N    1 
ATOM 1248 C CA   . LYS A 1 83 ? -0.590  17.529  -14.970 1.00 5.68 ? 83 LYS A CA   1 
ATOM 1249 C C    . LYS A 1 83 ? -0.274  17.132  -16.414 1.00 5.76 ? 83 LYS A C    1 
ATOM 1250 O O    . LYS A 1 83 ? -0.831  17.665  -17.353 1.00 6.21 ? 83 LYS A O    1 
ATOM 1251 C CB   . LYS A 1 83 ? -0.475  19.049  -14.820 1.00 6.17 ? 83 LYS A CB   1 
ATOM 1252 C CG   . LYS A 1 83 ? -0.426  19.413  -13.336 1.00 6.64 ? 83 LYS A CG   1 
ATOM 1253 C CD   . LYS A 1 83 ? 0.708   20.410  -13.090 1.00 7.05 ? 83 LYS A CD   1 
ATOM 1254 C CE   . LYS A 1 83 ? 2.055   19.706  -13.265 1.00 7.68 ? 83 LYS A CE   1 
ATOM 1255 N NZ   . LYS A 1 83 ? 2.475   19.106  -11.966 1.00 8.12 ? 83 LYS A NZ   1 
ATOM 1256 H H    . LYS A 1 83 ? 1.311   17.178  -14.025 1.00 5.71 ? 83 LYS A H    1 
ATOM 1257 H HA   . LYS A 1 83 ? -1.593  17.215  -14.720 1.00 5.90 ? 83 LYS A HA   1 
ATOM 1258 H HB2  . LYS A 1 83 ? 0.427   19.390  -15.306 1.00 6.27 ? 83 LYS A HB2  1 
ATOM 1259 H HB3  . LYS A 1 83 ? -1.332  19.522  -15.277 1.00 6.46 ? 83 LYS A HB3  1 
ATOM 1260 H HG2  . LYS A 1 83 ? -1.367  19.858  -13.043 1.00 6.81 ? 83 LYS A HG2  1 
ATOM 1261 H HG3  . LYS A 1 83 ? -0.252  18.522  -12.752 1.00 6.89 ? 83 LYS A HG3  1 
ATOM 1262 H HD2  . LYS A 1 83 ? 0.631   21.224  -13.796 1.00 7.01 ? 83 LYS A HD2  1 
ATOM 1263 H HD3  . LYS A 1 83 ? 0.635   20.799  -12.085 1.00 7.27 ? 83 LYS A HD3  1 
ATOM 1264 H HE2  . LYS A 1 83 ? 1.961   18.928  -14.007 1.00 7.87 ? 83 LYS A HE2  1 
ATOM 1265 H HE3  . LYS A 1 83 ? 2.797   20.422  -13.586 1.00 7.93 ? 83 LYS A HE3  1 
ATOM 1266 H HZ1  . LYS A 1 83 ? 1.641   18.974  -11.360 1.00 8.32 ? 83 LYS A HZ1  1 
ATOM 1267 H HZ2  . LYS A 1 83 ? 2.928   18.186  -12.141 1.00 8.37 ? 83 LYS A HZ2  1 
ATOM 1268 H HZ3  . LYS A 1 83 ? 3.149   19.741  -11.492 1.00 8.23 ? 83 LYS A HZ3  1 
ATOM 1269 N N    . ASN A 1 84 ? 0.621   16.198  -16.598 1.00 5.71 ? 84 ASN A N    1 
ATOM 1270 C CA   . ASN A 1 84 ? 0.979   15.763  -17.977 1.00 6.21 ? 84 ASN A CA   1 
ATOM 1271 C C    . ASN A 1 84 ? 0.025   14.655  -18.425 1.00 6.74 ? 84 ASN A C    1 
ATOM 1272 O O    . ASN A 1 84 ? 0.247   13.489  -18.165 1.00 7.25 ? 84 ASN A O    1 
ATOM 1273 C CB   . ASN A 1 84 ? 2.414   15.233  -17.986 1.00 6.57 ? 84 ASN A CB   1 
ATOM 1274 C CG   . ASN A 1 84 ? 3.377   16.367  -18.343 1.00 6.76 ? 84 ASN A CG   1 
ATOM 1275 O OD1  . ASN A 1 84 ? 4.205   16.223  -19.220 1.00 6.98 ? 84 ASN A OD1  1 
ATOM 1276 N ND2  . ASN A 1 84 ? 3.305   17.496  -17.693 1.00 7.05 ? 84 ASN A ND2  1 
ATOM 1277 H H    . ASN A 1 84 ? 1.059   15.781  -15.826 1.00 5.63 ? 84 ASN A H    1 
ATOM 1278 H HA   . ASN A 1 84 ? 0.899   16.602  -18.651 1.00 6.34 ? 84 ASN A HA   1 
ATOM 1279 H HB2  . ASN A 1 84 ? 2.661   14.846  -17.008 1.00 6.73 ? 84 ASN A HB2  1 
ATOM 1280 H HB3  . ASN A 1 84 ? 2.504   14.445  -18.718 1.00 6.93 ? 84 ASN A HB3  1 
ATOM 1281 H HD21 . ASN A 1 84 ? 2.639   17.612  -16.983 1.00 7.12 ? 84 ASN A HD21 1 
ATOM 1282 H HD22 . ASN A 1 84 ? 3.917   18.229  -17.914 1.00 7.41 ? 84 ASN A HD22 1 
ATOM 1283 N N    . ALA A 1 85 ? -1.038  15.007  -19.095 1.00 6.97 ? 85 ALA A N    1 
ATOM 1284 C CA   . ALA A 1 85 ? -2.003  13.971  -19.556 1.00 7.82 ? 85 ALA A CA   1 
ATOM 1285 C C    . ALA A 1 85 ? -2.547  13.206  -18.347 1.00 8.26 ? 85 ALA A C    1 
ATOM 1286 O O    . ALA A 1 85 ? -2.238  12.033  -18.225 1.00 8.52 ? 85 ALA A O    1 
ATOM 1287 C CB   . ALA A 1 85 ? -1.293  12.996  -20.499 1.00 8.21 ? 85 ALA A CB   1 
ATOM 1288 O OXT  . ALA A 1 85 ? -3.265  13.808  -17.565 1.00 8.58 ? 85 ALA A OXT  1 
ATOM 1289 H H    . ALA A 1 85 ? -1.201  15.952  -19.294 1.00 6.78 ? 85 ALA A H    1 
ATOM 1290 H HA   . ALA A 1 85 ? -2.820  14.447  -20.079 1.00 8.16 ? 85 ALA A HA   1 
ATOM 1291 H HB1  . ALA A 1 85 ? -0.683  13.550  -21.197 1.00 8.32 ? 85 ALA A HB1  1 
ATOM 1292 H HB2  . ALA A 1 85 ? -0.666  12.331  -19.923 1.00 8.60 ? 85 ALA A HB2  1 
ATOM 1293 H HB3  . ALA A 1 85 ? -2.028  12.419  -21.041 1.00 8.28 ? 85 ALA A HB3  1 
# 
